data_9IT1
# 
_entry.id   9IT1 
# 
_audit_conform.dict_name       mmcif_pdbx.dic 
_audit_conform.dict_version    5.395 
_audit_conform.dict_location   http://mmcif.pdb.org/dictionaries/ascii/mmcif_pdbx.dic 
# 
loop_
_database_2.database_id 
_database_2.database_code 
_database_2.pdbx_database_accession 
_database_2.pdbx_DOI 
PDB   9IT1         pdb_00009it1 10.2210/pdb9it1/pdb 
WWPDB D_1300049587 ?            ?                   
# 
_pdbx_audit_revision_history.ordinal             1 
_pdbx_audit_revision_history.data_content_type   'Structure model' 
_pdbx_audit_revision_history.major_revision      1 
_pdbx_audit_revision_history.minor_revision      0 
_pdbx_audit_revision_history.revision_date       2024-08-21 
# 
_pdbx_audit_revision_details.ordinal             1 
_pdbx_audit_revision_details.revision_ordinal    1 
_pdbx_audit_revision_details.data_content_type   'Structure model' 
_pdbx_audit_revision_details.provider            repository 
_pdbx_audit_revision_details.type                'Initial release' 
_pdbx_audit_revision_details.description         ? 
_pdbx_audit_revision_details.details             ? 
# 
_pdbx_database_status.status_code                     REL 
_pdbx_database_status.status_code_sf                  REL 
_pdbx_database_status.status_code_mr                  ? 
_pdbx_database_status.entry_id                        9IT1 
_pdbx_database_status.recvd_initial_deposition_date   2024-07-19 
_pdbx_database_status.SG_entry                        N 
_pdbx_database_status.deposit_site                    PDBJ 
_pdbx_database_status.process_site                    PDBC 
_pdbx_database_status.status_code_cs                  ? 
_pdbx_database_status.status_code_nmr_data            ? 
_pdbx_database_status.methods_development_category    ? 
_pdbx_database_status.pdb_format_compatible           Y 
# 
_pdbx_contact_author.id                 2 
_pdbx_contact_author.email              sunb@sari.ac.cn 
_pdbx_contact_author.name_first         Bo 
_pdbx_contact_author.name_last          Sun 
_pdbx_contact_author.name_mi            ? 
_pdbx_contact_author.role               'principal investigator/group leader' 
_pdbx_contact_author.identifier_ORCID   0000-0002-1932-2267 
# 
loop_
_audit_author.name 
_audit_author.pdbx_ordinal 
_audit_author.identifier_ORCID 
'Sun, B.'    1 ? 
'Qi, Q.'     2 ? 
'Xiao, Q.J.' 3 ? 
'Wang, Z.J.' 4 ? 
# 
_citation.abstract                  ? 
_citation.abstract_id_CAS           ? 
_citation.book_id_ISBN              ? 
_citation.book_publisher            ? 
_citation.book_publisher_city       ? 
_citation.book_title                ? 
_citation.coordinate_linkage        ? 
_citation.country                   ? 
_citation.database_id_Medline       ? 
_citation.details                   ? 
_citation.id                        primary 
_citation.journal_abbrev            'To Be Published' 
_citation.journal_id_ASTM           ? 
_citation.journal_id_CSD            0353 
_citation.journal_id_ISSN           ? 
_citation.journal_full              ? 
_citation.journal_issue             ? 
_citation.journal_volume            ? 
_citation.language                  ? 
_citation.page_first                ? 
_citation.page_last                 ? 
_citation.title                     'Crystal structure of Prolyl Isomerase NIMA-interacting 1 (Pin1) using laue diffraction' 
_citation.year                      ? 
_citation.database_id_CSD           ? 
_citation.pdbx_database_id_DOI      ? 
_citation.pdbx_database_id_PubMed   ? 
_citation.pdbx_database_id_patent   ? 
_citation.unpublished_flag          ? 
# 
loop_
_citation_author.citation_id 
_citation_author.name 
_citation_author.ordinal 
_citation_author.identifier_ORCID 
primary 'Sun, B.'    1 ? 
primary 'Qi, Q.'     2 ? 
primary 'Xiao, Q.J.' 3 ? 
primary 'Wang, Z.J.' 4 ? 
# 
loop_
_entity.id 
_entity.type 
_entity.src_method 
_entity.pdbx_description 
_entity.formula_weight 
_entity.pdbx_number_of_molecules 
_entity.pdbx_ec 
_entity.pdbx_mutation 
_entity.pdbx_fragment 
_entity.details 
1 polymer     man 'Peptidyl-prolyl cis-trans isomerase NIMA-interacting 1' 18242.244 1  5.2.1.8 ? ? ? 
2 non-polymer syn 3,6,9,12,15-PENTAOXAHEPTADECANE                          250.332   1  ?       ? ? ? 
3 water       nat water                                                    18.015    24 ?       ? ? ? 
# 
_entity_name_com.entity_id   1 
_entity_name_com.name        'Peptidyl-prolyl cis-trans isomerase Pin1,PPIase Pin1,Rotamase Pin1' 
# 
_entity_poly.entity_id                      1 
_entity_poly.type                           'polypeptide(L)' 
_entity_poly.nstd_linkage                   no 
_entity_poly.nstd_monomer                   no 
_entity_poly.pdbx_seq_one_letter_code       
;GMADEEKLPPGWEKAMSRSSGRVYYFNHITNASQWERPSGNSSSGGKNGQGEPARVRCSHLLVKHSQSRRPSSWRQEKIT
RTKEEALELINGYIQKIKSGEEDFESLASQFSDCSSAKARGDLGAFSRGQMQKPFEDASFALRTGEMSGPVFTDSGIHII
LRTE
;
_entity_poly.pdbx_seq_one_letter_code_can   
;GMADEEKLPPGWEKAMSRSSGRVYYFNHITNASQWERPSGNSSSGGKNGQGEPARVRCSHLLVKHSQSRRPSSWRQEKIT
RTKEEALELINGYIQKIKSGEEDFESLASQFSDCSSAKARGDLGAFSRGQMQKPFEDASFALRTGEMSGPVFTDSGIHII
LRTE
;
_entity_poly.pdbx_strand_id                 A 
_entity_poly.pdbx_target_identifier         ? 
# 
loop_
_pdbx_entity_nonpoly.entity_id 
_pdbx_entity_nonpoly.name 
_pdbx_entity_nonpoly.comp_id 
2 3,6,9,12,15-PENTAOXAHEPTADECANE P3G 
3 water                           HOH 
# 
loop_
_entity_poly_seq.entity_id 
_entity_poly_seq.num 
_entity_poly_seq.mon_id 
_entity_poly_seq.hetero 
1 1   GLY n 
1 2   MET n 
1 3   ALA n 
1 4   ASP n 
1 5   GLU n 
1 6   GLU n 
1 7   LYS n 
1 8   LEU n 
1 9   PRO n 
1 10  PRO n 
1 11  GLY n 
1 12  TRP n 
1 13  GLU n 
1 14  LYS n 
1 15  ALA n 
1 16  MET n 
1 17  SER n 
1 18  ARG n 
1 19  SER n 
1 20  SER n 
1 21  GLY n 
1 22  ARG n 
1 23  VAL n 
1 24  TYR n 
1 25  TYR n 
1 26  PHE n 
1 27  ASN n 
1 28  HIS n 
1 29  ILE n 
1 30  THR n 
1 31  ASN n 
1 32  ALA n 
1 33  SER n 
1 34  GLN n 
1 35  TRP n 
1 36  GLU n 
1 37  ARG n 
1 38  PRO n 
1 39  SER n 
1 40  GLY n 
1 41  ASN n 
1 42  SER n 
1 43  SER n 
1 44  SER n 
1 45  GLY n 
1 46  GLY n 
1 47  LYS n 
1 48  ASN n 
1 49  GLY n 
1 50  GLN n 
1 51  GLY n 
1 52  GLU n 
1 53  PRO n 
1 54  ALA n 
1 55  ARG n 
1 56  VAL n 
1 57  ARG n 
1 58  CYS n 
1 59  SER n 
1 60  HIS n 
1 61  LEU n 
1 62  LEU n 
1 63  VAL n 
1 64  LYS n 
1 65  HIS n 
1 66  SER n 
1 67  GLN n 
1 68  SER n 
1 69  ARG n 
1 70  ARG n 
1 71  PRO n 
1 72  SER n 
1 73  SER n 
1 74  TRP n 
1 75  ARG n 
1 76  GLN n 
1 77  GLU n 
1 78  LYS n 
1 79  ILE n 
1 80  THR n 
1 81  ARG n 
1 82  THR n 
1 83  LYS n 
1 84  GLU n 
1 85  GLU n 
1 86  ALA n 
1 87  LEU n 
1 88  GLU n 
1 89  LEU n 
1 90  ILE n 
1 91  ASN n 
1 92  GLY n 
1 93  TYR n 
1 94  ILE n 
1 95  GLN n 
1 96  LYS n 
1 97  ILE n 
1 98  LYS n 
1 99  SER n 
1 100 GLY n 
1 101 GLU n 
1 102 GLU n 
1 103 ASP n 
1 104 PHE n 
1 105 GLU n 
1 106 SER n 
1 107 LEU n 
1 108 ALA n 
1 109 SER n 
1 110 GLN n 
1 111 PHE n 
1 112 SER n 
1 113 ASP n 
1 114 CYS n 
1 115 SER n 
1 116 SER n 
1 117 ALA n 
1 118 LYS n 
1 119 ALA n 
1 120 ARG n 
1 121 GLY n 
1 122 ASP n 
1 123 LEU n 
1 124 GLY n 
1 125 ALA n 
1 126 PHE n 
1 127 SER n 
1 128 ARG n 
1 129 GLY n 
1 130 GLN n 
1 131 MET n 
1 132 GLN n 
1 133 LYS n 
1 134 PRO n 
1 135 PHE n 
1 136 GLU n 
1 137 ASP n 
1 138 ALA n 
1 139 SER n 
1 140 PHE n 
1 141 ALA n 
1 142 LEU n 
1 143 ARG n 
1 144 THR n 
1 145 GLY n 
1 146 GLU n 
1 147 MET n 
1 148 SER n 
1 149 GLY n 
1 150 PRO n 
1 151 VAL n 
1 152 PHE n 
1 153 THR n 
1 154 ASP n 
1 155 SER n 
1 156 GLY n 
1 157 ILE n 
1 158 HIS n 
1 159 ILE n 
1 160 ILE n 
1 161 LEU n 
1 162 ARG n 
1 163 THR n 
1 164 GLU n 
# 
_entity_src_gen.entity_id                          1 
_entity_src_gen.pdbx_src_id                        1 
_entity_src_gen.pdbx_alt_source_flag               sample 
_entity_src_gen.pdbx_seq_type                      'Biological sequence' 
_entity_src_gen.pdbx_beg_seq_num                   1 
_entity_src_gen.pdbx_end_seq_num                   164 
_entity_src_gen.gene_src_common_name               human 
_entity_src_gen.gene_src_genus                     ? 
_entity_src_gen.pdbx_gene_src_gene                 PIN1 
_entity_src_gen.gene_src_species                   ? 
_entity_src_gen.gene_src_strain                    ? 
_entity_src_gen.gene_src_tissue                    ? 
_entity_src_gen.gene_src_tissue_fraction           ? 
_entity_src_gen.gene_src_details                   ? 
_entity_src_gen.pdbx_gene_src_fragment             ? 
_entity_src_gen.pdbx_gene_src_scientific_name      'Homo sapiens' 
_entity_src_gen.pdbx_gene_src_ncbi_taxonomy_id     9606 
_entity_src_gen.pdbx_gene_src_variant              ? 
_entity_src_gen.pdbx_gene_src_cell_line            ? 
_entity_src_gen.pdbx_gene_src_atcc                 ? 
_entity_src_gen.pdbx_gene_src_organ                ? 
_entity_src_gen.pdbx_gene_src_organelle            ? 
_entity_src_gen.pdbx_gene_src_cell                 ? 
_entity_src_gen.pdbx_gene_src_cellular_location    ? 
_entity_src_gen.host_org_common_name               ? 
_entity_src_gen.pdbx_host_org_scientific_name      Escherichia 
_entity_src_gen.pdbx_host_org_ncbi_taxonomy_id     561 
_entity_src_gen.host_org_genus                     ? 
_entity_src_gen.pdbx_host_org_gene                 ? 
_entity_src_gen.pdbx_host_org_organ                ? 
_entity_src_gen.host_org_species                   ? 
_entity_src_gen.pdbx_host_org_tissue               ? 
_entity_src_gen.pdbx_host_org_tissue_fraction      ? 
_entity_src_gen.pdbx_host_org_strain               ? 
_entity_src_gen.pdbx_host_org_variant              ? 
_entity_src_gen.pdbx_host_org_cell_line            ? 
_entity_src_gen.pdbx_host_org_atcc                 ? 
_entity_src_gen.pdbx_host_org_culture_collection   ? 
_entity_src_gen.pdbx_host_org_cell                 ? 
_entity_src_gen.pdbx_host_org_organelle            ? 
_entity_src_gen.pdbx_host_org_cellular_location    ? 
_entity_src_gen.pdbx_host_org_vector_type          ? 
_entity_src_gen.pdbx_host_org_vector               ? 
_entity_src_gen.host_org_details                   ? 
_entity_src_gen.expression_system_id               ? 
_entity_src_gen.plasmid_name                       ? 
_entity_src_gen.plasmid_details                    ? 
_entity_src_gen.pdbx_description                   ? 
# 
loop_
_chem_comp.id 
_chem_comp.type 
_chem_comp.mon_nstd_flag 
_chem_comp.name 
_chem_comp.pdbx_synonyms 
_chem_comp.formula 
_chem_comp.formula_weight 
ALA 'L-peptide linking' y ALANINE                         ? 'C3 H7 N O2'     89.093  
ARG 'L-peptide linking' y ARGININE                        ? 'C6 H15 N4 O2 1' 175.209 
ASN 'L-peptide linking' y ASPARAGINE                      ? 'C4 H8 N2 O3'    132.118 
ASP 'L-peptide linking' y 'ASPARTIC ACID'                 ? 'C4 H7 N O4'     133.103 
CYS 'L-peptide linking' y CYSTEINE                        ? 'C3 H7 N O2 S'   121.158 
GLN 'L-peptide linking' y GLUTAMINE                       ? 'C5 H10 N2 O3'   146.144 
GLU 'L-peptide linking' y 'GLUTAMIC ACID'                 ? 'C5 H9 N O4'     147.129 
GLY 'peptide linking'   y GLYCINE                         ? 'C2 H5 N O2'     75.067  
HIS 'L-peptide linking' y HISTIDINE                       ? 'C6 H10 N3 O2 1' 156.162 
HOH non-polymer         . WATER                           ? 'H2 O'           18.015  
ILE 'L-peptide linking' y ISOLEUCINE                      ? 'C6 H13 N O2'    131.173 
LEU 'L-peptide linking' y LEUCINE                         ? 'C6 H13 N O2'    131.173 
LYS 'L-peptide linking' y LYSINE                          ? 'C6 H15 N2 O2 1' 147.195 
MET 'L-peptide linking' y METHIONINE                      ? 'C5 H11 N O2 S'  149.211 
P3G non-polymer         . 3,6,9,12,15-PENTAOXAHEPTADECANE ? 'C12 H26 O5'     250.332 
PHE 'L-peptide linking' y PHENYLALANINE                   ? 'C9 H11 N O2'    165.189 
PRO 'L-peptide linking' y PROLINE                         ? 'C5 H9 N O2'     115.130 
SER 'L-peptide linking' y SERINE                          ? 'C3 H7 N O3'     105.093 
THR 'L-peptide linking' y THREONINE                       ? 'C4 H9 N O3'     119.119 
TRP 'L-peptide linking' y TRYPTOPHAN                      ? 'C11 H12 N2 O2'  204.225 
TYR 'L-peptide linking' y TYROSINE                        ? 'C9 H11 N O3'    181.189 
VAL 'L-peptide linking' y VALINE                          ? 'C5 H11 N O2'    117.146 
# 
loop_
_pdbx_poly_seq_scheme.asym_id 
_pdbx_poly_seq_scheme.entity_id 
_pdbx_poly_seq_scheme.seq_id 
_pdbx_poly_seq_scheme.mon_id 
_pdbx_poly_seq_scheme.ndb_seq_num 
_pdbx_poly_seq_scheme.pdb_seq_num 
_pdbx_poly_seq_scheme.auth_seq_num 
_pdbx_poly_seq_scheme.pdb_mon_id 
_pdbx_poly_seq_scheme.auth_mon_id 
_pdbx_poly_seq_scheme.pdb_strand_id 
_pdbx_poly_seq_scheme.pdb_ins_code 
_pdbx_poly_seq_scheme.hetero 
A 1 1   GLY 1   0   ?   ?   ?   A . n 
A 1 2   MET 2   1   ?   ?   ?   A . n 
A 1 3   ALA 3   2   ?   ?   ?   A . n 
A 1 4   ASP 4   3   ?   ?   ?   A . n 
A 1 5   GLU 5   4   ?   ?   ?   A . n 
A 1 6   GLU 6   5   ?   ?   ?   A . n 
A 1 7   LYS 7   6   ?   ?   ?   A . n 
A 1 8   LEU 8   7   7   LEU LEU A . n 
A 1 9   PRO 9   8   8   PRO PRO A . n 
A 1 10  PRO 10  9   9   PRO PRO A . n 
A 1 11  GLY 11  10  10  GLY GLY A . n 
A 1 12  TRP 12  11  11  TRP TRP A . n 
A 1 13  GLU 13  12  12  GLU GLU A . n 
A 1 14  LYS 14  13  13  LYS LYS A . n 
A 1 15  ALA 15  14  14  ALA ALA A . n 
A 1 16  MET 16  15  15  MET MET A . n 
A 1 17  SER 17  16  16  SER SER A . n 
A 1 18  ARG 18  17  17  ARG ARG A . n 
A 1 19  SER 19  18  18  SER SER A . n 
A 1 20  SER 20  19  19  SER SER A . n 
A 1 21  GLY 21  20  20  GLY GLY A . n 
A 1 22  ARG 22  21  21  ARG ARG A . n 
A 1 23  VAL 23  22  22  VAL VAL A . n 
A 1 24  TYR 24  23  23  TYR TYR A . n 
A 1 25  TYR 25  24  24  TYR TYR A . n 
A 1 26  PHE 26  25  25  PHE PHE A . n 
A 1 27  ASN 27  26  26  ASN ASN A . n 
A 1 28  HIS 28  27  27  HIS HIS A . n 
A 1 29  ILE 29  28  28  ILE ILE A . n 
A 1 30  THR 30  29  29  THR THR A . n 
A 1 31  ASN 31  30  30  ASN ASN A . n 
A 1 32  ALA 32  31  31  ALA ALA A . n 
A 1 33  SER 33  32  32  SER SER A . n 
A 1 34  GLN 34  33  33  GLN GLN A . n 
A 1 35  TRP 35  34  34  TRP TRP A . n 
A 1 36  GLU 36  35  35  GLU GLU A . n 
A 1 37  ARG 37  36  36  ARG ARG A . n 
A 1 38  PRO 38  37  37  PRO PRO A . n 
A 1 39  SER 39  38  38  SER SER A . n 
A 1 40  GLY 40  39  ?   ?   ?   A . n 
A 1 41  ASN 41  40  ?   ?   ?   A . n 
A 1 42  SER 42  41  ?   ?   ?   A . n 
A 1 43  SER 43  42  ?   ?   ?   A . n 
A 1 44  SER 44  43  ?   ?   ?   A . n 
A 1 45  GLY 45  44  ?   ?   ?   A . n 
A 1 46  GLY 46  45  ?   ?   ?   A . n 
A 1 47  LYS 47  46  ?   ?   ?   A . n 
A 1 48  ASN 48  47  ?   ?   ?   A . n 
A 1 49  GLY 49  48  ?   ?   ?   A . n 
A 1 50  GLN 50  49  ?   ?   ?   A . n 
A 1 51  GLY 51  50  ?   ?   ?   A . n 
A 1 52  GLU 52  51  51  GLU GLU A . n 
A 1 53  PRO 53  52  52  PRO PRO A . n 
A 1 54  ALA 54  53  53  ALA ALA A . n 
A 1 55  ARG 55  54  54  ARG ARG A . n 
A 1 56  VAL 56  55  55  VAL VAL A . n 
A 1 57  ARG 57  56  56  ARG ARG A . n 
A 1 58  CYS 58  57  57  CYS CYS A . n 
A 1 59  SER 59  58  58  SER SER A . n 
A 1 60  HIS 60  59  59  HIS HIS A . n 
A 1 61  LEU 61  60  60  LEU LEU A . n 
A 1 62  LEU 62  61  61  LEU LEU A . n 
A 1 63  VAL 63  62  62  VAL VAL A . n 
A 1 64  LYS 64  63  63  LYS LYS A . n 
A 1 65  HIS 65  64  64  HIS HIS A . n 
A 1 66  SER 66  65  65  SER SER A . n 
A 1 67  GLN 67  66  66  GLN GLN A . n 
A 1 68  SER 68  67  67  SER SER A . n 
A 1 69  ARG 69  68  68  ARG ARG A . n 
A 1 70  ARG 70  69  69  ARG ARG A . n 
A 1 71  PRO 71  70  70  PRO PRO A . n 
A 1 72  SER 72  71  71  SER SER A . n 
A 1 73  SER 73  72  72  SER SER A . n 
A 1 74  TRP 74  73  73  TRP TRP A . n 
A 1 75  ARG 75  74  74  ARG ARG A . n 
A 1 76  GLN 76  75  75  GLN GLN A . n 
A 1 77  GLU 77  76  76  GLU GLU A . n 
A 1 78  LYS 78  77  77  LYS LYS A . n 
A 1 79  ILE 79  78  78  ILE ILE A . n 
A 1 80  THR 80  79  79  THR THR A . n 
A 1 81  ARG 81  80  80  ARG ARG A . n 
A 1 82  THR 82  81  81  THR THR A . n 
A 1 83  LYS 83  82  82  LYS LYS A . n 
A 1 84  GLU 84  83  83  GLU GLU A . n 
A 1 85  GLU 85  84  84  GLU GLU A . n 
A 1 86  ALA 86  85  85  ALA ALA A . n 
A 1 87  LEU 87  86  86  LEU LEU A . n 
A 1 88  GLU 88  87  87  GLU GLU A . n 
A 1 89  LEU 89  88  88  LEU LEU A . n 
A 1 90  ILE 90  89  89  ILE ILE A . n 
A 1 91  ASN 91  90  90  ASN ASN A . n 
A 1 92  GLY 92  91  91  GLY GLY A . n 
A 1 93  TYR 93  92  92  TYR TYR A . n 
A 1 94  ILE 94  93  93  ILE ILE A . n 
A 1 95  GLN 95  94  94  GLN GLN A . n 
A 1 96  LYS 96  95  95  LYS LYS A . n 
A 1 97  ILE 97  96  96  ILE ILE A . n 
A 1 98  LYS 98  97  97  LYS LYS A . n 
A 1 99  SER 99  98  98  SER SER A . n 
A 1 100 GLY 100 99  99  GLY GLY A . n 
A 1 101 GLU 101 100 100 GLU GLU A . n 
A 1 102 GLU 102 101 101 GLU GLU A . n 
A 1 103 ASP 103 102 102 ASP ASP A . n 
A 1 104 PHE 104 103 103 PHE PHE A . n 
A 1 105 GLU 105 104 104 GLU GLU A . n 
A 1 106 SER 106 105 105 SER SER A . n 
A 1 107 LEU 107 106 106 LEU LEU A . n 
A 1 108 ALA 108 107 107 ALA ALA A . n 
A 1 109 SER 109 108 108 SER SER A . n 
A 1 110 GLN 110 109 109 GLN GLN A . n 
A 1 111 PHE 111 110 110 PHE PHE A . n 
A 1 112 SER 112 111 111 SER SER A . n 
A 1 113 ASP 113 112 112 ASP ASP A . n 
A 1 114 CYS 114 113 113 CYS CYS A . n 
A 1 115 SER 115 114 114 SER SER A . n 
A 1 116 SER 116 115 115 SER SER A . n 
A 1 117 ALA 117 116 116 ALA ALA A . n 
A 1 118 LYS 118 117 117 LYS LYS A . n 
A 1 119 ALA 119 118 118 ALA ALA A . n 
A 1 120 ARG 120 119 119 ARG ARG A . n 
A 1 121 GLY 121 120 120 GLY GLY A . n 
A 1 122 ASP 122 121 121 ASP ASP A . n 
A 1 123 LEU 123 122 122 LEU LEU A . n 
A 1 124 GLY 124 123 123 GLY GLY A . n 
A 1 125 ALA 125 124 124 ALA ALA A . n 
A 1 126 PHE 126 125 125 PHE PHE A . n 
A 1 127 SER 127 126 126 SER SER A . n 
A 1 128 ARG 128 127 127 ARG ARG A . n 
A 1 129 GLY 129 128 128 GLY GLY A . n 
A 1 130 GLN 130 129 129 GLN GLN A . n 
A 1 131 MET 131 130 130 MET MET A . n 
A 1 132 GLN 132 131 131 GLN GLN A . n 
A 1 133 LYS 133 132 132 LYS LYS A . n 
A 1 134 PRO 134 133 133 PRO PRO A . n 
A 1 135 PHE 135 134 134 PHE PHE A . n 
A 1 136 GLU 136 135 135 GLU GLU A . n 
A 1 137 ASP 137 136 136 ASP ASP A . n 
A 1 138 ALA 138 137 137 ALA ALA A . n 
A 1 139 SER 139 138 138 SER SER A . n 
A 1 140 PHE 140 139 139 PHE PHE A . n 
A 1 141 ALA 141 140 140 ALA ALA A . n 
A 1 142 LEU 142 141 141 LEU LEU A . n 
A 1 143 ARG 143 142 142 ARG ARG A . n 
A 1 144 THR 144 143 143 THR THR A . n 
A 1 145 GLY 145 144 144 GLY GLY A . n 
A 1 146 GLU 146 145 145 GLU GLU A . n 
A 1 147 MET 147 146 146 MET MET A . n 
A 1 148 SER 148 147 147 SER SER A . n 
A 1 149 GLY 149 148 148 GLY GLY A . n 
A 1 150 PRO 150 149 149 PRO PRO A . n 
A 1 151 VAL 151 150 150 VAL VAL A . n 
A 1 152 PHE 152 151 151 PHE PHE A . n 
A 1 153 THR 153 152 152 THR THR A . n 
A 1 154 ASP 154 153 153 ASP ASP A . n 
A 1 155 SER 155 154 154 SER SER A . n 
A 1 156 GLY 156 155 155 GLY GLY A . n 
A 1 157 ILE 157 156 156 ILE ILE A . n 
A 1 158 HIS 158 157 157 HIS HIS A . n 
A 1 159 ILE 159 158 158 ILE ILE A . n 
A 1 160 ILE 160 159 159 ILE ILE A . n 
A 1 161 LEU 161 160 160 LEU LEU A . n 
A 1 162 ARG 162 161 161 ARG ARG A . n 
A 1 163 THR 163 162 162 THR THR A . n 
A 1 164 GLU 164 163 163 GLU GLU A . n 
# 
loop_
_pdbx_nonpoly_scheme.asym_id 
_pdbx_nonpoly_scheme.entity_id 
_pdbx_nonpoly_scheme.mon_id 
_pdbx_nonpoly_scheme.ndb_seq_num 
_pdbx_nonpoly_scheme.pdb_seq_num 
_pdbx_nonpoly_scheme.auth_seq_num 
_pdbx_nonpoly_scheme.pdb_mon_id 
_pdbx_nonpoly_scheme.auth_mon_id 
_pdbx_nonpoly_scheme.pdb_strand_id 
_pdbx_nonpoly_scheme.pdb_ins_code 
B 2 P3G 1  201 1164 P3G 12P A . 
C 3 HOH 1  301 23   HOH HOH A . 
C 3 HOH 2  302 6    HOH HOH A . 
C 3 HOH 3  303 5    HOH HOH A . 
C 3 HOH 4  304 17   HOH HOH A . 
C 3 HOH 5  305 13   HOH HOH A . 
C 3 HOH 6  306 12   HOH HOH A . 
C 3 HOH 7  307 16   HOH HOH A . 
C 3 HOH 8  308 7    HOH HOH A . 
C 3 HOH 9  309 26   HOH HOH A . 
C 3 HOH 10 310 18   HOH HOH A . 
C 3 HOH 11 311 8    HOH HOH A . 
C 3 HOH 12 312 10   HOH HOH A . 
C 3 HOH 13 313 9    HOH HOH A . 
C 3 HOH 14 314 25   HOH HOH A . 
C 3 HOH 15 315 21   HOH HOH A . 
C 3 HOH 16 316 4    HOH HOH A . 
C 3 HOH 17 317 1    HOH HOH A . 
C 3 HOH 18 318 24   HOH HOH A . 
C 3 HOH 19 319 3    HOH HOH A . 
C 3 HOH 20 320 29   HOH HOH A . 
C 3 HOH 21 321 27   HOH HOH A . 
C 3 HOH 22 322 28   HOH HOH A . 
C 3 HOH 23 323 20   HOH HOH A . 
C 3 HOH 24 324 15   HOH HOH A . 
# 
loop_
_software.citation_id 
_software.classification 
_software.compiler_name 
_software.compiler_version 
_software.contact_author 
_software.contact_author_email 
_software.date 
_software.description 
_software.dependencies 
_software.hardware 
_software.language 
_software.location 
_software.mods 
_software.name 
_software.os 
_software.os_version 
_software.type 
_software.version 
_software.pdbx_ordinal 
? refinement       ? ? ? ? ? ? ? ? ? ? ? PHENIX  ? ? ? '(1.19_4092: ???)' 1 
? 'data scaling'   ? ? ? ? ? ? ? ? ? ? ? Aimless ? ? ? .                  2 
? 'data reduction' ? ? ? ? ? ? ? ? ? ? ? XDS     ? ? ? .                  3 
? phasing          ? ? ? ? ? ? ? ? ? ? ? PHASER  ? ? ? .                  4 
# 
_cell.angle_alpha                  90.00 
_cell.angle_alpha_esd              ? 
_cell.angle_beta                   90.00 
_cell.angle_beta_esd               ? 
_cell.angle_gamma                  120.00 
_cell.angle_gamma_esd              ? 
_cell.entry_id                     9IT1 
_cell.details                      ? 
_cell.formula_units_Z              ? 
_cell.length_a                     68.200 
_cell.length_a_esd                 ? 
_cell.length_b                     68.200 
_cell.length_b_esd                 ? 
_cell.length_c                     78.700 
_cell.length_c_esd                 ? 
_cell.volume                       ? 
_cell.volume_esd                   ? 
_cell.Z_PDB                        6 
_cell.reciprocal_angle_alpha       ? 
_cell.reciprocal_angle_beta        ? 
_cell.reciprocal_angle_gamma       ? 
_cell.reciprocal_angle_alpha_esd   ? 
_cell.reciprocal_angle_beta_esd    ? 
_cell.reciprocal_angle_gamma_esd   ? 
_cell.reciprocal_length_a          ? 
_cell.reciprocal_length_b          ? 
_cell.reciprocal_length_c          ? 
_cell.reciprocal_length_a_esd      ? 
_cell.reciprocal_length_b_esd      ? 
_cell.reciprocal_length_c_esd      ? 
_cell.pdbx_unique_axis             ? 
_cell.pdbx_esd_method              ? 
# 
_symmetry.entry_id                         9IT1 
_symmetry.cell_setting                     ? 
_symmetry.Int_Tables_number                152 
_symmetry.space_group_name_Hall            ? 
_symmetry.space_group_name_H-M             'P 31 2 1' 
_symmetry.pdbx_full_space_group_name_H-M   ? 
# 
_exptl.absorpt_coefficient_mu     ? 
_exptl.absorpt_correction_T_max   ? 
_exptl.absorpt_correction_T_min   ? 
_exptl.absorpt_correction_type    ? 
_exptl.absorpt_process_details    ? 
_exptl.entry_id                   9IT1 
_exptl.crystals_number            1 
_exptl.details                    ? 
_exptl.method                     'X-RAY DIFFRACTION' 
_exptl.method_details             ? 
# 
_exptl_crystal.colour                       ? 
_exptl_crystal.density_diffrn               ? 
_exptl_crystal.density_Matthews             2.90 
_exptl_crystal.density_method               ? 
_exptl_crystal.density_percent_sol          57.57 
_exptl_crystal.description                  ? 
_exptl_crystal.F_000                        ? 
_exptl_crystal.id                           1 
_exptl_crystal.preparation                  ? 
_exptl_crystal.size_max                     ? 
_exptl_crystal.size_mid                     ? 
_exptl_crystal.size_min                     ? 
_exptl_crystal.size_rad                     ? 
_exptl_crystal.colour_lustre                ? 
_exptl_crystal.colour_modifier              ? 
_exptl_crystal.colour_primary               ? 
_exptl_crystal.density_meas                 ? 
_exptl_crystal.density_meas_esd             ? 
_exptl_crystal.density_meas_gt              ? 
_exptl_crystal.density_meas_lt              ? 
_exptl_crystal.density_meas_temp            ? 
_exptl_crystal.density_meas_temp_esd        ? 
_exptl_crystal.density_meas_temp_gt         ? 
_exptl_crystal.density_meas_temp_lt         ? 
_exptl_crystal.pdbx_crystal_image_url       ? 
_exptl_crystal.pdbx_crystal_image_format    ? 
_exptl_crystal.pdbx_mosaicity               ? 
_exptl_crystal.pdbx_mosaicity_esd           ? 
_exptl_crystal.pdbx_mosaic_method           ? 
_exptl_crystal.pdbx_mosaic_block_size       ? 
_exptl_crystal.pdbx_mosaic_block_size_esd   ? 
# 
_exptl_crystal_grow.apparatus       ? 
_exptl_crystal_grow.atmosphere      ? 
_exptl_crystal_grow.crystal_id      1 
_exptl_crystal_grow.details         ? 
_exptl_crystal_grow.method          'VAPOR DIFFUSION' 
_exptl_crystal_grow.method_ref      ? 
_exptl_crystal_grow.pH              7.5 
_exptl_crystal_grow.pressure        ? 
_exptl_crystal_grow.pressure_esd    ? 
_exptl_crystal_grow.seeding         ? 
_exptl_crystal_grow.seeding_ref     ? 
_exptl_crystal_grow.temp_details    ? 
_exptl_crystal_grow.temp_esd        ? 
_exptl_crystal_grow.time            ? 
_exptl_crystal_grow.pdbx_details    '0.1M HEPES PH(7.5), 1% PEG400,2.2M (NH4)2SO4' 
_exptl_crystal_grow.pdbx_pH_range   7.0-8.0 
_exptl_crystal_grow.temp            277 
# 
_diffrn.ambient_environment              ? 
_diffrn.ambient_temp                     100 
_diffrn.ambient_temp_details             ? 
_diffrn.ambient_temp_esd                 ? 
_diffrn.crystal_id                       1 
_diffrn.crystal_support                  ? 
_diffrn.crystal_treatment                ? 
_diffrn.details                          ? 
_diffrn.id                               1 
_diffrn.ambient_pressure                 ? 
_diffrn.ambient_pressure_esd             ? 
_diffrn.ambient_pressure_gt              ? 
_diffrn.ambient_pressure_lt              ? 
_diffrn.ambient_temp_gt                  ? 
_diffrn.ambient_temp_lt                  ? 
_diffrn.pdbx_serial_crystal_experiment   N 
# 
_diffrn_detector.details                      ? 
_diffrn_detector.detector                     PIXEL 
_diffrn_detector.diffrn_id                    1 
_diffrn_detector.type                         'DECTRIS PILATUS 2M' 
_diffrn_detector.area_resol_mean              ? 
_diffrn_detector.dtime                        ? 
_diffrn_detector.pdbx_frames_total            ? 
_diffrn_detector.pdbx_collection_time_total   ? 
_diffrn_detector.pdbx_collection_date         2024-06-01 
_diffrn_detector.pdbx_frequency               ? 
_diffrn_detector.id                           ? 
_diffrn_detector.number_of_axes               ? 
# 
_diffrn_radiation.collimation                      ? 
_diffrn_radiation.diffrn_id                        1 
_diffrn_radiation.filter_edge                      ? 
_diffrn_radiation.inhomogeneity                    ? 
_diffrn_radiation.monochromator                    ? 
_diffrn_radiation.polarisn_norm                    ? 
_diffrn_radiation.polarisn_ratio                   ? 
_diffrn_radiation.probe                            ? 
_diffrn_radiation.type                             ? 
_diffrn_radiation.xray_symbol                      ? 
_diffrn_radiation.wavelength_id                    1 
_diffrn_radiation.pdbx_monochromatic_or_laue_m_l   L 
_diffrn_radiation.pdbx_wavelength_list             ? 
_diffrn_radiation.pdbx_wavelength                  ? 
_diffrn_radiation.pdbx_diffrn_protocol             LAUE 
_diffrn_radiation.pdbx_analyzer                    ? 
_diffrn_radiation.pdbx_scattering_type             x-ray 
# 
loop_
_diffrn_radiation_wavelength.id 
_diffrn_radiation_wavelength.wavelength 
_diffrn_radiation_wavelength.wt 
1 0.6 1.0 
2 1.7 1.0 
# 
_diffrn_source.current                     ? 
_diffrn_source.details                     ? 
_diffrn_source.diffrn_id                   1 
_diffrn_source.power                       ? 
_diffrn_source.size                        ? 
_diffrn_source.source                      SYNCHROTRON 
_diffrn_source.target                      ? 
_diffrn_source.type                        'SSRF BEAMLINE BL03HB' 
_diffrn_source.voltage                     ? 
_diffrn_source.take-off_angle              ? 
_diffrn_source.pdbx_wavelength_list        0.6-1.7 
_diffrn_source.pdbx_wavelength             ? 
_diffrn_source.pdbx_synchrotron_beamline   BL03HB 
_diffrn_source.pdbx_synchrotron_site       SSRF 
# 
_reflns.B_iso_Wilson_estimate                          ? 
_reflns.entry_id                                       9IT1 
_reflns.data_reduction_details                         ? 
_reflns.data_reduction_method                          ? 
_reflns.d_resolution_high                              2.00 
_reflns.d_resolution_low                               22.32 
_reflns.details                                        ? 
_reflns.limit_h_max                                    ? 
_reflns.limit_h_min                                    ? 
_reflns.limit_k_max                                    ? 
_reflns.limit_k_min                                    ? 
_reflns.limit_l_max                                    ? 
_reflns.limit_l_min                                    ? 
_reflns.number_all                                     ? 
_reflns.number_obs                                     11359 
_reflns.observed_criterion                             ? 
_reflns.observed_criterion_F_max                       ? 
_reflns.observed_criterion_F_min                       ? 
_reflns.observed_criterion_I_max                       ? 
_reflns.observed_criterion_I_min                       ? 
_reflns.observed_criterion_sigma_F                     ? 
_reflns.observed_criterion_sigma_I                     ? 
_reflns.percent_possible_obs                           78.8 
_reflns.R_free_details                                 ? 
_reflns.Rmerge_F_all                                   ? 
_reflns.Rmerge_F_obs                                   ? 
_reflns.Friedel_coverage                               ? 
_reflns.number_gt                                      ? 
_reflns.threshold_expression                           ? 
_reflns.pdbx_redundancy                                2.7 
_reflns.pdbx_netI_over_av_sigmaI                       ? 
_reflns.pdbx_netI_over_sigmaI                          3.4 
_reflns.pdbx_res_netI_over_av_sigmaI_2                 ? 
_reflns.pdbx_res_netI_over_sigmaI_2                    ? 
_reflns.pdbx_chi_squared                               0.65 
_reflns.pdbx_scaling_rejects                           ? 
_reflns.pdbx_d_res_high_opt                            ? 
_reflns.pdbx_d_res_low_opt                             ? 
_reflns.pdbx_d_res_opt_method                          ? 
_reflns.phase_calculation_details                      ? 
_reflns.pdbx_Rrim_I_all                                0.295 
_reflns.pdbx_Rpim_I_all                                0.147 
_reflns.pdbx_d_opt                                     ? 
_reflns.pdbx_number_measured_all                       30153 
_reflns.pdbx_diffrn_id                                 1 
_reflns.pdbx_ordinal                                   1 
_reflns.pdbx_CC_half                                   0.839 
_reflns.pdbx_CC_star                                   ? 
_reflns.pdbx_R_split                                   ? 
_reflns.pdbx_Rmerge_I_obs                              0.251 
_reflns.pdbx_Rmerge_I_all                              ? 
_reflns.pdbx_Rsym_value                                ? 
_reflns.pdbx_CC_split_method                           ? 
_reflns.pdbx_aniso_diffraction_limit_axis_1_ortho[1]   ? 
_reflns.pdbx_aniso_diffraction_limit_axis_1_ortho[2]   ? 
_reflns.pdbx_aniso_diffraction_limit_axis_1_ortho[3]   ? 
_reflns.pdbx_aniso_diffraction_limit_axis_2_ortho[1]   ? 
_reflns.pdbx_aniso_diffraction_limit_axis_2_ortho[2]   ? 
_reflns.pdbx_aniso_diffraction_limit_axis_2_ortho[3]   ? 
_reflns.pdbx_aniso_diffraction_limit_axis_3_ortho[1]   ? 
_reflns.pdbx_aniso_diffraction_limit_axis_3_ortho[2]   ? 
_reflns.pdbx_aniso_diffraction_limit_axis_3_ortho[3]   ? 
_reflns.pdbx_aniso_diffraction_limit_1                 ? 
_reflns.pdbx_aniso_diffraction_limit_2                 ? 
_reflns.pdbx_aniso_diffraction_limit_3                 ? 
_reflns.pdbx_aniso_B_tensor_eigenvector_1_ortho[1]     ? 
_reflns.pdbx_aniso_B_tensor_eigenvector_1_ortho[2]     ? 
_reflns.pdbx_aniso_B_tensor_eigenvector_1_ortho[3]     ? 
_reflns.pdbx_aniso_B_tensor_eigenvector_2_ortho[1]     ? 
_reflns.pdbx_aniso_B_tensor_eigenvector_2_ortho[2]     ? 
_reflns.pdbx_aniso_B_tensor_eigenvector_2_ortho[3]     ? 
_reflns.pdbx_aniso_B_tensor_eigenvector_3_ortho[1]     ? 
_reflns.pdbx_aniso_B_tensor_eigenvector_3_ortho[2]     ? 
_reflns.pdbx_aniso_B_tensor_eigenvector_3_ortho[3]     ? 
_reflns.pdbx_aniso_B_tensor_eigenvalue_1               ? 
_reflns.pdbx_aniso_B_tensor_eigenvalue_2               ? 
_reflns.pdbx_aniso_B_tensor_eigenvalue_3               ? 
_reflns.pdbx_orthogonalization_convention              ? 
_reflns.pdbx_percent_possible_ellipsoidal              ? 
_reflns.pdbx_percent_possible_spherical                ? 
_reflns.pdbx_percent_possible_ellipsoidal_anomalous    ? 
_reflns.pdbx_percent_possible_spherical_anomalous      ? 
_reflns.pdbx_redundancy_anomalous                      ? 
_reflns.pdbx_CC_half_anomalous                         ? 
_reflns.pdbx_absDiff_over_sigma_anomalous              ? 
_reflns.pdbx_percent_possible_anomalous                ? 
_reflns.pdbx_observed_signal_threshold                 ? 
_reflns.pdbx_signal_type                               ? 
_reflns.pdbx_signal_details                            ? 
_reflns.pdbx_signal_software_id                        ? 
# 
_reflns_shell.d_res_high                                    2.00 
_reflns_shell.d_res_low                                     2.05 
_reflns_shell.meanI_over_sigI_all                           ? 
_reflns_shell.meanI_over_sigI_obs                           ? 
_reflns_shell.number_measured_all                           1012 
_reflns_shell.number_measured_obs                           ? 
_reflns_shell.number_possible                               ? 
_reflns_shell.number_unique_all                             ? 
_reflns_shell.number_unique_obs                             688 
_reflns_shell.percent_possible_obs                          66.5 
_reflns_shell.Rmerge_F_all                                  ? 
_reflns_shell.Rmerge_F_obs                                  ? 
_reflns_shell.meanI_over_sigI_gt                            ? 
_reflns_shell.meanI_over_uI_all                             ? 
_reflns_shell.meanI_over_uI_gt                              ? 
_reflns_shell.number_measured_gt                            ? 
_reflns_shell.number_unique_gt                              ? 
_reflns_shell.percent_possible_gt                           ? 
_reflns_shell.Rmerge_F_gt                                   ? 
_reflns_shell.Rmerge_I_gt                                   ? 
_reflns_shell.pdbx_redundancy                               1.5 
_reflns_shell.pdbx_chi_squared                              0.31 
_reflns_shell.pdbx_netI_over_sigmaI_all                     ? 
_reflns_shell.pdbx_netI_over_sigmaI_obs                     0.7 
_reflns_shell.pdbx_Rrim_I_all                               0.782 
_reflns_shell.pdbx_Rpim_I_all                               0.512 
_reflns_shell.pdbx_rejects                                  ? 
_reflns_shell.pdbx_ordinal                                  1 
_reflns_shell.pdbx_diffrn_id                                1 
_reflns_shell.pdbx_CC_half                                  0.666 
_reflns_shell.pdbx_CC_star                                  ? 
_reflns_shell.pdbx_R_split                                  ? 
_reflns_shell.percent_possible_all                          ? 
_reflns_shell.Rmerge_I_all                                  ? 
_reflns_shell.Rmerge_I_obs                                  0.586 
_reflns_shell.pdbx_Rsym_value                               ? 
_reflns_shell.pdbx_percent_possible_ellipsoidal             ? 
_reflns_shell.pdbx_percent_possible_spherical               ? 
_reflns_shell.pdbx_percent_possible_ellipsoidal_anomalous   ? 
_reflns_shell.pdbx_percent_possible_spherical_anomalous     ? 
_reflns_shell.pdbx_redundancy_anomalous                     ? 
_reflns_shell.pdbx_CC_half_anomalous                        ? 
_reflns_shell.pdbx_absDiff_over_sigma_anomalous             ? 
_reflns_shell.pdbx_percent_possible_anomalous               ? 
# 
_refine.aniso_B[1][1]                            ? 
_refine.aniso_B[1][2]                            ? 
_refine.aniso_B[1][3]                            ? 
_refine.aniso_B[2][2]                            ? 
_refine.aniso_B[2][3]                            ? 
_refine.aniso_B[3][3]                            ? 
_refine.B_iso_max                                ? 
_refine.B_iso_mean                               ? 
_refine.B_iso_min                                ? 
_refine.correlation_coeff_Fo_to_Fc               ? 
_refine.correlation_coeff_Fo_to_Fc_free          ? 
_refine.details                                  ? 
_refine.diff_density_max                         ? 
_refine.diff_density_max_esd                     ? 
_refine.diff_density_min                         ? 
_refine.diff_density_min_esd                     ? 
_refine.diff_density_rms                         ? 
_refine.diff_density_rms_esd                     ? 
_refine.entry_id                                 9IT1 
_refine.pdbx_refine_id                           'X-RAY DIFFRACTION' 
_refine.ls_abs_structure_details                 ? 
_refine.ls_abs_structure_Flack                   ? 
_refine.ls_abs_structure_Flack_esd               ? 
_refine.ls_abs_structure_Rogers                  ? 
_refine.ls_abs_structure_Rogers_esd              ? 
_refine.ls_d_res_high                            2.00 
_refine.ls_d_res_low                             22.32 
_refine.ls_extinction_coef                       ? 
_refine.ls_extinction_coef_esd                   ? 
_refine.ls_extinction_expression                 ? 
_refine.ls_extinction_method                     ? 
_refine.ls_goodness_of_fit_all                   ? 
_refine.ls_goodness_of_fit_all_esd               ? 
_refine.ls_goodness_of_fit_obs                   ? 
_refine.ls_goodness_of_fit_obs_esd               ? 
_refine.ls_hydrogen_treatment                    ? 
_refine.ls_matrix_type                           ? 
_refine.ls_number_constraints                    ? 
_refine.ls_number_parameters                     ? 
_refine.ls_number_reflns_all                     ? 
_refine.ls_number_reflns_obs                     10641 
_refine.ls_number_reflns_R_free                  1048 
_refine.ls_number_reflns_R_work                  ? 
_refine.ls_number_restraints                     ? 
_refine.ls_percent_reflns_obs                    72.39 
_refine.ls_percent_reflns_R_free                 9.85 
_refine.ls_R_factor_all                          ? 
_refine.ls_R_factor_obs                          0.3203 
_refine.ls_R_factor_R_free                       0.3388 
_refine.ls_R_factor_R_free_error                 ? 
_refine.ls_R_factor_R_free_error_details         ? 
_refine.ls_R_factor_R_work                       0.3183 
_refine.ls_R_Fsqd_factor_obs                     ? 
_refine.ls_R_I_factor_obs                        ? 
_refine.ls_redundancy_reflns_all                 ? 
_refine.ls_redundancy_reflns_obs                 ? 
_refine.ls_restrained_S_all                      ? 
_refine.ls_restrained_S_obs                      ? 
_refine.ls_shift_over_esd_max                    ? 
_refine.ls_shift_over_esd_mean                   ? 
_refine.ls_structure_factor_coef                 ? 
_refine.ls_weighting_details                     ? 
_refine.ls_weighting_scheme                      ? 
_refine.ls_wR_factor_all                         ? 
_refine.ls_wR_factor_obs                         ? 
_refine.ls_wR_factor_R_free                      ? 
_refine.ls_wR_factor_R_work                      ? 
_refine.occupancy_max                            ? 
_refine.occupancy_min                            ? 
_refine.solvent_model_details                    'FLAT BULK SOLVENT MODEL' 
_refine.solvent_model_param_bsol                 ? 
_refine.solvent_model_param_ksol                 ? 
_refine.pdbx_R_complete                          ? 
_refine.ls_R_factor_gt                           ? 
_refine.ls_goodness_of_fit_gt                    ? 
_refine.ls_goodness_of_fit_ref                   ? 
_refine.ls_shift_over_su_max                     ? 
_refine.ls_shift_over_su_max_lt                  ? 
_refine.ls_shift_over_su_mean                    ? 
_refine.ls_shift_over_su_mean_lt                 ? 
_refine.pdbx_ls_sigma_I                          ? 
_refine.pdbx_ls_sigma_F                          1.33 
_refine.pdbx_ls_sigma_Fsqd                       ? 
_refine.pdbx_data_cutoff_high_absF               ? 
_refine.pdbx_data_cutoff_high_rms_absF           ? 
_refine.pdbx_data_cutoff_low_absF                ? 
_refine.pdbx_isotropic_thermal_model             ? 
_refine.pdbx_ls_cross_valid_method               'FREE R-VALUE' 
_refine.pdbx_method_to_determine_struct          'MOLECULAR REPLACEMENT' 
_refine.pdbx_starting_model                      ? 
_refine.pdbx_stereochemistry_target_values       ML 
_refine.pdbx_R_Free_selection_details            0.05 
_refine.pdbx_stereochem_target_val_spec_case     ? 
_refine.pdbx_overall_ESU_R                       ? 
_refine.pdbx_overall_ESU_R_Free                  ? 
_refine.pdbx_solvent_vdw_probe_radii             1.11 
_refine.pdbx_solvent_ion_probe_radii             ? 
_refine.pdbx_solvent_shrinkage_radii             0.90 
_refine.pdbx_real_space_R                        ? 
_refine.pdbx_density_correlation                 ? 
_refine.pdbx_pd_number_of_powder_patterns        ? 
_refine.pdbx_pd_number_of_points                 ? 
_refine.pdbx_pd_meas_number_of_points            ? 
_refine.pdbx_pd_proc_ls_prof_R_factor            ? 
_refine.pdbx_pd_proc_ls_prof_wR_factor           ? 
_refine.pdbx_pd_Marquardt_correlation_coeff      ? 
_refine.pdbx_pd_Fsqrd_R_factor                   ? 
_refine.pdbx_pd_ls_matrix_band_width             ? 
_refine.pdbx_overall_phase_error                 42.27 
_refine.pdbx_overall_SU_R_free_Cruickshank_DPI   ? 
_refine.pdbx_overall_SU_R_free_Blow_DPI          ? 
_refine.pdbx_overall_SU_R_Blow_DPI               ? 
_refine.pdbx_TLS_residual_ADP_flag               ? 
_refine.pdbx_diffrn_id                           1 
_refine.overall_SU_B                             ? 
_refine.overall_SU_ML                            0.48 
_refine.overall_SU_R_Cruickshank_DPI             ? 
_refine.overall_SU_R_free                        ? 
_refine.overall_FOM_free_R_set                   ? 
_refine.overall_FOM_work_R_set                   ? 
_refine.pdbx_average_fsc_overall                 ? 
_refine.pdbx_average_fsc_work                    ? 
_refine.pdbx_average_fsc_free                    ? 
# 
_refine_hist.pdbx_refine_id                   'X-RAY DIFFRACTION' 
_refine_hist.cycle_id                         LAST 
_refine_hist.details                          ? 
_refine_hist.d_res_high                       2.00 
_refine_hist.d_res_low                        22.32 
_refine_hist.number_atoms_solvent             24 
_refine_hist.number_atoms_total               1197 
_refine_hist.number_reflns_all                ? 
_refine_hist.number_reflns_obs                ? 
_refine_hist.number_reflns_R_free             ? 
_refine_hist.number_reflns_R_work             ? 
_refine_hist.R_factor_all                     ? 
_refine_hist.R_factor_obs                     ? 
_refine_hist.R_factor_R_free                  ? 
_refine_hist.R_factor_R_work                  ? 
_refine_hist.pdbx_number_residues_total       ? 
_refine_hist.pdbx_B_iso_mean_ligand           ? 
_refine_hist.pdbx_B_iso_mean_solvent          ? 
_refine_hist.pdbx_number_atoms_protein        1173 
_refine_hist.pdbx_number_atoms_nucleic_acid   0 
_refine_hist.pdbx_number_atoms_ligand         0 
_refine_hist.pdbx_number_atoms_lipid          ? 
_refine_hist.pdbx_number_atoms_carb           ? 
_refine_hist.pdbx_pseudo_atom_details         ? 
# 
loop_
_refine_ls_restr.pdbx_refine_id 
_refine_ls_restr.criterion 
_refine_ls_restr.dev_ideal 
_refine_ls_restr.dev_ideal_target 
_refine_ls_restr.number 
_refine_ls_restr.rejects 
_refine_ls_restr.type 
_refine_ls_restr.weight 
_refine_ls_restr.pdbx_restraint_function 
'X-RAY DIFFRACTION' ? 0.021 ? 1197 ? f_bond_d           ? ? 
'X-RAY DIFFRACTION' ? 1.536 ? 1601 ? f_angle_d          ? ? 
'X-RAY DIFFRACTION' ? 7.721 ? 169  ? f_dihedral_angle_d ? ? 
'X-RAY DIFFRACTION' ? 0.062 ? 162  ? f_chiral_restr     ? ? 
'X-RAY DIFFRACTION' ? 0.014 ? 209  ? f_plane_restr      ? ? 
# 
loop_
_refine_ls_shell.pdbx_refine_id 
_refine_ls_shell.d_res_high 
_refine_ls_shell.d_res_low 
_refine_ls_shell.number_reflns_all 
_refine_ls_shell.number_reflns_obs 
_refine_ls_shell.number_reflns_R_free 
_refine_ls_shell.number_reflns_R_work 
_refine_ls_shell.percent_reflns_obs 
_refine_ls_shell.percent_reflns_R_free 
_refine_ls_shell.R_factor_all 
_refine_ls_shell.R_factor_obs 
_refine_ls_shell.R_factor_R_free_error 
_refine_ls_shell.R_factor_R_work 
_refine_ls_shell.redundancy_reflns_all 
_refine_ls_shell.redundancy_reflns_obs 
_refine_ls_shell.wR_factor_all 
_refine_ls_shell.wR_factor_obs 
_refine_ls_shell.wR_factor_R_free 
_refine_ls_shell.wR_factor_R_work 
_refine_ls_shell.pdbx_R_complete 
_refine_ls_shell.pdbx_total_number_of_bins_used 
_refine_ls_shell.pdbx_phase_error 
_refine_ls_shell.pdbx_fsc_work 
_refine_ls_shell.pdbx_fsc_free 
_refine_ls_shell.R_factor_R_free 
'X-RAY DIFFRACTION' 2.00 2.11  . . 95  910  50.00 . . . . 0.4167 . . . . . . . . . . . 0.4345 
'X-RAY DIFFRACTION' 2.11 2.24  . . 121 1135 60.00 . . . . 0.3846 . . . . . . . . . . . 0.4155 
'X-RAY DIFFRACTION' 2.24 2.41  . . 127 1254 66.00 . . . . 0.3562 . . . . . . . . . . . 0.4185 
'X-RAY DIFFRACTION' 2.41 2.65  . . 155 1412 76.00 . . . . 0.3301 . . . . . . . . . . . 0.3785 
'X-RAY DIFFRACTION' 2.65 3.03  . . 181 1564 83.00 . . . . 0.3289 . . . . . . . . . . . 0.3428 
'X-RAY DIFFRACTION' 3.04 3.82  . . 189 1668 88.00 . . . . 0.2937 . . . . . . . . . . . 0.3044 
'X-RAY DIFFRACTION' 3.82 22.32 . . 180 1650 83.00 . . . . 0.2810 . . . . . . . . . . . 0.2911 
# 
_struct.entry_id                     9IT1 
_struct.title                        'Crystal structure of Pin1 using laue diffraction' 
_struct.pdbx_model_details           ? 
_struct.pdbx_formula_weight          ? 
_struct.pdbx_formula_weight_method   ? 
_struct.pdbx_model_type_details      ? 
_struct.pdbx_CASP_flag               N 
# 
_struct_keywords.entry_id        9IT1 
_struct_keywords.text            'Isomerase, CELL CYCLE' 
_struct_keywords.pdbx_keywords   'CELL CYCLE' 
# 
loop_
_struct_asym.id 
_struct_asym.pdbx_blank_PDB_chainid_flag 
_struct_asym.pdbx_modified 
_struct_asym.entity_id 
_struct_asym.details 
A N N 1 ? 
B N N 2 ? 
C N N 3 ? 
# 
_struct_ref.id                         1 
_struct_ref.db_name                    UNP 
_struct_ref.db_code                    PIN1_HUMAN 
_struct_ref.pdbx_db_accession          Q13526 
_struct_ref.pdbx_db_isoform            ? 
_struct_ref.entity_id                  1 
_struct_ref.pdbx_seq_one_letter_code   
;MADEEKLPPGWEKRMSRSSGRVYYFNHITNASQWERPSGNSSSGGKNGQGEPARVRCSHLLVKHSQSRRPSSWRQEKITR
TKEEALELINGYIQKIKSGEEDFESLASQFSDCSSAKARGDLGAFSRGQMQKPFEDASFALRTGEMSGPVFTDSGIHIIL
RTE
;
_struct_ref.pdbx_align_begin           1 
# 
_struct_ref_seq.align_id                      1 
_struct_ref_seq.ref_id                        1 
_struct_ref_seq.pdbx_PDB_id_code              9IT1 
_struct_ref_seq.pdbx_strand_id                A 
_struct_ref_seq.seq_align_beg                 2 
_struct_ref_seq.pdbx_seq_align_beg_ins_code   ? 
_struct_ref_seq.seq_align_end                 164 
_struct_ref_seq.pdbx_seq_align_end_ins_code   ? 
_struct_ref_seq.pdbx_db_accession             Q13526 
_struct_ref_seq.db_align_beg                  1 
_struct_ref_seq.pdbx_db_align_beg_ins_code    ? 
_struct_ref_seq.db_align_end                  163 
_struct_ref_seq.pdbx_db_align_end_ins_code    ? 
_struct_ref_seq.pdbx_auth_seq_align_beg       1 
_struct_ref_seq.pdbx_auth_seq_align_end       163 
# 
loop_
_struct_ref_seq_dif.align_id 
_struct_ref_seq_dif.pdbx_pdb_id_code 
_struct_ref_seq_dif.mon_id 
_struct_ref_seq_dif.pdbx_pdb_strand_id 
_struct_ref_seq_dif.seq_num 
_struct_ref_seq_dif.pdbx_pdb_ins_code 
_struct_ref_seq_dif.pdbx_seq_db_name 
_struct_ref_seq_dif.pdbx_seq_db_accession_code 
_struct_ref_seq_dif.db_mon_id 
_struct_ref_seq_dif.pdbx_seq_db_seq_num 
_struct_ref_seq_dif.details 
_struct_ref_seq_dif.pdbx_auth_seq_num 
_struct_ref_seq_dif.pdbx_ordinal 
1 9IT1 GLY A 1  ? UNP Q13526 ?   ?  'expression tag' 0  1 
1 9IT1 ALA A 15 ? UNP Q13526 ARG 14 conflict         14 2 
# 
_pdbx_struct_assembly.id                   1 
_pdbx_struct_assembly.details              author_and_software_defined_assembly 
_pdbx_struct_assembly.method_details       PISA 
_pdbx_struct_assembly.oligomeric_details   monomeric 
_pdbx_struct_assembly.oligomeric_count     1 
# 
loop_
_pdbx_struct_assembly_prop.biol_id 
_pdbx_struct_assembly_prop.type 
_pdbx_struct_assembly_prop.value 
_pdbx_struct_assembly_prop.details 
1 'ABSA (A^2)' 100  ? 
1 MORE         -1   ? 
1 'SSA (A^2)'  8330 ? 
# 
_pdbx_struct_assembly_gen.assembly_id       1 
_pdbx_struct_assembly_gen.oper_expression   1 
_pdbx_struct_assembly_gen.asym_id_list      A,B,C 
# 
_pdbx_struct_assembly_auth_evidence.id                     1 
_pdbx_struct_assembly_auth_evidence.assembly_id            1 
_pdbx_struct_assembly_auth_evidence.experimental_support   'gel filtration' 
_pdbx_struct_assembly_auth_evidence.details                Monomer 
# 
_pdbx_struct_oper_list.id                   1 
_pdbx_struct_oper_list.type                 'identity operation' 
_pdbx_struct_oper_list.name                 1_555 
_pdbx_struct_oper_list.symmetry_operation   x,y,z 
_pdbx_struct_oper_list.matrix[1][1]         1.0000000000 
_pdbx_struct_oper_list.matrix[1][2]         0.0000000000 
_pdbx_struct_oper_list.matrix[1][3]         0.0000000000 
_pdbx_struct_oper_list.vector[1]            0.0000000000 
_pdbx_struct_oper_list.matrix[2][1]         0.0000000000 
_pdbx_struct_oper_list.matrix[2][2]         1.0000000000 
_pdbx_struct_oper_list.matrix[2][3]         0.0000000000 
_pdbx_struct_oper_list.vector[2]            0.0000000000 
_pdbx_struct_oper_list.matrix[3][1]         0.0000000000 
_pdbx_struct_oper_list.matrix[3][2]         0.0000000000 
_pdbx_struct_oper_list.matrix[3][3]         1.0000000000 
_pdbx_struct_oper_list.vector[3]            0.0000000000 
# 
loop_
_struct_conf.conf_type_id 
_struct_conf.id 
_struct_conf.pdbx_PDB_helix_id 
_struct_conf.beg_label_comp_id 
_struct_conf.beg_label_asym_id 
_struct_conf.beg_label_seq_id 
_struct_conf.pdbx_beg_PDB_ins_code 
_struct_conf.end_label_comp_id 
_struct_conf.end_label_asym_id 
_struct_conf.end_label_seq_id 
_struct_conf.pdbx_end_PDB_ins_code 
_struct_conf.beg_auth_comp_id 
_struct_conf.beg_auth_asym_id 
_struct_conf.beg_auth_seq_id 
_struct_conf.end_auth_comp_id 
_struct_conf.end_auth_asym_id 
_struct_conf.end_auth_seq_id 
_struct_conf.pdbx_PDB_helix_class 
_struct_conf.details 
_struct_conf.pdbx_PDB_helix_length 
HELX_P HELX_P1 AA1 THR A 82  ? GLY A 100 ? THR A 81  GLY A 99  1 ? 19 
HELX_P HELX_P2 AA2 ASP A 103 ? SER A 112 ? ASP A 102 SER A 111 1 ? 10 
HELX_P HELX_P3 AA3 CYS A 114 ? ARG A 120 ? CYS A 113 ARG A 119 5 ? 7  
HELX_P HELX_P4 AA4 GLN A 132 ? ALA A 141 ? GLN A 131 ALA A 140 1 ? 10 
# 
_struct_conf_type.id          HELX_P 
_struct_conf_type.criteria    ? 
_struct_conf_type.reference   ? 
# 
loop_
_struct_sheet.id 
_struct_sheet.type 
_struct_sheet.number_strands 
_struct_sheet.details 
AA1 ? 3 ? 
AA2 ? 4 ? 
# 
loop_
_struct_sheet_order.sheet_id 
_struct_sheet_order.range_id_1 
_struct_sheet_order.range_id_2 
_struct_sheet_order.offset 
_struct_sheet_order.sense 
AA1 1 2 ? anti-parallel 
AA1 2 3 ? anti-parallel 
AA2 1 2 ? anti-parallel 
AA2 2 3 ? anti-parallel 
AA2 3 4 ? anti-parallel 
# 
loop_
_struct_sheet_range.sheet_id 
_struct_sheet_range.id 
_struct_sheet_range.beg_label_comp_id 
_struct_sheet_range.beg_label_asym_id 
_struct_sheet_range.beg_label_seq_id 
_struct_sheet_range.pdbx_beg_PDB_ins_code 
_struct_sheet_range.end_label_comp_id 
_struct_sheet_range.end_label_asym_id 
_struct_sheet_range.end_label_seq_id 
_struct_sheet_range.pdbx_end_PDB_ins_code 
_struct_sheet_range.beg_auth_comp_id 
_struct_sheet_range.beg_auth_asym_id 
_struct_sheet_range.beg_auth_seq_id 
_struct_sheet_range.end_auth_comp_id 
_struct_sheet_range.end_auth_asym_id 
_struct_sheet_range.end_auth_seq_id 
AA1 1 TRP A 12  ? MET A 16  ? TRP A 11  MET A 15  
AA1 2 VAL A 23  ? ASN A 27  ? VAL A 22  ASN A 26  
AA1 3 SER A 33  ? GLN A 34  ? SER A 32  GLN A 33  
AA2 1 ASP A 122 ? PHE A 126 ? ASP A 121 PHE A 125 
AA2 2 VAL A 56  ? VAL A 63  ? VAL A 55  VAL A 62  
AA2 3 ILE A 157 ? GLU A 164 ? ILE A 156 GLU A 163 
AA2 4 VAL A 151 ? PHE A 152 ? VAL A 150 PHE A 151 
# 
loop_
_pdbx_struct_sheet_hbond.sheet_id 
_pdbx_struct_sheet_hbond.range_id_1 
_pdbx_struct_sheet_hbond.range_id_2 
_pdbx_struct_sheet_hbond.range_1_label_atom_id 
_pdbx_struct_sheet_hbond.range_1_label_comp_id 
_pdbx_struct_sheet_hbond.range_1_label_asym_id 
_pdbx_struct_sheet_hbond.range_1_label_seq_id 
_pdbx_struct_sheet_hbond.range_1_PDB_ins_code 
_pdbx_struct_sheet_hbond.range_1_auth_atom_id 
_pdbx_struct_sheet_hbond.range_1_auth_comp_id 
_pdbx_struct_sheet_hbond.range_1_auth_asym_id 
_pdbx_struct_sheet_hbond.range_1_auth_seq_id 
_pdbx_struct_sheet_hbond.range_2_label_atom_id 
_pdbx_struct_sheet_hbond.range_2_label_comp_id 
_pdbx_struct_sheet_hbond.range_2_label_asym_id 
_pdbx_struct_sheet_hbond.range_2_label_seq_id 
_pdbx_struct_sheet_hbond.range_2_PDB_ins_code 
_pdbx_struct_sheet_hbond.range_2_auth_atom_id 
_pdbx_struct_sheet_hbond.range_2_auth_comp_id 
_pdbx_struct_sheet_hbond.range_2_auth_asym_id 
_pdbx_struct_sheet_hbond.range_2_auth_seq_id 
AA1 1 2 N ALA A 15  ? N ALA A 14  O TYR A 24  ? O TYR A 23  
AA1 2 3 N TYR A 25  ? N TYR A 24  O GLN A 34  ? O GLN A 33  
AA2 1 2 O PHE A 126 ? O PHE A 125 N VAL A 56  ? N VAL A 55  
AA2 2 3 N SER A 59  ? N SER A 58  O LEU A 161 ? O LEU A 160 
AA2 3 4 O HIS A 158 ? O HIS A 157 N VAL A 151 ? N VAL A 150 
# 
loop_
_pdbx_validate_torsion.id 
_pdbx_validate_torsion.PDB_model_num 
_pdbx_validate_torsion.auth_comp_id 
_pdbx_validate_torsion.auth_asym_id 
_pdbx_validate_torsion.auth_seq_id 
_pdbx_validate_torsion.PDB_ins_code 
_pdbx_validate_torsion.label_alt_id 
_pdbx_validate_torsion.phi 
_pdbx_validate_torsion.psi 
1 1 PRO A 8  ? ? -54.41  170.72 
2 1 PRO A 70 ? ? -79.50  46.13  
3 1 GLN A 75 ? ? -171.45 108.96 
# 
_pdbx_entry_details.entry_id                 9IT1 
_pdbx_entry_details.has_ligand_of_interest   N 
_pdbx_entry_details.compound_details         ? 
_pdbx_entry_details.source_details           ? 
_pdbx_entry_details.nonpolymer_details       ? 
_pdbx_entry_details.sequence_details         ? 
# 
loop_
_pdbx_unobs_or_zero_occ_residues.id 
_pdbx_unobs_or_zero_occ_residues.PDB_model_num 
_pdbx_unobs_or_zero_occ_residues.polymer_flag 
_pdbx_unobs_or_zero_occ_residues.occupancy_flag 
_pdbx_unobs_or_zero_occ_residues.auth_asym_id 
_pdbx_unobs_or_zero_occ_residues.auth_comp_id 
_pdbx_unobs_or_zero_occ_residues.auth_seq_id 
_pdbx_unobs_or_zero_occ_residues.PDB_ins_code 
_pdbx_unobs_or_zero_occ_residues.label_asym_id 
_pdbx_unobs_or_zero_occ_residues.label_comp_id 
_pdbx_unobs_or_zero_occ_residues.label_seq_id 
1  1 Y 1 A GLY 0  ? A GLY 1  
2  1 Y 1 A MET 1  ? A MET 2  
3  1 Y 1 A ALA 2  ? A ALA 3  
4  1 Y 1 A ASP 3  ? A ASP 4  
5  1 Y 1 A GLU 4  ? A GLU 5  
6  1 Y 1 A GLU 5  ? A GLU 6  
7  1 Y 1 A LYS 6  ? A LYS 7  
8  1 Y 1 A GLY 39 ? A GLY 40 
9  1 Y 1 A ASN 40 ? A ASN 41 
10 1 Y 1 A SER 41 ? A SER 42 
11 1 Y 1 A SER 42 ? A SER 43 
12 1 Y 1 A SER 43 ? A SER 44 
13 1 Y 1 A GLY 44 ? A GLY 45 
14 1 Y 1 A GLY 45 ? A GLY 46 
15 1 Y 1 A LYS 46 ? A LYS 47 
16 1 Y 1 A ASN 47 ? A ASN 48 
17 1 Y 1 A GLY 48 ? A GLY 49 
18 1 Y 1 A GLN 49 ? A GLN 50 
19 1 Y 1 A GLY 50 ? A GLY 51 
# 
loop_
_chem_comp_atom.comp_id 
_chem_comp_atom.atom_id 
_chem_comp_atom.type_symbol 
_chem_comp_atom.pdbx_aromatic_flag 
_chem_comp_atom.pdbx_stereo_config 
_chem_comp_atom.pdbx_ordinal 
ALA N    N N N 1   
ALA CA   C N S 2   
ALA C    C N N 3   
ALA O    O N N 4   
ALA CB   C N N 5   
ALA OXT  O N N 6   
ALA H    H N N 7   
ALA H2   H N N 8   
ALA HA   H N N 9   
ALA HB1  H N N 10  
ALA HB2  H N N 11  
ALA HB3  H N N 12  
ALA HXT  H N N 13  
ARG N    N N N 14  
ARG CA   C N S 15  
ARG C    C N N 16  
ARG O    O N N 17  
ARG CB   C N N 18  
ARG CG   C N N 19  
ARG CD   C N N 20  
ARG NE   N N N 21  
ARG CZ   C N N 22  
ARG NH1  N N N 23  
ARG NH2  N N N 24  
ARG OXT  O N N 25  
ARG H    H N N 26  
ARG H2   H N N 27  
ARG HA   H N N 28  
ARG HB2  H N N 29  
ARG HB3  H N N 30  
ARG HG2  H N N 31  
ARG HG3  H N N 32  
ARG HD2  H N N 33  
ARG HD3  H N N 34  
ARG HE   H N N 35  
ARG HH11 H N N 36  
ARG HH12 H N N 37  
ARG HH21 H N N 38  
ARG HH22 H N N 39  
ARG HXT  H N N 40  
ASN N    N N N 41  
ASN CA   C N S 42  
ASN C    C N N 43  
ASN O    O N N 44  
ASN CB   C N N 45  
ASN CG   C N N 46  
ASN OD1  O N N 47  
ASN ND2  N N N 48  
ASN OXT  O N N 49  
ASN H    H N N 50  
ASN H2   H N N 51  
ASN HA   H N N 52  
ASN HB2  H N N 53  
ASN HB3  H N N 54  
ASN HD21 H N N 55  
ASN HD22 H N N 56  
ASN HXT  H N N 57  
ASP N    N N N 58  
ASP CA   C N S 59  
ASP C    C N N 60  
ASP O    O N N 61  
ASP CB   C N N 62  
ASP CG   C N N 63  
ASP OD1  O N N 64  
ASP OD2  O N N 65  
ASP OXT  O N N 66  
ASP H    H N N 67  
ASP H2   H N N 68  
ASP HA   H N N 69  
ASP HB2  H N N 70  
ASP HB3  H N N 71  
ASP HD2  H N N 72  
ASP HXT  H N N 73  
CYS N    N N N 74  
CYS CA   C N R 75  
CYS C    C N N 76  
CYS O    O N N 77  
CYS CB   C N N 78  
CYS SG   S N N 79  
CYS OXT  O N N 80  
CYS H    H N N 81  
CYS H2   H N N 82  
CYS HA   H N N 83  
CYS HB2  H N N 84  
CYS HB3  H N N 85  
CYS HG   H N N 86  
CYS HXT  H N N 87  
GLN N    N N N 88  
GLN CA   C N S 89  
GLN C    C N N 90  
GLN O    O N N 91  
GLN CB   C N N 92  
GLN CG   C N N 93  
GLN CD   C N N 94  
GLN OE1  O N N 95  
GLN NE2  N N N 96  
GLN OXT  O N N 97  
GLN H    H N N 98  
GLN H2   H N N 99  
GLN HA   H N N 100 
GLN HB2  H N N 101 
GLN HB3  H N N 102 
GLN HG2  H N N 103 
GLN HG3  H N N 104 
GLN HE21 H N N 105 
GLN HE22 H N N 106 
GLN HXT  H N N 107 
GLU N    N N N 108 
GLU CA   C N S 109 
GLU C    C N N 110 
GLU O    O N N 111 
GLU CB   C N N 112 
GLU CG   C N N 113 
GLU CD   C N N 114 
GLU OE1  O N N 115 
GLU OE2  O N N 116 
GLU OXT  O N N 117 
GLU H    H N N 118 
GLU H2   H N N 119 
GLU HA   H N N 120 
GLU HB2  H N N 121 
GLU HB3  H N N 122 
GLU HG2  H N N 123 
GLU HG3  H N N 124 
GLU HE2  H N N 125 
GLU HXT  H N N 126 
GLY N    N N N 127 
GLY CA   C N N 128 
GLY C    C N N 129 
GLY O    O N N 130 
GLY OXT  O N N 131 
GLY H    H N N 132 
GLY H2   H N N 133 
GLY HA2  H N N 134 
GLY HA3  H N N 135 
GLY HXT  H N N 136 
HIS N    N N N 137 
HIS CA   C N S 138 
HIS C    C N N 139 
HIS O    O N N 140 
HIS CB   C N N 141 
HIS CG   C Y N 142 
HIS ND1  N Y N 143 
HIS CD2  C Y N 144 
HIS CE1  C Y N 145 
HIS NE2  N Y N 146 
HIS OXT  O N N 147 
HIS H    H N N 148 
HIS H2   H N N 149 
HIS HA   H N N 150 
HIS HB2  H N N 151 
HIS HB3  H N N 152 
HIS HD1  H N N 153 
HIS HD2  H N N 154 
HIS HE1  H N N 155 
HIS HE2  H N N 156 
HIS HXT  H N N 157 
HOH O    O N N 158 
HOH H1   H N N 159 
HOH H2   H N N 160 
ILE N    N N N 161 
ILE CA   C N S 162 
ILE C    C N N 163 
ILE O    O N N 164 
ILE CB   C N S 165 
ILE CG1  C N N 166 
ILE CG2  C N N 167 
ILE CD1  C N N 168 
ILE OXT  O N N 169 
ILE H    H N N 170 
ILE H2   H N N 171 
ILE HA   H N N 172 
ILE HB   H N N 173 
ILE HG12 H N N 174 
ILE HG13 H N N 175 
ILE HG21 H N N 176 
ILE HG22 H N N 177 
ILE HG23 H N N 178 
ILE HD11 H N N 179 
ILE HD12 H N N 180 
ILE HD13 H N N 181 
ILE HXT  H N N 182 
LEU N    N N N 183 
LEU CA   C N S 184 
LEU C    C N N 185 
LEU O    O N N 186 
LEU CB   C N N 187 
LEU CG   C N N 188 
LEU CD1  C N N 189 
LEU CD2  C N N 190 
LEU OXT  O N N 191 
LEU H    H N N 192 
LEU H2   H N N 193 
LEU HA   H N N 194 
LEU HB2  H N N 195 
LEU HB3  H N N 196 
LEU HG   H N N 197 
LEU HD11 H N N 198 
LEU HD12 H N N 199 
LEU HD13 H N N 200 
LEU HD21 H N N 201 
LEU HD22 H N N 202 
LEU HD23 H N N 203 
LEU HXT  H N N 204 
LYS N    N N N 205 
LYS CA   C N S 206 
LYS C    C N N 207 
LYS O    O N N 208 
LYS CB   C N N 209 
LYS CG   C N N 210 
LYS CD   C N N 211 
LYS CE   C N N 212 
LYS NZ   N N N 213 
LYS OXT  O N N 214 
LYS H    H N N 215 
LYS H2   H N N 216 
LYS HA   H N N 217 
LYS HB2  H N N 218 
LYS HB3  H N N 219 
LYS HG2  H N N 220 
LYS HG3  H N N 221 
LYS HD2  H N N 222 
LYS HD3  H N N 223 
LYS HE2  H N N 224 
LYS HE3  H N N 225 
LYS HZ1  H N N 226 
LYS HZ2  H N N 227 
LYS HZ3  H N N 228 
LYS HXT  H N N 229 
MET N    N N N 230 
MET CA   C N S 231 
MET C    C N N 232 
MET O    O N N 233 
MET CB   C N N 234 
MET CG   C N N 235 
MET SD   S N N 236 
MET CE   C N N 237 
MET OXT  O N N 238 
MET H    H N N 239 
MET H2   H N N 240 
MET HA   H N N 241 
MET HB2  H N N 242 
MET HB3  H N N 243 
MET HG2  H N N 244 
MET HG3  H N N 245 
MET HE1  H N N 246 
MET HE2  H N N 247 
MET HE3  H N N 248 
MET HXT  H N N 249 
P3G C5   C N N 250 
P3G C6   C N N 251 
P3G O3   O N N 252 
P3G C7   C N N 253 
P3G C8   C N N 254 
P3G O4   O N N 255 
P3G C9   C N N 256 
P3G C10  C N N 257 
P3G O5   O N N 258 
P3G C11  C N N 259 
P3G C12  C N N 260 
P3G O6   O N N 261 
P3G C13  C N N 262 
P3G C14  C N N 263 
P3G O7   O N N 264 
P3G C15  C N N 265 
P3G C16  C N N 266 
P3G H51  H N N 267 
P3G H5   H N N 268 
P3G H52  H N N 269 
P3G H61  H N N 270 
P3G H62  H N N 271 
P3G H71  H N N 272 
P3G H72  H N N 273 
P3G H81  H N N 274 
P3G H82  H N N 275 
P3G H91  H N N 276 
P3G H92  H N N 277 
P3G H101 H N N 278 
P3G H102 H N N 279 
P3G H111 H N N 280 
P3G H112 H N N 281 
P3G H121 H N N 282 
P3G H122 H N N 283 
P3G H131 H N N 284 
P3G H132 H N N 285 
P3G H141 H N N 286 
P3G H142 H N N 287 
P3G H151 H N N 288 
P3G H152 H N N 289 
P3G H16  H N N 290 
P3G H162 H N N 291 
P3G H161 H N N 292 
PHE N    N N N 293 
PHE CA   C N S 294 
PHE C    C N N 295 
PHE O    O N N 296 
PHE CB   C N N 297 
PHE CG   C Y N 298 
PHE CD1  C Y N 299 
PHE CD2  C Y N 300 
PHE CE1  C Y N 301 
PHE CE2  C Y N 302 
PHE CZ   C Y N 303 
PHE OXT  O N N 304 
PHE H    H N N 305 
PHE H2   H N N 306 
PHE HA   H N N 307 
PHE HB2  H N N 308 
PHE HB3  H N N 309 
PHE HD1  H N N 310 
PHE HD2  H N N 311 
PHE HE1  H N N 312 
PHE HE2  H N N 313 
PHE HZ   H N N 314 
PHE HXT  H N N 315 
PRO N    N N N 316 
PRO CA   C N S 317 
PRO C    C N N 318 
PRO O    O N N 319 
PRO CB   C N N 320 
PRO CG   C N N 321 
PRO CD   C N N 322 
PRO OXT  O N N 323 
PRO H    H N N 324 
PRO HA   H N N 325 
PRO HB2  H N N 326 
PRO HB3  H N N 327 
PRO HG2  H N N 328 
PRO HG3  H N N 329 
PRO HD2  H N N 330 
PRO HD3  H N N 331 
PRO HXT  H N N 332 
SER N    N N N 333 
SER CA   C N S 334 
SER C    C N N 335 
SER O    O N N 336 
SER CB   C N N 337 
SER OG   O N N 338 
SER OXT  O N N 339 
SER H    H N N 340 
SER H2   H N N 341 
SER HA   H N N 342 
SER HB2  H N N 343 
SER HB3  H N N 344 
SER HG   H N N 345 
SER HXT  H N N 346 
THR N    N N N 347 
THR CA   C N S 348 
THR C    C N N 349 
THR O    O N N 350 
THR CB   C N R 351 
THR OG1  O N N 352 
THR CG2  C N N 353 
THR OXT  O N N 354 
THR H    H N N 355 
THR H2   H N N 356 
THR HA   H N N 357 
THR HB   H N N 358 
THR HG1  H N N 359 
THR HG21 H N N 360 
THR HG22 H N N 361 
THR HG23 H N N 362 
THR HXT  H N N 363 
TRP N    N N N 364 
TRP CA   C N S 365 
TRP C    C N N 366 
TRP O    O N N 367 
TRP CB   C N N 368 
TRP CG   C Y N 369 
TRP CD1  C Y N 370 
TRP CD2  C Y N 371 
TRP NE1  N Y N 372 
TRP CE2  C Y N 373 
TRP CE3  C Y N 374 
TRP CZ2  C Y N 375 
TRP CZ3  C Y N 376 
TRP CH2  C Y N 377 
TRP OXT  O N N 378 
TRP H    H N N 379 
TRP H2   H N N 380 
TRP HA   H N N 381 
TRP HB2  H N N 382 
TRP HB3  H N N 383 
TRP HD1  H N N 384 
TRP HE1  H N N 385 
TRP HE3  H N N 386 
TRP HZ2  H N N 387 
TRP HZ3  H N N 388 
TRP HH2  H N N 389 
TRP HXT  H N N 390 
TYR N    N N N 391 
TYR CA   C N S 392 
TYR C    C N N 393 
TYR O    O N N 394 
TYR CB   C N N 395 
TYR CG   C Y N 396 
TYR CD1  C Y N 397 
TYR CD2  C Y N 398 
TYR CE1  C Y N 399 
TYR CE2  C Y N 400 
TYR CZ   C Y N 401 
TYR OH   O N N 402 
TYR OXT  O N N 403 
TYR H    H N N 404 
TYR H2   H N N 405 
TYR HA   H N N 406 
TYR HB2  H N N 407 
TYR HB3  H N N 408 
TYR HD1  H N N 409 
TYR HD2  H N N 410 
TYR HE1  H N N 411 
TYR HE2  H N N 412 
TYR HH   H N N 413 
TYR HXT  H N N 414 
VAL N    N N N 415 
VAL CA   C N S 416 
VAL C    C N N 417 
VAL O    O N N 418 
VAL CB   C N N 419 
VAL CG1  C N N 420 
VAL CG2  C N N 421 
VAL OXT  O N N 422 
VAL H    H N N 423 
VAL H2   H N N 424 
VAL HA   H N N 425 
VAL HB   H N N 426 
VAL HG11 H N N 427 
VAL HG12 H N N 428 
VAL HG13 H N N 429 
VAL HG21 H N N 430 
VAL HG22 H N N 431 
VAL HG23 H N N 432 
VAL HXT  H N N 433 
# 
loop_
_chem_comp_bond.comp_id 
_chem_comp_bond.atom_id_1 
_chem_comp_bond.atom_id_2 
_chem_comp_bond.value_order 
_chem_comp_bond.pdbx_aromatic_flag 
_chem_comp_bond.pdbx_stereo_config 
_chem_comp_bond.pdbx_ordinal 
ALA N   CA   sing N N 1   
ALA N   H    sing N N 2   
ALA N   H2   sing N N 3   
ALA CA  C    sing N N 4   
ALA CA  CB   sing N N 5   
ALA CA  HA   sing N N 6   
ALA C   O    doub N N 7   
ALA C   OXT  sing N N 8   
ALA CB  HB1  sing N N 9   
ALA CB  HB2  sing N N 10  
ALA CB  HB3  sing N N 11  
ALA OXT HXT  sing N N 12  
ARG N   CA   sing N N 13  
ARG N   H    sing N N 14  
ARG N   H2   sing N N 15  
ARG CA  C    sing N N 16  
ARG CA  CB   sing N N 17  
ARG CA  HA   sing N N 18  
ARG C   O    doub N N 19  
ARG C   OXT  sing N N 20  
ARG CB  CG   sing N N 21  
ARG CB  HB2  sing N N 22  
ARG CB  HB3  sing N N 23  
ARG CG  CD   sing N N 24  
ARG CG  HG2  sing N N 25  
ARG CG  HG3  sing N N 26  
ARG CD  NE   sing N N 27  
ARG CD  HD2  sing N N 28  
ARG CD  HD3  sing N N 29  
ARG NE  CZ   sing N N 30  
ARG NE  HE   sing N N 31  
ARG CZ  NH1  sing N N 32  
ARG CZ  NH2  doub N N 33  
ARG NH1 HH11 sing N N 34  
ARG NH1 HH12 sing N N 35  
ARG NH2 HH21 sing N N 36  
ARG NH2 HH22 sing N N 37  
ARG OXT HXT  sing N N 38  
ASN N   CA   sing N N 39  
ASN N   H    sing N N 40  
ASN N   H2   sing N N 41  
ASN CA  C    sing N N 42  
ASN CA  CB   sing N N 43  
ASN CA  HA   sing N N 44  
ASN C   O    doub N N 45  
ASN C   OXT  sing N N 46  
ASN CB  CG   sing N N 47  
ASN CB  HB2  sing N N 48  
ASN CB  HB3  sing N N 49  
ASN CG  OD1  doub N N 50  
ASN CG  ND2  sing N N 51  
ASN ND2 HD21 sing N N 52  
ASN ND2 HD22 sing N N 53  
ASN OXT HXT  sing N N 54  
ASP N   CA   sing N N 55  
ASP N   H    sing N N 56  
ASP N   H2   sing N N 57  
ASP CA  C    sing N N 58  
ASP CA  CB   sing N N 59  
ASP CA  HA   sing N N 60  
ASP C   O    doub N N 61  
ASP C   OXT  sing N N 62  
ASP CB  CG   sing N N 63  
ASP CB  HB2  sing N N 64  
ASP CB  HB3  sing N N 65  
ASP CG  OD1  doub N N 66  
ASP CG  OD2  sing N N 67  
ASP OD2 HD2  sing N N 68  
ASP OXT HXT  sing N N 69  
CYS N   CA   sing N N 70  
CYS N   H    sing N N 71  
CYS N   H2   sing N N 72  
CYS CA  C    sing N N 73  
CYS CA  CB   sing N N 74  
CYS CA  HA   sing N N 75  
CYS C   O    doub N N 76  
CYS C   OXT  sing N N 77  
CYS CB  SG   sing N N 78  
CYS CB  HB2  sing N N 79  
CYS CB  HB3  sing N N 80  
CYS SG  HG   sing N N 81  
CYS OXT HXT  sing N N 82  
GLN N   CA   sing N N 83  
GLN N   H    sing N N 84  
GLN N   H2   sing N N 85  
GLN CA  C    sing N N 86  
GLN CA  CB   sing N N 87  
GLN CA  HA   sing N N 88  
GLN C   O    doub N N 89  
GLN C   OXT  sing N N 90  
GLN CB  CG   sing N N 91  
GLN CB  HB2  sing N N 92  
GLN CB  HB3  sing N N 93  
GLN CG  CD   sing N N 94  
GLN CG  HG2  sing N N 95  
GLN CG  HG3  sing N N 96  
GLN CD  OE1  doub N N 97  
GLN CD  NE2  sing N N 98  
GLN NE2 HE21 sing N N 99  
GLN NE2 HE22 sing N N 100 
GLN OXT HXT  sing N N 101 
GLU N   CA   sing N N 102 
GLU N   H    sing N N 103 
GLU N   H2   sing N N 104 
GLU CA  C    sing N N 105 
GLU CA  CB   sing N N 106 
GLU CA  HA   sing N N 107 
GLU C   O    doub N N 108 
GLU C   OXT  sing N N 109 
GLU CB  CG   sing N N 110 
GLU CB  HB2  sing N N 111 
GLU CB  HB3  sing N N 112 
GLU CG  CD   sing N N 113 
GLU CG  HG2  sing N N 114 
GLU CG  HG3  sing N N 115 
GLU CD  OE1  doub N N 116 
GLU CD  OE2  sing N N 117 
GLU OE2 HE2  sing N N 118 
GLU OXT HXT  sing N N 119 
GLY N   CA   sing N N 120 
GLY N   H    sing N N 121 
GLY N   H2   sing N N 122 
GLY CA  C    sing N N 123 
GLY CA  HA2  sing N N 124 
GLY CA  HA3  sing N N 125 
GLY C   O    doub N N 126 
GLY C   OXT  sing N N 127 
GLY OXT HXT  sing N N 128 
HIS N   CA   sing N N 129 
HIS N   H    sing N N 130 
HIS N   H2   sing N N 131 
HIS CA  C    sing N N 132 
HIS CA  CB   sing N N 133 
HIS CA  HA   sing N N 134 
HIS C   O    doub N N 135 
HIS C   OXT  sing N N 136 
HIS CB  CG   sing N N 137 
HIS CB  HB2  sing N N 138 
HIS CB  HB3  sing N N 139 
HIS CG  ND1  sing Y N 140 
HIS CG  CD2  doub Y N 141 
HIS ND1 CE1  doub Y N 142 
HIS ND1 HD1  sing N N 143 
HIS CD2 NE2  sing Y N 144 
HIS CD2 HD2  sing N N 145 
HIS CE1 NE2  sing Y N 146 
HIS CE1 HE1  sing N N 147 
HIS NE2 HE2  sing N N 148 
HIS OXT HXT  sing N N 149 
HOH O   H1   sing N N 150 
HOH O   H2   sing N N 151 
ILE N   CA   sing N N 152 
ILE N   H    sing N N 153 
ILE N   H2   sing N N 154 
ILE CA  C    sing N N 155 
ILE CA  CB   sing N N 156 
ILE CA  HA   sing N N 157 
ILE C   O    doub N N 158 
ILE C   OXT  sing N N 159 
ILE CB  CG1  sing N N 160 
ILE CB  CG2  sing N N 161 
ILE CB  HB   sing N N 162 
ILE CG1 CD1  sing N N 163 
ILE CG1 HG12 sing N N 164 
ILE CG1 HG13 sing N N 165 
ILE CG2 HG21 sing N N 166 
ILE CG2 HG22 sing N N 167 
ILE CG2 HG23 sing N N 168 
ILE CD1 HD11 sing N N 169 
ILE CD1 HD12 sing N N 170 
ILE CD1 HD13 sing N N 171 
ILE OXT HXT  sing N N 172 
LEU N   CA   sing N N 173 
LEU N   H    sing N N 174 
LEU N   H2   sing N N 175 
LEU CA  C    sing N N 176 
LEU CA  CB   sing N N 177 
LEU CA  HA   sing N N 178 
LEU C   O    doub N N 179 
LEU C   OXT  sing N N 180 
LEU CB  CG   sing N N 181 
LEU CB  HB2  sing N N 182 
LEU CB  HB3  sing N N 183 
LEU CG  CD1  sing N N 184 
LEU CG  CD2  sing N N 185 
LEU CG  HG   sing N N 186 
LEU CD1 HD11 sing N N 187 
LEU CD1 HD12 sing N N 188 
LEU CD1 HD13 sing N N 189 
LEU CD2 HD21 sing N N 190 
LEU CD2 HD22 sing N N 191 
LEU CD2 HD23 sing N N 192 
LEU OXT HXT  sing N N 193 
LYS N   CA   sing N N 194 
LYS N   H    sing N N 195 
LYS N   H2   sing N N 196 
LYS CA  C    sing N N 197 
LYS CA  CB   sing N N 198 
LYS CA  HA   sing N N 199 
LYS C   O    doub N N 200 
LYS C   OXT  sing N N 201 
LYS CB  CG   sing N N 202 
LYS CB  HB2  sing N N 203 
LYS CB  HB3  sing N N 204 
LYS CG  CD   sing N N 205 
LYS CG  HG2  sing N N 206 
LYS CG  HG3  sing N N 207 
LYS CD  CE   sing N N 208 
LYS CD  HD2  sing N N 209 
LYS CD  HD3  sing N N 210 
LYS CE  NZ   sing N N 211 
LYS CE  HE2  sing N N 212 
LYS CE  HE3  sing N N 213 
LYS NZ  HZ1  sing N N 214 
LYS NZ  HZ2  sing N N 215 
LYS NZ  HZ3  sing N N 216 
LYS OXT HXT  sing N N 217 
MET N   CA   sing N N 218 
MET N   H    sing N N 219 
MET N   H2   sing N N 220 
MET CA  C    sing N N 221 
MET CA  CB   sing N N 222 
MET CA  HA   sing N N 223 
MET C   O    doub N N 224 
MET C   OXT  sing N N 225 
MET CB  CG   sing N N 226 
MET CB  HB2  sing N N 227 
MET CB  HB3  sing N N 228 
MET CG  SD   sing N N 229 
MET CG  HG2  sing N N 230 
MET CG  HG3  sing N N 231 
MET SD  CE   sing N N 232 
MET CE  HE1  sing N N 233 
MET CE  HE2  sing N N 234 
MET CE  HE3  sing N N 235 
MET OXT HXT  sing N N 236 
P3G C5  C6   sing N N 237 
P3G C5  H51  sing N N 238 
P3G C5  H5   sing N N 239 
P3G C5  H52  sing N N 240 
P3G C6  O3   sing N N 241 
P3G C6  H61  sing N N 242 
P3G C6  H62  sing N N 243 
P3G O3  C7   sing N N 244 
P3G C7  C8   sing N N 245 
P3G C7  H71  sing N N 246 
P3G C7  H72  sing N N 247 
P3G C8  O4   sing N N 248 
P3G C8  H81  sing N N 249 
P3G C8  H82  sing N N 250 
P3G O4  C9   sing N N 251 
P3G C9  C10  sing N N 252 
P3G C9  H91  sing N N 253 
P3G C9  H92  sing N N 254 
P3G C10 O5   sing N N 255 
P3G C10 H101 sing N N 256 
P3G C10 H102 sing N N 257 
P3G O5  C11  sing N N 258 
P3G C11 C12  sing N N 259 
P3G C11 H111 sing N N 260 
P3G C11 H112 sing N N 261 
P3G C12 O6   sing N N 262 
P3G C12 H121 sing N N 263 
P3G C12 H122 sing N N 264 
P3G O6  C13  sing N N 265 
P3G C13 C14  sing N N 266 
P3G C13 H131 sing N N 267 
P3G C13 H132 sing N N 268 
P3G C14 O7   sing N N 269 
P3G C14 H141 sing N N 270 
P3G C14 H142 sing N N 271 
P3G O7  C15  sing N N 272 
P3G C15 C16  sing N N 273 
P3G C15 H151 sing N N 274 
P3G C15 H152 sing N N 275 
P3G C16 H16  sing N N 276 
P3G C16 H162 sing N N 277 
P3G C16 H161 sing N N 278 
PHE N   CA   sing N N 279 
PHE N   H    sing N N 280 
PHE N   H2   sing N N 281 
PHE CA  C    sing N N 282 
PHE CA  CB   sing N N 283 
PHE CA  HA   sing N N 284 
PHE C   O    doub N N 285 
PHE C   OXT  sing N N 286 
PHE CB  CG   sing N N 287 
PHE CB  HB2  sing N N 288 
PHE CB  HB3  sing N N 289 
PHE CG  CD1  doub Y N 290 
PHE CG  CD2  sing Y N 291 
PHE CD1 CE1  sing Y N 292 
PHE CD1 HD1  sing N N 293 
PHE CD2 CE2  doub Y N 294 
PHE CD2 HD2  sing N N 295 
PHE CE1 CZ   doub Y N 296 
PHE CE1 HE1  sing N N 297 
PHE CE2 CZ   sing Y N 298 
PHE CE2 HE2  sing N N 299 
PHE CZ  HZ   sing N N 300 
PHE OXT HXT  sing N N 301 
PRO N   CA   sing N N 302 
PRO N   CD   sing N N 303 
PRO N   H    sing N N 304 
PRO CA  C    sing N N 305 
PRO CA  CB   sing N N 306 
PRO CA  HA   sing N N 307 
PRO C   O    doub N N 308 
PRO C   OXT  sing N N 309 
PRO CB  CG   sing N N 310 
PRO CB  HB2  sing N N 311 
PRO CB  HB3  sing N N 312 
PRO CG  CD   sing N N 313 
PRO CG  HG2  sing N N 314 
PRO CG  HG3  sing N N 315 
PRO CD  HD2  sing N N 316 
PRO CD  HD3  sing N N 317 
PRO OXT HXT  sing N N 318 
SER N   CA   sing N N 319 
SER N   H    sing N N 320 
SER N   H2   sing N N 321 
SER CA  C    sing N N 322 
SER CA  CB   sing N N 323 
SER CA  HA   sing N N 324 
SER C   O    doub N N 325 
SER C   OXT  sing N N 326 
SER CB  OG   sing N N 327 
SER CB  HB2  sing N N 328 
SER CB  HB3  sing N N 329 
SER OG  HG   sing N N 330 
SER OXT HXT  sing N N 331 
THR N   CA   sing N N 332 
THR N   H    sing N N 333 
THR N   H2   sing N N 334 
THR CA  C    sing N N 335 
THR CA  CB   sing N N 336 
THR CA  HA   sing N N 337 
THR C   O    doub N N 338 
THR C   OXT  sing N N 339 
THR CB  OG1  sing N N 340 
THR CB  CG2  sing N N 341 
THR CB  HB   sing N N 342 
THR OG1 HG1  sing N N 343 
THR CG2 HG21 sing N N 344 
THR CG2 HG22 sing N N 345 
THR CG2 HG23 sing N N 346 
THR OXT HXT  sing N N 347 
TRP N   CA   sing N N 348 
TRP N   H    sing N N 349 
TRP N   H2   sing N N 350 
TRP CA  C    sing N N 351 
TRP CA  CB   sing N N 352 
TRP CA  HA   sing N N 353 
TRP C   O    doub N N 354 
TRP C   OXT  sing N N 355 
TRP CB  CG   sing N N 356 
TRP CB  HB2  sing N N 357 
TRP CB  HB3  sing N N 358 
TRP CG  CD1  doub Y N 359 
TRP CG  CD2  sing Y N 360 
TRP CD1 NE1  sing Y N 361 
TRP CD1 HD1  sing N N 362 
TRP CD2 CE2  doub Y N 363 
TRP CD2 CE3  sing Y N 364 
TRP NE1 CE2  sing Y N 365 
TRP NE1 HE1  sing N N 366 
TRP CE2 CZ2  sing Y N 367 
TRP CE3 CZ3  doub Y N 368 
TRP CE3 HE3  sing N N 369 
TRP CZ2 CH2  doub Y N 370 
TRP CZ2 HZ2  sing N N 371 
TRP CZ3 CH2  sing Y N 372 
TRP CZ3 HZ3  sing N N 373 
TRP CH2 HH2  sing N N 374 
TRP OXT HXT  sing N N 375 
TYR N   CA   sing N N 376 
TYR N   H    sing N N 377 
TYR N   H2   sing N N 378 
TYR CA  C    sing N N 379 
TYR CA  CB   sing N N 380 
TYR CA  HA   sing N N 381 
TYR C   O    doub N N 382 
TYR C   OXT  sing N N 383 
TYR CB  CG   sing N N 384 
TYR CB  HB2  sing N N 385 
TYR CB  HB3  sing N N 386 
TYR CG  CD1  doub Y N 387 
TYR CG  CD2  sing Y N 388 
TYR CD1 CE1  sing Y N 389 
TYR CD1 HD1  sing N N 390 
TYR CD2 CE2  doub Y N 391 
TYR CD2 HD2  sing N N 392 
TYR CE1 CZ   doub Y N 393 
TYR CE1 HE1  sing N N 394 
TYR CE2 CZ   sing Y N 395 
TYR CE2 HE2  sing N N 396 
TYR CZ  OH   sing N N 397 
TYR OH  HH   sing N N 398 
TYR OXT HXT  sing N N 399 
VAL N   CA   sing N N 400 
VAL N   H    sing N N 401 
VAL N   H2   sing N N 402 
VAL CA  C    sing N N 403 
VAL CA  CB   sing N N 404 
VAL CA  HA   sing N N 405 
VAL C   O    doub N N 406 
VAL C   OXT  sing N N 407 
VAL CB  CG1  sing N N 408 
VAL CB  CG2  sing N N 409 
VAL CB  HB   sing N N 410 
VAL CG1 HG11 sing N N 411 
VAL CG1 HG12 sing N N 412 
VAL CG1 HG13 sing N N 413 
VAL CG2 HG21 sing N N 414 
VAL CG2 HG22 sing N N 415 
VAL CG2 HG23 sing N N 416 
VAL OXT HXT  sing N N 417 
# 
loop_
_pdbx_audit_support.funding_organization 
_pdbx_audit_support.country 
_pdbx_audit_support.grant_number 
_pdbx_audit_support.ordinal 
'National Natural Science Foundation of China (NSFC)' China 32271248 1 
'National Natural Science Foundation of China (NSFC)' China 32200988 2 
# 
_pdbx_initial_refinement_model.id               1 
_pdbx_initial_refinement_model.entity_id_list   ? 
_pdbx_initial_refinement_model.type             'experimental model' 
_pdbx_initial_refinement_model.source_name      PDB 
_pdbx_initial_refinement_model.accession_code   2XP3 
_pdbx_initial_refinement_model.details          ? 
# 
_atom_sites.entry_id                    9IT1 
_atom_sites.Cartn_transf_matrix[1][1]   ? 
_atom_sites.Cartn_transf_matrix[1][2]   ? 
_atom_sites.Cartn_transf_matrix[1][3]   ? 
_atom_sites.Cartn_transf_matrix[2][1]   ? 
_atom_sites.Cartn_transf_matrix[2][2]   ? 
_atom_sites.Cartn_transf_matrix[2][3]   ? 
_atom_sites.Cartn_transf_matrix[3][1]   ? 
_atom_sites.Cartn_transf_matrix[3][2]   ? 
_atom_sites.Cartn_transf_matrix[3][3]   ? 
_atom_sites.Cartn_transf_vector[1]      ? 
_atom_sites.Cartn_transf_vector[2]      ? 
_atom_sites.Cartn_transf_vector[3]      ? 
_atom_sites.Cartn_transform_axes        ? 
_atom_sites.fract_transf_matrix[1][1]   -0.00422455 
_atom_sites.fract_transf_matrix[1][2]   0.00954237 
_atom_sites.fract_transf_matrix[1][3]   -0.01333316 
_atom_sites.fract_transf_matrix[2][1]   0.01119069 
_atom_sites.fract_transf_matrix[2][2]   0.01093422 
_atom_sites.fract_transf_matrix[2][3]   -0.00647072 
_atom_sites.fract_transf_matrix[3][1]   0.00430128 
_atom_sites.fract_transf_matrix[3][2]   -0.00903554 
_atom_sites.fract_transf_matrix[3][3]   -0.00782946 
_atom_sites.fract_transf_vector[1]      0.239474 
_atom_sites.fract_transf_vector[2]      -0.391914 
_atom_sites.fract_transf_vector[3]      0.183871 
_atom_sites.solution_primary            ? 
_atom_sites.solution_secondary          ? 
_atom_sites.solution_hydrogens          ? 
_atom_sites.special_details             ? 
# 
loop_
_atom_type.symbol 
C 
N 
O 
S 
# 
loop_
_atom_site.group_PDB 
_atom_site.id 
_atom_site.type_symbol 
_atom_site.label_atom_id 
_atom_site.label_alt_id 
_atom_site.label_comp_id 
_atom_site.label_asym_id 
_atom_site.label_entity_id 
_atom_site.label_seq_id 
_atom_site.pdbx_PDB_ins_code 
_atom_site.Cartn_x 
_atom_site.Cartn_y 
_atom_site.Cartn_z 
_atom_site.occupancy 
_atom_site.B_iso_or_equiv 
_atom_site.pdbx_formal_charge 
_atom_site.auth_seq_id 
_atom_site.auth_comp_id 
_atom_site.auth_asym_id 
_atom_site.auth_atom_id 
_atom_site.pdbx_PDB_model_num 
ATOM   1    N N   . LEU A 1 8   ? -10.670 -19.117 2.885   1.00 29.99 ? 7   LEU A N   1 
ATOM   2    C CA  . LEU A 1 8   ? -9.985  -17.851 3.147   1.00 33.72 ? 7   LEU A CA  1 
ATOM   3    C C   . LEU A 1 8   ? -10.652 -16.718 2.358   1.00 37.21 ? 7   LEU A C   1 
ATOM   4    O O   . LEU A 1 8   ? -11.113 -16.939 1.233   1.00 36.81 ? 7   LEU A O   1 
ATOM   5    C CB  . LEU A 1 8   ? -8.502  -17.968 2.778   1.00 29.55 ? 7   LEU A CB  1 
ATOM   6    C CG  . LEU A 1 8   ? -7.632  -18.933 3.599   1.00 26.64 ? 7   LEU A CG  1 
ATOM   7    C CD1 . LEU A 1 8   ? -6.516  -19.539 2.731   1.00 33.84 ? 7   LEU A CD1 1 
ATOM   8    C CD2 . LEU A 1 8   ? -7.023  -18.261 4.825   1.00 17.42 ? 7   LEU A CD2 1 
ATOM   9    N N   . PRO A 1 9   ? -10.719 -15.523 2.950   1.00 35.28 ? 8   PRO A N   1 
ATOM   10   C CA  . PRO A 1 9   ? -11.340 -14.367 2.270   1.00 34.99 ? 8   PRO A CA  1 
ATOM   11   C C   . PRO A 1 9   ? -10.724 -14.108 0.900   1.00 34.90 ? 8   PRO A C   1 
ATOM   12   O O   . PRO A 1 9   ? -9.724  -14.745 0.532   1.00 28.26 ? 8   PRO A O   1 
ATOM   13   C CB  . PRO A 1 9   ? -11.076 -13.208 3.252   1.00 35.48 ? 8   PRO A CB  1 
ATOM   14   C CG  . PRO A 1 9   ? -10.061 -13.712 4.231   1.00 27.94 ? 8   PRO A CG  1 
ATOM   15   C CD  . PRO A 1 9   ? -10.293 -15.180 4.318   1.00 32.46 ? 8   PRO A CD  1 
ATOM   16   N N   . PRO A 1 10  ? -11.311 -13.217 0.097   1.00 36.02 ? 9   PRO A N   1 
ATOM   17   C CA  . PRO A 1 10  ? -10.858 -13.077 -1.297  1.00 25.52 ? 9   PRO A CA  1 
ATOM   18   C C   . PRO A 1 10  ? -9.391  -12.692 -1.380  1.00 37.74 ? 9   PRO A C   1 
ATOM   19   O O   . PRO A 1 10  ? -8.965  -11.674 -0.826  1.00 34.03 ? 9   PRO A O   1 
ATOM   20   C CB  . PRO A 1 10  ? -11.746 -11.961 -1.860  1.00 26.69 ? 9   PRO A CB  1 
ATOM   21   C CG  . PRO A 1 10  ? -12.871 -11.825 -0.931  1.00 39.27 ? 9   PRO A CG  1 
ATOM   22   C CD  . PRO A 1 10  ? -12.448 -12.323 0.399   1.00 32.84 ? 9   PRO A CD  1 
ATOM   23   N N   . GLY A 1 11  ? -8.622  -13.510 -2.094  1.00 28.05 ? 10  GLY A N   1 
ATOM   24   C CA  . GLY A 1 11  ? -7.242  -13.202 -2.373  1.00 24.17 ? 10  GLY A CA  1 
ATOM   25   C C   . GLY A 1 11  ? -6.237  -13.850 -1.449  1.00 18.97 ? 10  GLY A C   1 
ATOM   26   O O   . GLY A 1 11  ? -5.046  -13.845 -1.765  1.00 20.07 ? 10  GLY A O   1 
ATOM   27   N N   . TRP A 1 12  ? -6.668  -14.422 -0.339  1.00 18.17 ? 11  TRP A N   1 
ATOM   28   C CA  . TRP A 1 12  ? -5.725  -15.021 0.585   1.00 21.97 ? 11  TRP A CA  1 
ATOM   29   C C   . TRP A 1 12  ? -5.394  -16.420 0.141   1.00 16.59 ? 11  TRP A C   1 
ATOM   30   O O   . TRP A 1 12  ? -6.227  -17.112 -0.438  1.00 11.16 ? 11  TRP A O   1 
ATOM   31   C CB  . TRP A 1 12  ? -6.302  -15.042 1.992   1.00 30.85 ? 11  TRP A CB  1 
ATOM   32   C CG  . TRP A 1 12  ? -6.317  -13.688 2.502   1.00 23.56 ? 11  TRP A CG  1 
ATOM   33   C CD1 . TRP A 1 12  ? -7.394  -12.884 2.612   1.00 28.34 ? 11  TRP A CD1 1 
ATOM   34   C CD2 . TRP A 1 12  ? -5.192  -12.925 2.953   1.00 30.60 ? 11  TRP A CD2 1 
ATOM   35   N NE1 . TRP A 1 12  ? -7.028  -11.667 3.100   1.00 12.37 ? 11  TRP A NE1 1 
ATOM   36   C CE2 . TRP A 1 12  ? -5.680  -11.663 3.328   1.00 15.23 ? 11  TRP A CE2 1 
ATOM   37   C CE3 . TRP A 1 12  ? -3.825  -13.189 3.083   1.00 16.72 ? 11  TRP A CE3 1 
ATOM   38   C CZ2 . TRP A 1 12  ? -4.858  -10.659 3.828   1.00 25.47 ? 11  TRP A CZ2 1 
ATOM   39   C CZ3 . TRP A 1 12  ? -3.004  -12.197 3.582   1.00 17.41 ? 11  TRP A CZ3 1 
ATOM   40   C CH2 . TRP A 1 12  ? -3.524  -10.940 3.943   1.00 17.72 ? 11  TRP A CH2 1 
ATOM   41   N N   . GLU A 1 13  ? -4.166  -16.830 0.431   1.00 21.25 ? 12  GLU A N   1 
ATOM   42   C CA  . GLU A 1 13  ? -3.660  -18.137 0.045   1.00 18.55 ? 12  GLU A CA  1 
ATOM   43   C C   . GLU A 1 13  ? -2.580  -18.538 1.038   1.00 17.55 ? 12  GLU A C   1 
ATOM   44   O O   . GLU A 1 13  ? -1.855  -17.685 1.554   1.00 17.73 ? 12  GLU A O   1 
ATOM   45   C CB  . GLU A 1 13  ? -3.126  -18.117 -1.397  1.00 27.78 ? 12  GLU A CB  1 
ATOM   46   C CG  . GLU A 1 13  ? -3.557  -19.297 -2.292  1.00 21.16 ? 12  GLU A CG  1 
ATOM   47   C CD  . GLU A 1 13  ? -5.064  -19.560 -2.286  1.00 34.36 ? 12  GLU A CD  1 
ATOM   48   O OE1 . GLU A 1 13  ? -5.851  -18.705 -2.759  1.00 33.03 ? 12  GLU A OE1 1 
ATOM   49   O OE2 . GLU A 1 13  ? -5.470  -20.634 -1.786  1.00 24.46 ? 12  GLU A OE2 1 
ATOM   50   N N   . LYS A 1 14  ? -2.501  -19.837 1.318   1.00 16.40 ? 13  LYS A N   1 
ATOM   51   C CA  . LYS A 1 14  ? -1.469  -20.358 2.204   1.00 15.11 ? 13  LYS A CA  1 
ATOM   52   C C   . LYS A 1 14  ? -0.147  -20.412 1.457   1.00 13.22 ? 13  LYS A C   1 
ATOM   53   O O   . LYS A 1 14  ? -0.103  -20.722 0.267   1.00 13.37 ? 13  LYS A O   1 
ATOM   54   C CB  . LYS A 1 14  ? -1.833  -21.764 2.698   1.00 20.03 ? 13  LYS A CB  1 
ATOM   55   C CG  . LYS A 1 14  ? -2.419  -21.874 4.116   1.00 24.50 ? 13  LYS A CG  1 
ATOM   56   C CD  . LYS A 1 14  ? -2.791  -23.333 4.434   1.00 34.47 ? 13  LYS A CD  1 
ATOM   57   C CE  . LYS A 1 14  ? -3.365  -23.534 5.844   1.00 30.94 ? 13  LYS A CE  1 
ATOM   58   N NZ  . LYS A 1 14  ? -3.920  -24.918 6.053   1.00 42.43 ? 13  LYS A NZ  1 
ATOM   59   N N   . ALA A 1 15  ? 0.940   -20.122 2.161   1.00 15.08 ? 14  ALA A N   1 
ATOM   60   C CA  . ALA A 1 15  ? 2.266   -20.337 1.610   1.00 17.02 ? 14  ALA A CA  1 
ATOM   61   C C   . ALA A 1 15  ? 3.205   -20.782 2.721   1.00 18.55 ? 14  ALA A C   1 
ATOM   62   O O   . ALA A 1 15  ? 2.902   -20.675 3.911   1.00 17.45 ? 14  ALA A O   1 
ATOM   63   C CB  . ALA A 1 15  ? 2.800   -19.087 0.904   1.00 18.96 ? 14  ALA A CB  1 
ATOM   64   N N   . MET A 1 16  ? 4.357   -21.292 2.308   1.00 14.24 ? 15  MET A N   1 
ATOM   65   C CA  . MET A 1 16  ? 5.351   -21.862 3.207   1.00 32.41 ? 15  MET A CA  1 
ATOM   66   C C   . MET A 1 16  ? 6.505   -20.877 3.340   1.00 29.48 ? 15  MET A C   1 
ATOM   67   O O   . MET A 1 16  ? 7.045   -20.404 2.330   1.00 15.25 ? 15  MET A O   1 
ATOM   68   C CB  . MET A 1 16  ? 5.868   -23.210 2.677   1.00 26.69 ? 15  MET A CB  1 
ATOM   69   C CG  . MET A 1 16  ? 5.810   -24.429 3.639   1.00 32.57 ? 15  MET A CG  1 
ATOM   70   S SD  . MET A 1 16  ? 4.202   -24.991 4.302   1.00 67.59 ? 15  MET A SD  1 
ATOM   71   C CE  . MET A 1 16  ? 3.120   -24.913 2.863   1.00 33.90 ? 15  MET A CE  1 
ATOM   72   N N   . SER A 1 17  ? 6.874   -20.560 4.579   1.00 30.60 ? 16  SER A N   1 
ATOM   73   C CA  . SER A 1 17  ? 8.058   -19.744 4.813   1.00 33.58 ? 16  SER A CA  1 
ATOM   74   C C   . SER A 1 17  ? 9.295   -20.518 4.381   1.00 32.33 ? 16  SER A C   1 
ATOM   75   O O   . SER A 1 17  ? 9.536   -21.635 4.850   1.00 29.55 ? 16  SER A O   1 
ATOM   76   C CB  . SER A 1 17  ? 8.159   -19.355 6.290   1.00 31.86 ? 16  SER A CB  1 
ATOM   77   O OG  . SER A 1 17  ? 9.264   -18.504 6.533   1.00 29.68 ? 16  SER A OG  1 
ATOM   78   N N   . ARG A 1 18  ? 10.073  -19.939 3.473   1.00 38.75 ? 17  ARG A N   1 
ATOM   79   C CA  . ARG A 1 18  ? 11.285  -20.597 3.003   1.00 38.06 ? 17  ARG A CA  1 
ATOM   80   C C   . ARG A 1 18  ? 12.502  -20.257 3.845   1.00 40.71 ? 17  ARG A C   1 
ATOM   81   O O   . ARG A 1 18  ? 13.620  -20.639 3.482   1.00 44.19 ? 17  ARG A O   1 
ATOM   82   C CB  . ARG A 1 18  ? 11.524  -20.268 1.531   1.00 35.12 ? 17  ARG A CB  1 
ATOM   83   C CG  . ARG A 1 18  ? 12.335  -19.034 1.213   1.00 30.46 ? 17  ARG A CG  1 
ATOM   84   C CD  . ARG A 1 18  ? 12.712  -19.132 -0.245  1.00 41.83 ? 17  ARG A CD  1 
ATOM   85   N NE  . ARG A 1 18  ? 11.510  -19.489 -0.987  1.00 46.53 ? 17  ARG A NE  1 
ATOM   86   C CZ  . ARG A 1 18  ? 11.305  -19.265 -2.276  1.00 40.51 ? 17  ARG A CZ  1 
ATOM   87   N NH1 . ARG A 1 18  ? 12.221  -18.678 -3.034  1.00 38.97 ? 17  ARG A NH1 1 
ATOM   88   N NH2 . ARG A 1 18  ? 10.149  -19.642 -2.819  1.00 25.44 ? 17  ARG A NH2 1 
ATOM   89   N N   . SER A 1 19  ? 12.303  -19.566 4.966   1.00 38.31 ? 18  SER A N   1 
ATOM   90   C CA  . SER A 1 19  ? 13.298  -19.423 6.018   1.00 31.79 ? 18  SER A CA  1 
ATOM   91   C C   . SER A 1 19  ? 13.006  -20.339 7.201   1.00 41.33 ? 18  SER A C   1 
ATOM   92   O O   . SER A 1 19  ? 13.878  -21.099 7.643   1.00 31.32 ? 18  SER A O   1 
ATOM   93   C CB  . SER A 1 19  ? 13.345  -17.964 6.492   1.00 41.18 ? 18  SER A CB  1 
ATOM   94   O OG  . SER A 1 19  ? 12.057  -17.521 6.916   1.00 48.89 ? 18  SER A OG  1 
ATOM   95   N N   . SER A 1 20  ? 11.776  -20.277 7.717   1.00 30.93 ? 19  SER A N   1 
ATOM   96   C CA  . SER A 1 20  ? 11.375  -21.028 8.895   1.00 35.11 ? 19  SER A CA  1 
ATOM   97   C C   . SER A 1 20  ? 10.825  -22.398 8.545   1.00 32.05 ? 19  SER A C   1 
ATOM   98   O O   . SER A 1 20  ? 11.074  -23.365 9.276   1.00 33.31 ? 19  SER A O   1 
ATOM   99   C CB  . SER A 1 20  ? 10.313  -20.241 9.679   1.00 27.61 ? 19  SER A CB  1 
ATOM   100  O OG  . SER A 1 20  ? 9.234   -19.834 8.850   1.00 29.66 ? 19  SER A OG  1 
ATOM   101  N N   . GLY A 1 21  ? 10.100  -22.507 7.432   1.00 25.63 ? 20  GLY A N   1 
ATOM   102  C CA  . GLY A 1 21  ? 9.258   -23.653 7.210   1.00 30.94 ? 20  GLY A CA  1 
ATOM   103  C C   . GLY A 1 21  ? 7.889   -23.514 7.822   1.00 32.54 ? 20  GLY A C   1 
ATOM   104  O O   . GLY A 1 21  ? 7.101   -24.466 7.783   1.00 41.80 ? 20  GLY A O   1 
ATOM   105  N N   . ARG A 1 22  ? 7.579   -22.363 8.383   1.00 18.33 ? 21  ARG A N   1 
ATOM   106  C CA  . ARG A 1 22  ? 6.282   -22.176 8.997   1.00 25.71 ? 21  ARG A CA  1 
ATOM   107  C C   . ARG A 1 22  ? 5.318   -21.609 7.970   1.00 22.58 ? 21  ARG A C   1 
ATOM   108  O O   . ARG A 1 22  ? 5.716   -20.913 7.040   1.00 16.49 ? 21  ARG A O   1 
ATOM   109  C CB  . ARG A 1 22  ? 6.398   -21.250 10.197  1.00 21.71 ? 21  ARG A CB  1 
ATOM   110  C CG  . ARG A 1 22  ? 5.357   -21.458 11.280  1.00 23.49 ? 21  ARG A CG  1 
ATOM   111  C CD  . ARG A 1 22  ? 5.921   -21.012 12.597  1.00 16.60 ? 21  ARG A CD  1 
ATOM   112  N NE  . ARG A 1 22  ? 7.068   -20.132 12.383  1.00 27.01 ? 21  ARG A NE  1 
ATOM   113  C CZ  . ARG A 1 22  ? 7.016   -18.812 12.293  1.00 27.66 ? 21  ARG A CZ  1 
ATOM   114  N NH1 . ARG A 1 22  ? 5.871   -18.150 12.399  1.00 35.74 ? 21  ARG A NH1 1 
ATOM   115  N NH2 . ARG A 1 22  ? 8.141   -18.133 12.080  1.00 25.85 ? 21  ARG A NH2 1 
ATOM   116  N N   . VAL A 1 23  ? 4.052   -21.922 8.147   1.00 28.55 ? 22  VAL A N   1 
ATOM   117  C CA  . VAL A 1 23  ? 3.009   -21.561 7.195   1.00 24.63 ? 22  VAL A CA  1 
ATOM   118  C C   . VAL A 1 23  ? 2.648   -20.091 7.353   1.00 26.66 ? 22  VAL A C   1 
ATOM   119  O O   . VAL A 1 23  ? 2.461   -19.602 8.474   1.00 31.50 ? 22  VAL A O   1 
ATOM   120  C CB  . VAL A 1 23  ? 1.771   -22.453 7.417   1.00 22.82 ? 22  VAL A CB  1 
ATOM   121  C CG1 . VAL A 1 23  ? 0.548   -21.874 6.720   1.00 25.20 ? 22  VAL A CG1 1 
ATOM   122  C CG2 . VAL A 1 23  ? 2.034   -23.895 6.968   1.00 41.61 ? 22  VAL A CG2 1 
ATOM   123  N N   . TYR A 1 24  ? 2.532   -19.368 6.242   1.00 23.45 ? 23  TYR A N   1 
ATOM   124  C CA  . TYR A 1 24  ? 1.985   -18.022 6.323   1.00 24.50 ? 23  TYR A CA  1 
ATOM   125  C C   . TYR A 1 24  ? 0.969   -17.810 5.216   1.00 23.28 ? 23  TYR A C   1 
ATOM   126  O O   . TYR A 1 24  ? 0.768   -18.652 4.338   1.00 16.57 ? 23  TYR A O   1 
ATOM   127  C CB  . TYR A 1 24  ? 3.064   -16.943 6.243   1.00 21.23 ? 23  TYR A CB  1 
ATOM   128  C CG  . TYR A 1 24  ? 3.679   -16.758 4.884   1.00 19.75 ? 23  TYR A CG  1 
ATOM   129  C CD1 . TYR A 1 24  ? 4.674   -17.601 4.426   1.00 22.70 ? 23  TYR A CD1 1 
ATOM   130  C CD2 . TYR A 1 24  ? 3.261   -15.728 4.056   1.00 19.69 ? 23  TYR A CD2 1 
ATOM   131  C CE1 . TYR A 1 24  ? 5.247   -17.413 3.171   1.00 20.82 ? 23  TYR A CE1 1 
ATOM   132  C CE2 . TYR A 1 24  ? 3.815   -15.535 2.805   1.00 21.95 ? 23  TYR A CE2 1 
ATOM   133  C CZ  . TYR A 1 24  ? 4.813   -16.380 2.363   1.00 25.43 ? 23  TYR A CZ  1 
ATOM   134  O OH  . TYR A 1 24  ? 5.379   -16.191 1.107   1.00 22.98 ? 23  TYR A OH  1 
ATOM   135  N N   . TYR A 1 25  ? 0.343   -16.649 5.262   1.00 13.73 ? 24  TYR A N   1 
ATOM   136  C CA  . TYR A 1 25  ? -0.722  -16.286 4.353   1.00 14.87 ? 24  TYR A CA  1 
ATOM   137  C C   . TYR A 1 25  ? -0.291  -15.022 3.636   1.00 16.11 ? 24  TYR A C   1 
ATOM   138  O O   . TYR A 1 25  ? 0.243   -14.102 4.266   1.00 15.04 ? 24  TYR A O   1 
ATOM   139  C CB  . TYR A 1 25  ? -2.030  -16.101 5.132   1.00 28.04 ? 24  TYR A CB  1 
ATOM   140  C CG  . TYR A 1 25  ? -2.354  -17.314 5.981   1.00 21.73 ? 24  TYR A CG  1 
ATOM   141  C CD1 . TYR A 1 25  ? -3.059  -18.393 5.450   1.00 36.34 ? 24  TYR A CD1 1 
ATOM   142  C CD2 . TYR A 1 25  ? -1.956  -17.388 7.308   1.00 22.40 ? 24  TYR A CD2 1 
ATOM   143  C CE1 . TYR A 1 25  ? -3.392  -19.498 6.228   1.00 35.50 ? 24  TYR A CE1 1 
ATOM   144  C CE2 . TYR A 1 25  ? -2.260  -18.502 8.090   1.00 23.01 ? 24  TYR A CE2 1 
ATOM   145  C CZ  . TYR A 1 25  ? -2.979  -19.552 7.542   1.00 24.09 ? 24  TYR A CZ  1 
ATOM   146  O OH  . TYR A 1 25  ? -3.285  -20.652 8.320   1.00 46.11 ? 24  TYR A OH  1 
ATOM   147  N N   . PHE A 1 26  ? -0.447  -15.010 2.313   1.00 19.30 ? 25  PHE A N   1 
ATOM   148  C CA  . PHE A 1 26  ? -0.294  -13.822 1.495   1.00 11.01 ? 25  PHE A CA  1 
ATOM   149  C C   . PHE A 1 26  ? -1.597  -13.608 0.752   1.00 15.80 ? 25  PHE A C   1 
ATOM   150  O O   . PHE A 1 26  ? -2.361  -14.543 0.527   1.00 15.24 ? 25  PHE A O   1 
ATOM   151  C CB  . PHE A 1 26  ? 0.861   -13.939 0.494   1.00 16.69 ? 25  PHE A CB  1 
ATOM   152  C CG  . PHE A 1 26  ? 0.636   -14.968 -0.590  1.00 14.60 ? 25  PHE A CG  1 
ATOM   153  C CD1 . PHE A 1 26  ? -0.090  -14.662 -1.730  1.00 22.41 ? 25  PHE A CD1 1 
ATOM   154  C CD2 . PHE A 1 26  ? 1.131   -16.263 -0.452  1.00 23.38 ? 25  PHE A CD2 1 
ATOM   155  C CE1 . PHE A 1 26  ? -0.289  -15.611 -2.728  1.00 20.28 ? 25  PHE A CE1 1 
ATOM   156  C CE2 . PHE A 1 26  ? 0.930   -17.220 -1.445  1.00 18.76 ? 25  PHE A CE2 1 
ATOM   157  C CZ  . PHE A 1 26  ? 0.223   -16.894 -2.581  1.00 18.56 ? 25  PHE A CZ  1 
ATOM   158  N N   . ASN A 1 27  ? -1.865  -12.358 0.416   1.00 16.13 ? 26  ASN A N   1 
ATOM   159  C CA  . ASN A 1 27  ? -2.997  -11.995 -0.422  1.00 17.36 ? 26  ASN A CA  1 
ATOM   160  C C   . ASN A 1 27  ? -2.463  -11.495 -1.751  1.00 24.56 ? 26  ASN A C   1 
ATOM   161  O O   . ASN A 1 27  ? -1.603  -10.608 -1.778  1.00 18.42 ? 26  ASN A O   1 
ATOM   162  C CB  . ASN A 1 27  ? -3.876  -10.939 0.245   1.00 21.03 ? 26  ASN A CB  1 
ATOM   163  C CG  . ASN A 1 27  ? -5.109  -10.627 -0.572  1.00 21.74 ? 26  ASN A CG  1 
ATOM   164  O OD1 . ASN A 1 27  ? -5.000  -10.098 -1.682  1.00 14.53 ? 26  ASN A OD1 1 
ATOM   165  N ND2 . ASN A 1 27  ? -6.283  -11.005 -0.064  1.00 20.93 ? 26  ASN A ND2 1 
ATOM   166  N N   . HIS A 1 28  ? -2.965  -12.058 -2.851  1.00 20.63 ? 27  HIS A N   1 
ATOM   167  C CA  . HIS A 1 28  ? -2.451  -11.645 -4.147  1.00 20.23 ? 27  HIS A CA  1 
ATOM   168  C C   . HIS A 1 28  ? -3.139  -10.391 -4.681  1.00 19.33 ? 27  HIS A C   1 
ATOM   169  O O   . HIS A 1 28  ? -2.659  -9.812  -5.662  1.00 18.61 ? 27  HIS A O   1 
ATOM   170  C CB  . HIS A 1 28  ? -2.522  -12.819 -5.146  1.00 21.31 ? 27  HIS A CB  1 
ATOM   171  C CG  . HIS A 1 28  ? -3.905  -13.313 -5.447  1.00 18.19 ? 27  HIS A CG  1 
ATOM   172  N ND1 . HIS A 1 28  ? -4.742  -12.687 -6.344  1.00 15.12 ? 27  HIS A ND1 1 
ATOM   173  C CD2 . HIS A 1 28  ? -4.577  -14.402 -5.005  1.00 11.52 ? 27  HIS A CD2 1 
ATOM   174  C CE1 . HIS A 1 28  ? -5.878  -13.357 -6.426  1.00 21.04 ? 27  HIS A CE1 1 
ATOM   175  N NE2 . HIS A 1 28  ? -5.805  -14.399 -5.619  1.00 19.79 ? 27  HIS A NE2 1 
ATOM   176  N N   . ILE A 1 29  ? -4.199  -9.917  -4.030  1.00 14.29 ? 28  ILE A N   1 
ATOM   177  C CA  . ILE A 1 29  ? -4.818  -8.665  -4.456  1.00 15.76 ? 28  ILE A CA  1 
ATOM   178  C C   . ILE A 1 29  ? -4.132  -7.461  -3.815  1.00 18.32 ? 28  ILE A C   1 
ATOM   179  O O   . ILE A 1 29  ? -3.849  -6.471  -4.494  1.00 22.39 ? 28  ILE A O   1 
ATOM   180  C CB  . ILE A 1 29  ? -6.326  -8.679  -4.147  1.00 17.42 ? 28  ILE A CB  1 
ATOM   181  C CG1 . ILE A 1 29  ? -7.012  -9.869  -4.821  1.00 9.40  ? 28  ILE A CG1 1 
ATOM   182  C CG2 . ILE A 1 29  ? -6.960  -7.403  -4.663  1.00 11.90 ? 28  ILE A CG2 1 
ATOM   183  C CD1 . ILE A 1 29  ? -8.287  -10.305 -4.155  1.00 10.72 ? 28  ILE A CD1 1 
ATOM   184  N N   . THR A 1 30  ? -3.834  -7.540  -2.515  1.00 14.54 ? 29  THR A N   1 
ATOM   185  C CA  . THR A 1 30  ? -3.278  -6.417  -1.766  1.00 21.56 ? 29  THR A CA  1 
ATOM   186  C C   . THR A 1 30  ? -1.779  -6.526  -1.523  1.00 12.64 ? 29  THR A C   1 
ATOM   187  O O   . THR A 1 30  ? -1.177  -5.542  -1.082  1.00 7.94  ? 29  THR A O   1 
ATOM   188  C CB  . THR A 1 30  ? -3.967  -6.286  -0.404  1.00 15.73 ? 29  THR A CB  1 
ATOM   189  O OG1 . THR A 1 30  ? -3.587  -7.399  0.398   1.00 18.85 ? 29  THR A OG1 1 
ATOM   190  C CG2 . THR A 1 30  ? -5.477  -6.317  -0.545  1.00 23.67 ? 29  THR A CG2 1 
ATOM   191  N N   . ASN A 1 31  ? -1.172  -7.693  -1.770  1.00 14.32 ? 30  ASN A N   1 
ATOM   192  C CA  . ASN A 1 31  ? 0.255   -7.964  -1.537  1.00 13.56 ? 30  ASN A CA  1 
ATOM   193  C C   . ASN A 1 31  ? 0.634   -7.979  -0.069  1.00 14.02 ? 30  ASN A C   1 
ATOM   194  O O   . ASN A 1 31  ? 1.822   -7.879  0.268   1.00 15.67 ? 30  ASN A O   1 
ATOM   195  C CB  . ASN A 1 31  ? 1.165   -6.991  -2.272  1.00 8.73  ? 30  ASN A CB  1 
ATOM   196  C CG  . ASN A 1 31  ? 1.312   -7.348  -3.706  1.00 10.85 ? 30  ASN A CG  1 
ATOM   197  O OD1 . ASN A 1 31  ? 1.328   -8.528  -4.036  1.00 10.77 ? 30  ASN A OD1 1 
ATOM   198  N ND2 . ASN A 1 31  ? 1.421   -6.350  -4.577  1.00 8.02  ? 30  ASN A ND2 1 
ATOM   199  N N   . ALA A 1 32  ? -0.348  -8.114  0.803   1.00 10.20 ? 31  ALA A N   1 
ATOM   200  C CA  . ALA A 1 32  ? -0.076  -8.338  2.205   1.00 8.82  ? 31  ALA A CA  1 
ATOM   201  C C   . ALA A 1 32  ? 0.276   -9.799  2.461   1.00 17.31 ? 31  ALA A C   1 
ATOM   202  O O   . ALA A 1 32  ? -0.325  -10.716 1.897   1.00 17.24 ? 31  ALA A O   1 
ATOM   203  C CB  . ALA A 1 32  ? -1.286  -7.946  3.024   1.00 12.70 ? 31  ALA A CB  1 
ATOM   204  N N   . SER A 1 33  ? 1.255   -10.008 3.325   1.00 12.22 ? 32  SER A N   1 
ATOM   205  C CA  . SER A 1 33  ? 1.555   -11.320 3.853   1.00 13.33 ? 32  SER A CA  1 
ATOM   206  C C   . SER A 1 33  ? 1.685   -11.204 5.363   1.00 20.31 ? 32  SER A C   1 
ATOM   207  O O   . SER A 1 33  ? 2.155   -10.186 5.881   1.00 25.11 ? 32  SER A O   1 
ATOM   208  C CB  . SER A 1 33  ? 2.831   -11.887 3.250   1.00 9.98  ? 32  SER A CB  1 
ATOM   209  O OG  . SER A 1 33  ? 3.921   -11.027 3.466   1.00 12.52 ? 32  SER A OG  1 
ATOM   210  N N   . GLN A 1 34  ? 1.275   -12.261 6.062   1.00 24.16 ? 33  GLN A N   1 
ATOM   211  C CA  . GLN A 1 34  ? 1.257   -12.309 7.517   1.00 19.35 ? 33  GLN A CA  1 
ATOM   212  C C   . GLN A 1 34  ? 1.283   -13.762 7.952   1.00 20.18 ? 33  GLN A C   1 
ATOM   213  O O   . GLN A 1 34  ? 1.036   -14.663 7.149   1.00 24.62 ? 33  GLN A O   1 
ATOM   214  C CB  . GLN A 1 34  ? 0.018   -11.615 8.047   1.00 22.20 ? 33  GLN A CB  1 
ATOM   215  C CG  . GLN A 1 34  ? -1.210  -12.441 7.786   1.00 25.55 ? 33  GLN A CG  1 
ATOM   216  C CD  . GLN A 1 34  ? -2.461  -11.699 8.133   1.00 24.60 ? 33  GLN A CD  1 
ATOM   217  O OE1 . GLN A 1 34  ? -2.529  -10.491 7.951   1.00 20.64 ? 33  GLN A OE1 1 
ATOM   218  N NE2 . GLN A 1 34  ? -3.495  -12.425 8.531   1.00 21.57 ? 33  GLN A NE2 1 
ATOM   219  N N   . TRP A 1 35  ? 1.551   -13.982 9.241   1.00 19.53 ? 34  TRP A N   1 
ATOM   220  C CA  . TRP A 1 35  ? 1.570   -15.340 9.775   1.00 23.41 ? 34  TRP A CA  1 
ATOM   221  C C   . TRP A 1 35  ? 0.178   -15.870 10.118  1.00 24.02 ? 34  TRP A C   1 
ATOM   222  O O   . TRP A 1 35  ? -0.134  -17.035 9.839   1.00 23.60 ? 34  TRP A O   1 
ATOM   223  C CB  . TRP A 1 35  ? 2.468   -15.412 11.015  1.00 24.15 ? 34  TRP A CB  1 
ATOM   224  C CG  . TRP A 1 35  ? 3.932   -15.166 10.766  1.00 25.26 ? 34  TRP A CG  1 
ATOM   225  C CD1 . TRP A 1 35  ? 4.748   -14.291 11.425  1.00 33.20 ? 34  TRP A CD1 1 
ATOM   226  C CD2 . TRP A 1 35  ? 4.763   -15.845 9.811   1.00 24.24 ? 34  TRP A CD2 1 
ATOM   227  N NE1 . TRP A 1 35  ? 6.030   -14.374 10.928  1.00 26.28 ? 34  TRP A NE1 1 
ATOM   228  C CE2 . TRP A 1 35  ? 6.062   -15.320 9.934   1.00 22.60 ? 34  TRP A CE2 1 
ATOM   229  C CE3 . TRP A 1 35  ? 4.530   -16.837 8.862   1.00 21.37 ? 34  TRP A CE3 1 
ATOM   230  C CZ2 . TRP A 1 35  ? 7.121   -15.751 9.133   1.00 29.79 ? 34  TRP A CZ2 1 
ATOM   231  C CZ3 . TRP A 1 35  ? 5.588   -17.269 8.070   1.00 24.58 ? 34  TRP A CZ3 1 
ATOM   232  C CH2 . TRP A 1 35  ? 6.858   -16.726 8.205   1.00 19.45 ? 34  TRP A CH2 1 
ATOM   233  N N   . GLU A 1 36  ? -0.666  -15.041 10.725  1.00 25.13 ? 35  GLU A N   1 
ATOM   234  C CA  . GLU A 1 36  ? -1.966  -15.512 11.191  1.00 17.59 ? 35  GLU A CA  1 
ATOM   235  C C   . GLU A 1 36  ? -2.882  -15.882 10.024  1.00 28.96 ? 35  GLU A C   1 
ATOM   236  O O   . GLU A 1 36  ? -2.840  -15.261 8.955   1.00 18.92 ? 35  GLU A O   1 
ATOM   237  C CB  . GLU A 1 36  ? -2.625  -14.437 12.067  1.00 30.27 ? 35  GLU A CB  1 
ATOM   238  C CG  . GLU A 1 36  ? -1.684  -13.840 13.112  1.00 21.57 ? 35  GLU A CG  1 
ATOM   239  C CD  . GLU A 1 36  ? -0.633  -12.887 12.548  1.00 26.49 ? 35  GLU A CD  1 
ATOM   240  O OE1 . GLU A 1 36  ? 0.281   -12.450 13.281  1.00 36.83 ? 35  GLU A OE1 1 
ATOM   241  O OE2 . GLU A 1 36  ? -0.742  -12.549 11.355  1.00 38.72 ? 35  GLU A OE2 1 
ATOM   242  N N   . ARG A 1 37  ? -3.729  -16.890 10.233  1.00 20.53 ? 36  ARG A N   1 
ATOM   243  C CA  . ARG A 1 37  ? -4.808  -17.119 9.283   1.00 26.53 ? 36  ARG A CA  1 
ATOM   244  C C   . ARG A 1 37  ? -5.698  -15.881 9.245   1.00 28.99 ? 36  ARG A C   1 
ATOM   245  O O   . ARG A 1 37  ? -6.172  -15.427 10.301  1.00 31.77 ? 36  ARG A O   1 
ATOM   246  C CB  . ARG A 1 37  ? -5.630  -18.361 9.632   1.00 32.06 ? 36  ARG A CB  1 
ATOM   247  C CG  . ARG A 1 37  ? -6.562  -18.799 8.508   1.00 30.93 ? 36  ARG A CG  1 
ATOM   248  C CD  . ARG A 1 37  ? -6.534  -20.305 8.323   1.00 33.83 ? 36  ARG A CD  1 
ATOM   249  N NE  . ARG A 1 37  ? -7.824  -20.857 7.919   1.00 28.84 ? 36  ARG A NE  1 
ATOM   250  C CZ  . ARG A 1 37  ? -7.983  -21.968 7.207   1.00 35.74 ? 36  ARG A CZ  1 
ATOM   251  N NH1 . ARG A 1 37  ? -6.946  -22.660 6.756   1.00 36.56 ? 36  ARG A NH1 1 
ATOM   252  N NH2 . ARG A 1 37  ? -9.214  -22.401 6.946   1.00 16.92 ? 36  ARG A NH2 1 
ATOM   253  N N   . PRO A 1 38  ? -5.936  -15.324 8.072   1.00 35.66 ? 37  PRO A N   1 
ATOM   254  C CA  . PRO A 1 38  ? -6.785  -14.125 7.935   1.00 32.57 ? 37  PRO A CA  1 
ATOM   255  C C   . PRO A 1 38  ? -8.208  -14.396 8.450   1.00 27.86 ? 37  PRO A C   1 
ATOM   256  O O   . PRO A 1 38  ? -8.736  -15.464 8.251   1.00 42.07 ? 37  PRO A O   1 
ATOM   257  C CB  . PRO A 1 38  ? -6.750  -13.874 6.444   1.00 28.48 ? 37  PRO A CB  1 
ATOM   258  C CG  . PRO A 1 38  ? -5.400  -14.371 6.056   1.00 33.91 ? 37  PRO A CG  1 
ATOM   259  C CD  . PRO A 1 38  ? -5.125  -15.571 6.878   1.00 21.18 ? 37  PRO A CD  1 
ATOM   260  N N   . SER A 1 39  ? -8.794  -13.420 9.132   1.00 36.57 ? 38  SER A N   1 
ATOM   261  C CA  . SER A 1 39  ? -10.085 -13.534 9.838   1.00 30.36 ? 38  SER A CA  1 
ATOM   262  C C   . SER A 1 39  ? -10.542 -14.953 10.185  1.00 28.80 ? 38  SER A C   1 
ATOM   263  O O   . SER A 1 39  ? -11.376 -15.151 11.068  1.00 28.56 ? 38  SER A O   1 
ATOM   264  C CB  . SER A 1 39  ? -11.187 -12.834 9.032   1.00 31.85 ? 38  SER A CB  1 
ATOM   265  O OG  . SER A 1 39  ? -11.020 -12.992 7.640   1.00 32.44 ? 38  SER A OG  1 
ATOM   266  N N   . GLU A 1 52  ? -17.694 -7.593  1.219   1.00 48.58 ? 51  GLU A N   1 
ATOM   267  C CA  . GLU A 1 52  ? -17.645 -6.607  0.147   1.00 34.54 ? 51  GLU A CA  1 
ATOM   268  C C   . GLU A 1 52  ? -18.574 -5.432  0.436   1.00 54.39 ? 51  GLU A C   1 
ATOM   269  O O   . GLU A 1 52  ? -19.797 -5.562  0.341   1.00 53.65 ? 51  GLU A O   1 
ATOM   270  C CB  . GLU A 1 52  ? -18.013 -7.250  -1.191  1.00 35.94 ? 51  GLU A CB  1 
ATOM   271  C CG  . GLU A 1 52  ? -17.982 -6.293  -2.370  1.00 38.60 ? 51  GLU A CG  1 
ATOM   272  C CD  . GLU A 1 52  ? -16.612 -5.680  -2.588  1.00 41.48 ? 51  GLU A CD  1 
ATOM   273  O OE1 . GLU A 1 52  ? -15.684 -6.007  -1.817  1.00 42.82 ? 51  GLU A OE1 1 
ATOM   274  O OE2 . GLU A 1 52  ? -16.463 -4.872  -3.528  1.00 32.11 ? 51  GLU A OE2 1 
ATOM   275  N N   . PRO A 1 53  ? -17.991 -4.277  0.760   1.00 44.13 ? 52  PRO A N   1 
ATOM   276  C CA  . PRO A 1 53  ? -18.747 -3.068  1.094   1.00 43.09 ? 52  PRO A CA  1 
ATOM   277  C C   . PRO A 1 53  ? -18.896 -2.061  -0.053  1.00 39.38 ? 52  PRO A C   1 
ATOM   278  O O   . PRO A 1 53  ? -17.983 -1.931  -0.856  1.00 37.02 ? 52  PRO A O   1 
ATOM   279  C CB  . PRO A 1 53  ? -17.927 -2.471  2.242   1.00 34.39 ? 52  PRO A CB  1 
ATOM   280  C CG  . PRO A 1 53  ? -16.541 -3.019  2.086   1.00 31.04 ? 52  PRO A CG  1 
ATOM   281  C CD  . PRO A 1 53  ? -16.559 -4.110  1.053   1.00 31.70 ? 52  PRO A CD  1 
ATOM   282  N N   . ALA A 1 54  ? -20.029 -1.368  -0.125  1.00 37.30 ? 53  ALA A N   1 
ATOM   283  C CA  . ALA A 1 54  ? -20.247 -0.418  -1.213  1.00 42.02 ? 53  ALA A CA  1 
ATOM   284  C C   . ALA A 1 54  ? -19.207 0.703   -1.232  1.00 37.23 ? 53  ALA A C   1 
ATOM   285  O O   . ALA A 1 54  ? -19.007 1.342   -2.274  1.00 26.92 ? 53  ALA A O   1 
ATOM   286  C CB  . ALA A 1 54  ? -21.661 0.164   -1.104  1.00 34.15 ? 53  ALA A CB  1 
ATOM   287  N N   . ARG A 1 55  ? -18.533 0.943   -0.111  1.00 39.45 ? 54  ARG A N   1 
ATOM   288  C CA  . ARG A 1 55  ? -17.663 2.099   0.057   1.00 37.50 ? 54  ARG A CA  1 
ATOM   289  C C   . ARG A 1 55  ? -16.587 1.713   1.066   1.00 27.68 ? 54  ARG A C   1 
ATOM   290  O O   . ARG A 1 55  ? -16.905 1.147   2.113   1.00 27.25 ? 54  ARG A O   1 
ATOM   291  C CB  . ARG A 1 55  ? -18.466 3.305   0.573   1.00 41.44 ? 54  ARG A CB  1 
ATOM   292  C CG  . ARG A 1 55  ? -18.057 4.676   0.072   1.00 26.33 ? 54  ARG A CG  1 
ATOM   293  C CD  . ARG A 1 55  ? -19.185 5.701   0.306   1.00 26.47 ? 54  ARG A CD  1 
ATOM   294  N NE  . ARG A 1 55  ? -18.643 7.057   0.399   1.00 42.88 ? 54  ARG A NE  1 
ATOM   295  C CZ  . ARG A 1 55  ? -18.602 7.797   1.500   1.00 35.52 ? 54  ARG A CZ  1 
ATOM   296  N NH1 . ARG A 1 55  ? -19.173 7.409   2.631   1.00 28.33 ? 54  ARG A NH1 1 
ATOM   297  N NH2 . ARG A 1 55  ? -17.962 8.962   1.473   1.00 18.66 ? 54  ARG A NH2 1 
ATOM   298  N N   . VAL A 1 56  ? -15.324 2.004   0.767   1.00 24.15 ? 55  VAL A N   1 
ATOM   299  C CA  . VAL A 1 56  ? -14.284 1.862   1.779   1.00 26.98 ? 55  VAL A CA  1 
ATOM   300  C C   . VAL A 1 56  ? -13.489 3.151   1.818   1.00 24.34 ? 55  VAL A C   1 
ATOM   301  O O   . VAL A 1 56  ? -13.479 3.931   0.861   1.00 26.02 ? 55  VAL A O   1 
ATOM   302  C CB  . VAL A 1 56  ? -13.335 0.656   1.557   1.00 19.45 ? 55  VAL A CB  1 
ATOM   303  C CG1 . VAL A 1 56  ? -14.091 -0.656  1.661   1.00 20.65 ? 55  VAL A CG1 1 
ATOM   304  C CG2 . VAL A 1 56  ? -12.621 0.764   0.227   1.00 21.62 ? 55  VAL A CG2 1 
ATOM   305  N N   . ARG A 1 57  ? -12.836 3.378   2.960   1.00 20.76 ? 56  ARG A N   1 
ATOM   306  C CA  . ARG A 1 57  ? -12.023 4.563   3.164   1.00 18.33 ? 56  ARG A CA  1 
ATOM   307  C C   . ARG A 1 57  ? -10.558 4.222   3.370   1.00 10.12 ? 56  ARG A C   1 
ATOM   308  O O   . ARG A 1 57  ? -10.200 3.461   4.272   1.00 11.50 ? 56  ARG A O   1 
ATOM   309  C CB  . ARG A 1 57  ? -12.486 5.362   4.363   1.00 20.43 ? 56  ARG A CB  1 
ATOM   310  C CG  . ARG A 1 57  ? -11.884 6.729   4.344   1.00 17.68 ? 56  ARG A CG  1 
ATOM   311  C CD  . ARG A 1 57  ? -12.087 7.352   5.669   1.00 19.73 ? 56  ARG A CD  1 
ATOM   312  N NE  . ARG A 1 57  ? -11.626 8.727   5.718   1.00 17.72 ? 56  ARG A NE  1 
ATOM   313  C CZ  . ARG A 1 57  ? -11.777 9.485   6.791   1.00 25.28 ? 56  ARG A CZ  1 
ATOM   314  N NH1 . ARG A 1 57  ? -12.347 9.007   7.881   1.00 10.72 ? 56  ARG A NH1 1 
ATOM   315  N NH2 . ARG A 1 57  ? -11.320 10.734  6.778   1.00 16.42 ? 56  ARG A NH2 1 
ATOM   316  N N   . CYS A 1 58  ? -9.702  4.866   2.601   1.00 13.31 ? 57  CYS A N   1 
ATOM   317  C CA  . CYS A 1 58  ? -8.312  4.486   2.612   1.00 9.05  ? 57  CYS A CA  1 
ATOM   318  C C   . CYS A 1 58  ? -7.440  5.705   2.841   1.00 12.72 ? 57  CYS A C   1 
ATOM   319  O O   . CYS A 1 58  ? -7.845  6.847   2.623   1.00 12.42 ? 57  CYS A O   1 
ATOM   320  C CB  . CYS A 1 58  ? -7.950  3.777   1.314   1.00 9.33  ? 57  CYS A CB  1 
ATOM   321  S SG  . CYS A 1 58  ? -8.700  2.133   1.231   1.00 19.19 ? 57  CYS A SG  1 
ATOM   322  N N   . SER A 1 59  ? -6.255  5.434   3.365   1.00 11.80 ? 58  SER A N   1 
ATOM   323  C CA  . SER A 1 59  ? -5.101  6.294   3.203   1.00 10.15 ? 58  SER A CA  1 
ATOM   324  C C   . SER A 1 59  ? -4.078  5.496   2.408   1.00 9.55  ? 58  SER A C   1 
ATOM   325  O O   . SER A 1 59  ? -4.162  4.272   2.315   1.00 10.01 ? 58  SER A O   1 
ATOM   326  C CB  . SER A 1 59  ? -4.540  6.732   4.548   1.00 11.65 ? 58  SER A CB  1 
ATOM   327  O OG  . SER A 1 59  ? -5.563  7.369   5.295   1.00 12.50 ? 58  SER A OG  1 
ATOM   328  N N   . HIS A 1 60  ? -3.138  6.187   1.790   1.00 7.41  ? 59  HIS A N   1 
ATOM   329  C CA  . HIS A 1 60  ? -2.118  5.477   1.042   1.00 13.39 ? 59  HIS A CA  1 
ATOM   330  C C   . HIS A 1 60  ? -0.829  6.256   1.116   1.00 13.89 ? 59  HIS A C   1 
ATOM   331  O O   . HIS A 1 60  ? -0.827  7.467   1.395   1.00 7.69  ? 59  HIS A O   1 
ATOM   332  C CB  . HIS A 1 60  ? -2.526  5.224   -0.418  1.00 9.66  ? 59  HIS A CB  1 
ATOM   333  C CG  . HIS A 1 60  ? -2.362  6.409   -1.308  1.00 17.62 ? 59  HIS A CG  1 
ATOM   334  N ND1 . HIS A 1 60  ? -1.911  6.307   -2.608  1.00 20.77 ? 59  HIS A ND1 1 
ATOM   335  C CD2 . HIS A 1 60  ? -2.657  7.715   -1.112  1.00 17.52 ? 59  HIS A CD2 1 
ATOM   336  C CE1 . HIS A 1 60  ? -1.876  7.513   -3.152  1.00 17.53 ? 59  HIS A CE1 1 
ATOM   337  N NE2 . HIS A 1 60  ? -2.346  8.381   -2.271  1.00 17.40 ? 59  HIS A NE2 1 
ATOM   338  N N   . LEU A 1 61  ? 0.272   5.538   0.928   1.00 12.64 ? 60  LEU A N   1 
ATOM   339  C CA  . LEU A 1 61  ? 1.590   6.140   0.846   1.00 10.70 ? 60  LEU A CA  1 
ATOM   340  C C   . LEU A 1 61  ? 2.120   5.806   -0.535  1.00 17.68 ? 60  LEU A C   1 
ATOM   341  O O   . LEU A 1 61  ? 2.181   4.632   -0.923  1.00 21.87 ? 60  LEU A O   1 
ATOM   342  C CB  . LEU A 1 61  ? 2.554   5.634   1.951   1.00 8.21  ? 60  LEU A CB  1 
ATOM   343  C CG  . LEU A 1 61  ? 3.867   6.436   2.161   1.00 9.14  ? 60  LEU A CG  1 
ATOM   344  C CD1 . LEU A 1 61  ? 4.502   6.265   3.579   1.00 8.87  ? 60  LEU A CD1 1 
ATOM   345  C CD2 . LEU A 1 61  ? 4.931   6.191   1.083   1.00 12.93 ? 60  LEU A CD2 1 
ATOM   346  N N   . LEU A 1 62  ? 2.492   6.838   -1.281  1.00 22.37 ? 61  LEU A N   1 
ATOM   347  C CA  . LEU A 1 62  ? 2.882   6.710   -2.674  1.00 20.31 ? 61  LEU A CA  1 
ATOM   348  C C   . LEU A 1 62  ? 4.347   7.072   -2.824  1.00 17.17 ? 61  LEU A C   1 
ATOM   349  O O   . LEU A 1 62  ? 4.814   8.067   -2.247  1.00 7.97  ? 61  LEU A O   1 
ATOM   350  C CB  . LEU A 1 62  ? 2.005   7.604   -3.561  1.00 22.49 ? 61  LEU A CB  1 
ATOM   351  C CG  . LEU A 1 62  ? 2.415   7.796   -5.017  1.00 22.39 ? 61  LEU A CG  1 
ATOM   352  C CD1 . LEU A 1 62  ? 3.030   6.515   -5.559  1.00 17.46 ? 61  LEU A CD1 1 
ATOM   353  C CD2 . LEU A 1 62  ? 1.206   8.252   -5.863  1.00 17.48 ? 61  LEU A CD2 1 
ATOM   354  N N   . VAL A 1 63  ? 5.066   6.255   -3.591  1.00 16.26 ? 62  VAL A N   1 
ATOM   355  C CA  . VAL A 1 63  ? 6.477   6.464   -3.893  1.00 8.66  ? 62  VAL A CA  1 
ATOM   356  C C   . VAL A 1 63  ? 6.611   6.326   -5.388  1.00 9.33  ? 62  VAL A C   1 
ATOM   357  O O   . VAL A 1 63  ? 6.528   5.216   -5.925  1.00 14.82 ? 62  VAL A O   1 
ATOM   358  C CB  . VAL A 1 63  ? 7.393   5.477   -3.176  1.00 10.78 ? 62  VAL A CB  1 
ATOM   359  C CG1 . VAL A 1 63  ? 8.822   5.696   -3.622  1.00 4.09  ? 62  VAL A CG1 1 
ATOM   360  C CG2 . VAL A 1 63  ? 7.268   5.671   -1.683  1.00 12.89 ? 62  VAL A CG2 1 
ATOM   361  N N   . LYS A 1 64  ? 6.799   7.445   -6.062  1.00 14.19 ? 63  LYS A N   1 
ATOM   362  C CA  . LYS A 1 64  ? 6.872   7.396   -7.504  1.00 13.46 ? 63  LYS A CA  1 
ATOM   363  C C   . LYS A 1 64  ? 8.261   6.969   -7.934  1.00 12.61 ? 63  LYS A C   1 
ATOM   364  O O   . LYS A 1 64  ? 9.165   6.766   -7.117  1.00 12.35 ? 63  LYS A O   1 
ATOM   365  C CB  . LYS A 1 64  ? 6.504   8.755   -8.087  1.00 12.37 ? 63  LYS A CB  1 
ATOM   366  C CG  . LYS A 1 64  ? 5.111   9.185   -7.658  1.00 13.80 ? 63  LYS A CG  1 
ATOM   367  C CD  . LYS A 1 64  ? 4.619   10.323  -8.505  1.00 13.87 ? 63  LYS A CD  1 
ATOM   368  C CE  . LYS A 1 64  ? 3.108   10.425  -8.574  1.00 18.47 ? 63  LYS A CE  1 
ATOM   369  N NZ  . LYS A 1 64  ? 2.788   11.733  -9.206  1.00 16.67 ? 63  LYS A NZ  1 
ATOM   370  N N   . HIS A 1 65  ? 8.405   6.816   -9.245  1.00 15.89 ? 64  HIS A N   1 
ATOM   371  C CA  . HIS A 1 65  ? 9.654   6.445   -9.887  1.00 16.38 ? 64  HIS A CA  1 
ATOM   372  C C   . HIS A 1 65  ? 9.627   7.000   -11.299 1.00 21.53 ? 64  HIS A C   1 
ATOM   373  O O   . HIS A 1 65  ? 8.611   7.521   -11.761 1.00 17.92 ? 64  HIS A O   1 
ATOM   374  C CB  . HIS A 1 65  ? 9.838   4.939   -9.942  1.00 19.81 ? 64  HIS A CB  1 
ATOM   375  C CG  . HIS A 1 65  ? 8.594   4.225   -10.343 1.00 17.02 ? 64  HIS A CG  1 
ATOM   376  N ND1 . HIS A 1 65  ? 8.106   4.242   -11.629 1.00 26.08 ? 64  HIS A ND1 1 
ATOM   377  C CD2 . HIS A 1 65  ? 7.737   3.465   -9.626  1.00 19.08 ? 64  HIS A CD2 1 
ATOM   378  C CE1 . HIS A 1 65  ? 6.987   3.543   -11.685 1.00 17.36 ? 64  HIS A CE1 1 
ATOM   379  N NE2 . HIS A 1 65  ? 6.746   3.052   -10.486 1.00 15.83 ? 64  HIS A NE2 1 
ATOM   380  N N   . SER A 1 66  ? 10.740  6.842   -12.004 1.00 25.14 ? 65  SER A N   1 
ATOM   381  C CA  . SER A 1 66  ? 10.872  7.516   -13.285 1.00 19.29 ? 65  SER A CA  1 
ATOM   382  C C   . SER A 1 66  ? 9.917   6.952   -14.330 1.00 22.64 ? 65  SER A C   1 
ATOM   383  O O   . SER A 1 66  ? 9.646   7.625   -15.332 1.00 25.25 ? 65  SER A O   1 
ATOM   384  C CB  . SER A 1 66  ? 12.318  7.430   -13.794 1.00 36.48 ? 65  SER A CB  1 
ATOM   385  O OG  . SER A 1 66  ? 12.681  6.095   -14.155 1.00 30.32 ? 65  SER A OG  1 
ATOM   386  N N   . GLN A 1 67  ? 9.413   5.724   -14.143 1.00 21.81 ? 66  GLN A N   1 
ATOM   387  C CA  . GLN A 1 67  ? 8.364   5.224   -15.026 1.00 24.57 ? 66  GLN A CA  1 
ATOM   388  C C   . GLN A 1 67  ? 6.968   5.475   -14.455 1.00 26.12 ? 66  GLN A C   1 
ATOM   389  O O   . GLN A 1 67  ? 5.991   4.877   -14.925 1.00 29.36 ? 66  GLN A O   1 
ATOM   390  C CB  . GLN A 1 67  ? 8.564   3.734   -15.354 1.00 25.05 ? 66  GLN A CB  1 
ATOM   391  C CG  . GLN A 1 67  ? 9.990   3.193   -15.304 1.00 14.82 ? 66  GLN A CG  1 
ATOM   392  C CD  . GLN A 1 67  ? 10.062  1.713   -15.769 1.00 26.71 ? 66  GLN A CD  1 
ATOM   393  O OE1 . GLN A 1 67  ? 9.040   1.005   -15.837 1.00 21.59 ? 66  GLN A OE1 1 
ATOM   394  N NE2 . GLN A 1 67  ? 11.276  1.240   -16.044 1.00 21.18 ? 66  GLN A NE2 1 
ATOM   395  N N   . SER A 1 68  ? 6.852   6.362   -13.468 1.00 19.12 ? 67  SER A N   1 
ATOM   396  C CA  . SER A 1 68  ? 5.541   6.781   -13.007 1.00 13.51 ? 67  SER A CA  1 
ATOM   397  C C   . SER A 1 68  ? 4.897   7.681   -14.051 1.00 21.20 ? 67  SER A C   1 
ATOM   398  O O   . SER A 1 68  ? 5.569   8.460   -14.724 1.00 24.44 ? 67  SER A O   1 
ATOM   399  C CB  . SER A 1 68  ? 5.648   7.530   -11.685 1.00 14.44 ? 67  SER A CB  1 
ATOM   400  O OG  . SER A 1 68  ? 5.941   6.626   -10.641 1.00 20.02 ? 67  SER A OG  1 
ATOM   401  N N   . ARG A 1 69  ? 3.588   7.594   -14.087 1.00 17.71 ? 68  ARG A N   1 
ATOM   402  C CA  . ARG A 1 69  ? 2.754   8.295   -15.057 1.00 20.31 ? 68  ARG A CA  1 
ATOM   403  C C   . ARG A 1 69  ? 3.089   9.757   -15.030 1.00 22.07 ? 68  ARG A C   1 
ATOM   404  O O   . ARG A 1 69  ? 3.153   10.330  -16.033 1.00 25.67 ? 68  ARG A O   1 
ATOM   405  C CB  . ARG A 1 69  ? 1.305   8.063   -14.713 1.00 25.69 ? 68  ARG A CB  1 
ATOM   406  C CG  . ARG A 1 69  ? 0.271   8.826   -15.455 1.00 29.65 ? 68  ARG A CG  1 
ATOM   407  C CD  . ARG A 1 69  ? -1.103  8.246   -15.146 1.00 32.10 ? 68  ARG A CD  1 
ATOM   408  N NE  . ARG A 1 69  ? -1.505  8.162   -13.736 1.00 43.20 ? 68  ARG A NE  1 
ATOM   409  C CZ  . ARG A 1 69  ? -2.163  9.110   -13.060 1.00 44.37 ? 68  ARG A CZ  1 
ATOM   410  N NH1 . ARG A 1 69  ? -2.492  10.261  -13.629 1.00 51.11 ? 68  ARG A NH1 1 
ATOM   411  N NH2 . ARG A 1 69  ? -2.514  8.909   -11.808 1.00 45.67 ? 68  ARG A NH2 1 
ATOM   412  N N   . ARG A 1 70  ? 3.324   10.337  -13.873 1.00 26.33 ? 69  ARG A N   1 
ATOM   413  C CA  . ARG A 1 70  ? 3.700   11.726  -13.747 1.00 26.97 ? 69  ARG A CA  1 
ATOM   414  C C   . ARG A 1 70  ? 4.871   11.725  -12.788 1.00 30.71 ? 69  ARG A C   1 
ATOM   415  O O   . ARG A 1 70  ? 4.665   11.694  -11.554 1.00 28.27 ? 69  ARG A O   1 
ATOM   416  C CB  . ARG A 1 70  ? 2.543   12.472  -13.129 1.00 33.45 ? 69  ARG A CB  1 
ATOM   417  C CG  . ARG A 1 70  ? 2.587   13.982  -13.175 1.00 44.49 ? 69  ARG A CG  1 
ATOM   418  C CD  . ARG A 1 70  ? 1.302   14.531  -12.571 1.00 41.71 ? 69  ARG A CD  1 
ATOM   419  N NE  . ARG A 1 70  ? 1.485   14.978  -11.207 1.00 46.89 ? 69  ARG A NE  1 
ATOM   420  C CZ  . ARG A 1 70  ? 2.318   15.935  -10.834 1.00 45.46 ? 69  ARG A CZ  1 
ATOM   421  N NH1 . ARG A 1 70  ? 3.015   16.575  -11.742 1.00 42.47 ? 69  ARG A NH1 1 
ATOM   422  N NH2 . ARG A 1 70  ? 2.451   16.246  -9.549  1.00 36.09 ? 69  ARG A NH2 1 
ATOM   423  N N   . PRO A 1 71  ? 6.124   11.783  -13.363 1.00 17.64 ? 70  PRO A N   1 
ATOM   424  C CA  . PRO A 1 71  ? 7.220   11.702  -12.396 1.00 12.04 ? 70  PRO A CA  1 
ATOM   425  C C   . PRO A 1 71  ? 7.588   12.945  -11.625 1.00 19.25 ? 70  PRO A C   1 
ATOM   426  O O   . PRO A 1 71  ? 8.740   13.262  -11.405 1.00 14.76 ? 70  PRO A O   1 
ATOM   427  C CB  . PRO A 1 71  ? 8.386   11.308  -13.259 1.00 26.06 ? 70  PRO A CB  1 
ATOM   428  C CG  . PRO A 1 71  ? 8.148   12.055  -14.504 1.00 16.29 ? 70  PRO A CG  1 
ATOM   429  C CD  . PRO A 1 71  ? 6.736   11.698  -14.759 1.00 22.85 ? 70  PRO A CD  1 
ATOM   430  N N   . SER A 1 72  ? 6.566   13.595  -11.126 1.00 20.20 ? 71  SER A N   1 
ATOM   431  C CA  . SER A 1 72  ? 6.748   14.763  -10.331 1.00 19.30 ? 71  SER A CA  1 
ATOM   432  C C   . SER A 1 72  ? 5.871   14.664  -9.110  1.00 21.48 ? 71  SER A C   1 
ATOM   433  O O   . SER A 1 72  ? 4.838   14.037  -9.133  1.00 21.54 ? 71  SER A O   1 
ATOM   434  C CB  . SER A 1 72  ? 6.320   15.959  -11.125 1.00 16.45 ? 71  SER A CB  1 
ATOM   435  O OG  . SER A 1 72  ? 7.022   17.116  -10.802 1.00 19.63 ? 71  SER A OG  1 
ATOM   436  N N   . SER A 1 73  ? 6.315   15.296  -8.042  1.00 32.04 ? 72  SER A N   1 
ATOM   437  C CA  . SER A 1 73  ? 5.503   15.418  -6.837  1.00 34.20 ? 72  SER A CA  1 
ATOM   438  C C   . SER A 1 73  ? 5.918   16.652  -6.045  1.00 29.44 ? 72  SER A C   1 
ATOM   439  O O   . SER A 1 73  ? 6.979   17.239  -6.268  1.00 27.45 ? 72  SER A O   1 
ATOM   440  C CB  . SER A 1 73  ? 5.621   14.193  -5.936  1.00 19.07 ? 72  SER A CB  1 
ATOM   441  O OG  . SER A 1 73  ? 6.808   14.262  -5.169  1.00 19.01 ? 72  SER A OG  1 
ATOM   442  N N   . TRP A 1 74  ? 5.061   17.025  -5.089  1.00 30.73 ? 73  TRP A N   1 
ATOM   443  C CA  . TRP A 1 74  ? 5.347   18.139  -4.192  1.00 23.02 ? 73  TRP A CA  1 
ATOM   444  C C   . TRP A 1 74  ? 6.676   17.961  -3.476  1.00 30.51 ? 73  TRP A C   1 
ATOM   445  O O   . TRP A 1 74  ? 7.256   18.946  -3.007  1.00 32.87 ? 73  TRP A O   1 
ATOM   446  C CB  . TRP A 1 74  ? 4.216   18.275  -3.164  1.00 15.02 ? 73  TRP A CB  1 
ATOM   447  C CG  . TRP A 1 74  ? 3.971   17.005  -2.367  1.00 22.80 ? 73  TRP A CG  1 
ATOM   448  C CD1 . TRP A 1 74  ? 3.185   15.950  -2.733  1.00 22.14 ? 73  TRP A CD1 1 
ATOM   449  C CD2 . TRP A 1 74  ? 4.514   16.668  -1.073  1.00 25.75 ? 73  TRP A CD2 1 
ATOM   450  N NE1 . TRP A 1 74  ? 3.200   14.981  -1.746  1.00 26.24 ? 73  TRP A NE1 1 
ATOM   451  C CE2 . TRP A 1 74  ? 4.003   15.396  -0.722  1.00 18.04 ? 73  TRP A CE2 1 
ATOM   452  C CE3 . TRP A 1 74  ? 5.368   17.322  -0.178  1.00 35.72 ? 73  TRP A CE3 1 
ATOM   453  C CZ2 . TRP A 1 74  ? 4.321   14.765  0.471   1.00 22.24 ? 73  TRP A CZ2 1 
ATOM   454  C CZ3 . TRP A 1 74  ? 5.688   16.690  1.011   1.00 35.96 ? 73  TRP A CZ3 1 
ATOM   455  C CH2 . TRP A 1 74  ? 5.167   15.416  1.323   1.00 17.35 ? 73  TRP A CH2 1 
ATOM   456  N N   . ARG A 1 75  ? 7.151   16.721  -3.369  1.00 23.59 ? 74  ARG A N   1 
ATOM   457  C CA  . ARG A 1 75  ? 8.416   16.421  -2.716  1.00 28.29 ? 74  ARG A CA  1 
ATOM   458  C C   . ARG A 1 75  ? 9.616   16.715  -3.591  1.00 26.28 ? 74  ARG A C   1 
ATOM   459  O O   . ARG A 1 75  ? 10.709  16.944  -3.064  1.00 32.58 ? 74  ARG A O   1 
ATOM   460  C CB  . ARG A 1 75  ? 8.478   14.945  -2.335  1.00 20.81 ? 74  ARG A CB  1 
ATOM   461  C CG  . ARG A 1 75  ? 7.217   14.377  -1.782  1.00 26.22 ? 74  ARG A CG  1 
ATOM   462  C CD  . ARG A 1 75  ? 7.556   13.389  -0.690  1.00 13.23 ? 74  ARG A CD  1 
ATOM   463  N NE  . ARG A 1 75  ? 8.541   13.891  0.248   1.00 17.37 ? 74  ARG A NE  1 
ATOM   464  C CZ  . ARG A 1 75  ? 9.788   13.445  0.325   1.00 21.76 ? 74  ARG A CZ  1 
ATOM   465  N NH1 . ARG A 1 75  ? 10.211  12.417  -0.381  1.00 13.91 ? 74  ARG A NH1 1 
ATOM   466  N NH2 . ARG A 1 75  ? 10.630  14.018  1.167   1.00 30.71 ? 74  ARG A NH2 1 
ATOM   467  N N   . GLN A 1 76  ? 9.437   16.712  -4.908  1.00 22.34 ? 75  GLN A N   1 
ATOM   468  C CA  . GLN A 1 76  ? 10.573  16.617  -5.806  1.00 24.09 ? 75  GLN A CA  1 
ATOM   469  C C   . GLN A 1 76  ? 10.150  16.842  -7.250  1.00 24.36 ? 75  GLN A C   1 
ATOM   470  O O   . GLN A 1 76  ? 9.463   16.010  -7.851  1.00 22.34 ? 75  GLN A O   1 
ATOM   471  C CB  . GLN A 1 76  ? 11.248  15.259  -5.607  1.00 26.40 ? 75  GLN A CB  1 
ATOM   472  C CG  . GLN A 1 76  ? 12.680  15.188  -5.993  1.00 26.70 ? 75  GLN A CG  1 
ATOM   473  C CD  . GLN A 1 76  ? 13.199  13.770  -6.040  1.00 45.24 ? 75  GLN A CD  1 
ATOM   474  O OE1 . GLN A 1 76  ? 13.652  13.223  -5.024  1.00 36.80 ? 75  GLN A OE1 1 
ATOM   475  N NE2 . GLN A 1 76  ? 13.076  13.135  -7.213  1.00 26.57 ? 75  GLN A NE2 1 
ATOM   476  N N   . GLU A 1 77  ? 10.545  17.992  -7.797  1.00 24.97 ? 76  GLU A N   1 
ATOM   477  C CA  . GLU A 1 77  ? 10.152  18.367  -9.152  1.00 25.83 ? 76  GLU A CA  1 
ATOM   478  C C   . GLU A 1 77  ? 10.401  17.235  -10.146 1.00 21.91 ? 76  GLU A C   1 
ATOM   479  O O   . GLU A 1 77  ? 9.496   16.832  -10.886 1.00 12.78 ? 76  GLU A O   1 
ATOM   480  C CB  . GLU A 1 77  ? 10.894  19.649  -9.559  1.00 26.70 ? 76  GLU A CB  1 
ATOM   481  C CG  . GLU A 1 77  ? 10.407  20.282  -10.874 1.00 30.14 ? 76  GLU A CG  1 
ATOM   482  C CD  . GLU A 1 77  ? 10.688  21.786  -10.971 1.00 32.27 ? 76  GLU A CD  1 
ATOM   483  O OE1 . GLU A 1 77  ? 11.601  22.289  -10.277 1.00 32.12 ? 76  GLU A OE1 1 
ATOM   484  O OE2 . GLU A 1 77  ? 9.967   22.472  -11.729 1.00 26.45 ? 76  GLU A OE2 1 
ATOM   485  N N   . LYS A 1 78  ? 11.612  16.686  -10.159 1.00 26.27 ? 77  LYS A N   1 
ATOM   486  C CA  . LYS A 1 78  ? 11.977  15.609  -11.070 1.00 26.56 ? 77  LYS A CA  1 
ATOM   487  C C   . LYS A 1 78  ? 12.325  14.371  -10.253 1.00 20.90 ? 77  LYS A C   1 
ATOM   488  O O   . LYS A 1 78  ? 13.409  14.292  -9.666  1.00 31.17 ? 77  LYS A O   1 
ATOM   489  C CB  . LYS A 1 78  ? 13.153  16.013  -11.960 1.00 28.36 ? 77  LYS A CB  1 
ATOM   490  C CG  . LYS A 1 78  ? 13.557  14.903  -12.941 1.00 38.21 ? 77  LYS A CG  1 
ATOM   491  C CD  . LYS A 1 78  ? 14.766  15.263  -13.821 1.00 34.96 ? 77  LYS A CD  1 
ATOM   492  C CE  . LYS A 1 78  ? 14.861  14.311  -15.030 1.00 47.94 ? 77  LYS A CE  1 
ATOM   493  N NZ  . LYS A 1 78  ? 13.620  13.489  -15.255 1.00 41.25 ? 77  LYS A NZ  1 
ATOM   494  N N   . ILE A 1 79  ? 11.411  13.406  -10.221 1.00 21.21 ? 78  ILE A N   1 
ATOM   495  C CA  . ILE A 1 79  ? 11.652  12.148  -9.521  1.00 19.02 ? 78  ILE A CA  1 
ATOM   496  C C   . ILE A 1 79  ? 12.555  11.269  -10.380 1.00 23.34 ? 78  ILE A C   1 
ATOM   497  O O   . ILE A 1 79  ? 12.202  10.895  -11.504 1.00 21.52 ? 78  ILE A O   1 
ATOM   498  C CB  . ILE A 1 79  ? 10.327  11.456  -9.172  1.00 19.38 ? 78  ILE A CB  1 
ATOM   499  C CG1 . ILE A 1 79  ? 9.766   12.096  -7.897  1.00 26.68 ? 78  ILE A CG1 1 
ATOM   500  C CG2 . ILE A 1 79  ? 10.477  9.954   -9.035  1.00 23.86 ? 78  ILE A CG2 1 
ATOM   501  C CD1 . ILE A 1 79  ? 8.298   12.129  -7.837  1.00 15.60 ? 78  ILE A CD1 1 
ATOM   502  N N   . THR A 1 80  ? 13.733  10.950  -9.850  1.00 28.18 ? 79  THR A N   1 
ATOM   503  C CA  . THR A 1 80  ? 14.791  10.262  -10.575 1.00 25.85 ? 79  THR A CA  1 
ATOM   504  C C   . THR A 1 80  ? 15.044  8.830   -10.120 1.00 27.77 ? 79  THR A C   1 
ATOM   505  O O   . THR A 1 80  ? 15.718  8.080   -10.835 1.00 39.16 ? 79  THR A O   1 
ATOM   506  C CB  . THR A 1 80  ? 16.092  11.067  -10.444 1.00 41.00 ? 79  THR A CB  1 
ATOM   507  O OG1 . THR A 1 80  ? 16.577  11.004  -9.088  1.00 36.54 ? 79  THR A OG1 1 
ATOM   508  C CG2 . THR A 1 80  ? 15.849  12.531  -10.824 1.00 22.58 ? 79  THR A CG2 1 
ATOM   509  N N   . ARG A 1 81  ? 14.543  8.446   -8.951  1.00 25.58 ? 80  ARG A N   1 
ATOM   510  C CA  . ARG A 1 81  ? 14.661  7.083   -8.457  1.00 25.11 ? 80  ARG A CA  1 
ATOM   511  C C   . ARG A 1 81  ? 14.009  6.098   -9.422  1.00 24.06 ? 80  ARG A C   1 
ATOM   512  O O   . ARG A 1 81  ? 13.094  6.443   -10.172 1.00 26.04 ? 80  ARG A O   1 
ATOM   513  C CB  . ARG A 1 81  ? 14.017  7.005   -7.078  1.00 28.52 ? 80  ARG A CB  1 
ATOM   514  C CG  . ARG A 1 81  ? 12.506  6.913   -7.126  1.00 16.44 ? 80  ARG A CG  1 
ATOM   515  C CD  . ARG A 1 81  ? 11.963  6.649   -5.761  1.00 10.52 ? 80  ARG A CD  1 
ATOM   516  N NE  . ARG A 1 81  ? 12.182  7.761   -4.849  1.00 11.26 ? 80  ARG A NE  1 
ATOM   517  C CZ  . ARG A 1 81  ? 11.289  8.722   -4.648  1.00 19.55 ? 80  ARG A CZ  1 
ATOM   518  N NH1 . ARG A 1 81  ? 10.168  8.776   -5.348  1.00 13.99 ? 80  ARG A NH1 1 
ATOM   519  N NH2 . ARG A 1 81  ? 11.508  9.630   -3.699  1.00 3.73  ? 80  ARG A NH2 1 
ATOM   520  N N   . THR A 1 82  ? 14.514  4.868   -9.426  1.00 23.06 ? 81  THR A N   1 
ATOM   521  C CA  . THR A 1 82  ? 14.037  3.842   -10.342 1.00 27.35 ? 81  THR A CA  1 
ATOM   522  C C   . THR A 1 82  ? 12.824  3.126   -9.759  1.00 28.43 ? 81  THR A C   1 
ATOM   523  O O   . THR A 1 82  ? 12.306  3.483   -8.701  1.00 26.86 ? 81  THR A O   1 
ATOM   524  C CB  . THR A 1 82  ? 15.131  2.811   -10.629 1.00 23.53 ? 81  THR A CB  1 
ATOM   525  O OG1 . THR A 1 82  ? 15.561  2.207   -9.402  1.00 18.53 ? 81  THR A OG1 1 
ATOM   526  C CG2 . THR A 1 82  ? 16.331  3.470   -11.294 1.00 31.33 ? 81  THR A CG2 1 
ATOM   527  N N   . LYS A 1 83  ? 12.381  2.076   -10.456 1.00 22.27 ? 82  LYS A N   1 
ATOM   528  C CA  . LYS A 1 83  ? 11.259  1.289   -9.958  1.00 22.66 ? 82  LYS A CA  1 
ATOM   529  C C   . LYS A 1 83  ? 11.701  0.332   -8.870  1.00 28.01 ? 82  LYS A C   1 
ATOM   530  O O   . LYS A 1 83  ? 10.929  0.025   -7.962  1.00 22.46 ? 82  LYS A O   1 
ATOM   531  C CB  . LYS A 1 83  ? 10.595  0.509   -11.098 1.00 19.82 ? 82  LYS A CB  1 
ATOM   532  C CG  . LYS A 1 83  ? 9.130   0.875   -11.274 1.00 32.36 ? 82  LYS A CG  1 
ATOM   533  C CD  . LYS A 1 83  ? 8.553   0.543   -12.651 1.00 25.02 ? 82  LYS A CD  1 
ATOM   534  C CE  . LYS A 1 83  ? 8.892   -0.874  -13.116 1.00 39.42 ? 82  LYS A CE  1 
ATOM   535  N NZ  . LYS A 1 83  ? 7.823   -1.376  -14.032 1.00 18.04 ? 82  LYS A NZ  1 
ATOM   536  N N   . GLU A 1 84  ? 12.928  -0.164  -8.951  1.00 30.70 ? 83  GLU A N   1 
ATOM   537  C CA  . GLU A 1 84  ? 13.421  -1.027  -7.891  1.00 24.28 ? 83  GLU A CA  1 
ATOM   538  C C   . GLU A 1 84  ? 13.727  -0.203  -6.643  1.00 22.02 ? 83  GLU A C   1 
ATOM   539  O O   . GLU A 1 84  ? 13.394  -0.616  -5.528  1.00 15.46 ? 83  GLU A O   1 
ATOM   540  C CB  . GLU A 1 84  ? 14.658  -1.800  -8.357  1.00 19.86 ? 83  GLU A CB  1 
ATOM   541  C CG  . GLU A 1 84  ? 14.568  -2.575  -9.723  1.00 29.71 ? 83  GLU A CG  1 
ATOM   542  C CD  . GLU A 1 84  ? 13.954  -1.781  -10.903 1.00 34.20 ? 83  GLU A CD  1 
ATOM   543  O OE1 . GLU A 1 84  ? 13.154  -2.362  -11.673 1.00 33.90 ? 83  GLU A OE1 1 
ATOM   544  O OE2 . GLU A 1 84  ? 14.294  -0.591  -11.091 1.00 36.34 ? 83  GLU A OE2 1 
ATOM   545  N N   . GLU A 1 85  ? 14.350  0.968   -6.812  1.00 18.71 ? 84  GLU A N   1 
ATOM   546  C CA  . GLU A 1 85  ? 14.553  1.869   -5.678  1.00 27.02 ? 84  GLU A CA  1 
ATOM   547  C C   . GLU A 1 85  ? 13.226  2.291   -5.060  1.00 20.60 ? 84  GLU A C   1 
ATOM   548  O O   . GLU A 1 85  ? 13.105  2.374   -3.836  1.00 21.71 ? 84  GLU A O   1 
ATOM   549  C CB  . GLU A 1 85  ? 15.364  3.103   -6.080  1.00 21.16 ? 84  GLU A CB  1 
ATOM   550  C CG  . GLU A 1 85  ? 16.673  2.824   -6.780  1.00 32.54 ? 84  GLU A CG  1 
ATOM   551  C CD  . GLU A 1 85  ? 17.358  4.107   -7.226  1.00 33.62 ? 84  GLU A CD  1 
ATOM   552  O OE1 . GLU A 1 85  ? 18.109  4.685   -6.400  1.00 28.91 ? 84  GLU A OE1 1 
ATOM   553  O OE2 . GLU A 1 85  ? 17.112  4.561   -8.367  1.00 30.64 ? 84  GLU A OE2 1 
ATOM   554  N N   . ALA A 1 86  ? 12.213  2.555   -5.879  1.00 12.58 ? 85  ALA A N   1 
ATOM   555  C CA  . ALA A 1 86  ? 10.909  2.828   -5.301  1.00 14.07 ? 85  ALA A CA  1 
ATOM   556  C C   . ALA A 1 86  ? 10.450  1.670   -4.423  1.00 15.51 ? 85  ALA A C   1 
ATOM   557  O O   . ALA A 1 86  ? 9.791   1.878   -3.408  1.00 18.60 ? 85  ALA A O   1 
ATOM   558  C CB  . ALA A 1 86  ? 9.891   3.118   -6.402  1.00 15.75 ? 85  ALA A CB  1 
ATOM   559  N N   . LEU A 1 87  ? 10.804  0.439   -4.781  1.00 21.83 ? 86  LEU A N   1 
ATOM   560  C CA  . LEU A 1 87  ? 10.303  -0.702  -4.022  1.00 16.31 ? 86  LEU A CA  1 
ATOM   561  C C   . LEU A 1 87  ? 11.041  -0.849  -2.702  1.00 14.46 ? 86  LEU A C   1 
ATOM   562  O O   . LEU A 1 87  ? 10.443  -1.209  -1.676  1.00 14.37 ? 86  LEU A O   1 
ATOM   563  C CB  . LEU A 1 87  ? 10.428  -1.985  -4.848  1.00 17.73 ? 86  LEU A CB  1 
ATOM   564  C CG  . LEU A 1 87  ? 9.664   -3.201  -4.326  1.00 13.47 ? 86  LEU A CG  1 
ATOM   565  C CD1 . LEU A 1 87  ? 8.161   -2.989  -4.472  1.00 8.55  ? 86  LEU A CD1 1 
ATOM   566  C CD2 . LEU A 1 87  ? 10.095  -4.445  -5.077  1.00 20.62 ? 86  LEU A CD2 1 
ATOM   567  N N   . GLU A 1 88  ? 12.346  -0.601  -2.710  1.00 15.92 ? 87  GLU A N   1 
ATOM   568  C CA  . GLU A 1 88  ? 13.114  -0.636  -1.477  1.00 23.94 ? 87  GLU A CA  1 
ATOM   569  C C   . GLU A 1 88  ? 12.522  0.327   -0.460  1.00 13.41 ? 87  GLU A C   1 
ATOM   570  O O   . GLU A 1 88  ? 12.190  -0.069  0.665   1.00 12.38 ? 87  GLU A O   1 
ATOM   571  C CB  . GLU A 1 88  ? 14.584  -0.310  -1.770  1.00 25.62 ? 87  GLU A CB  1 
ATOM   572  C CG  . GLU A 1 88  ? 15.365  -1.514  -2.257  1.00 21.04 ? 87  GLU A CG  1 
ATOM   573  C CD  . GLU A 1 88  ? 15.010  -2.754  -1.463  1.00 40.46 ? 87  GLU A CD  1 
ATOM   574  O OE1 . GLU A 1 88  ? 14.972  -2.675  -0.211  1.00 36.12 ? 87  GLU A OE1 1 
ATOM   575  O OE2 . GLU A 1 88  ? 14.722  -3.797  -2.093  1.00 25.57 ? 87  GLU A OE2 1 
ATOM   576  N N   . LEU A 1 89  ? 12.347  1.591   -0.856  1.00 10.00 ? 88  LEU A N   1 
ATOM   577  C CA  . LEU A 1 89  ? 11.731  2.578   0.028   1.00 12.43 ? 88  LEU A CA  1 
ATOM   578  C C   . LEU A 1 89  ? 10.393  2.092   0.548   1.00 6.78  ? 88  LEU A C   1 
ATOM   579  O O   . LEU A 1 89  ? 10.174  2.056   1.762   1.00 12.50 ? 88  LEU A O   1 
ATOM   580  C CB  . LEU A 1 89  ? 11.559  3.911   -0.690  1.00 13.03 ? 88  LEU A CB  1 
ATOM   581  C CG  . LEU A 1 89  ? 12.851  4.547   -1.173  1.00 12.45 ? 88  LEU A CG  1 
ATOM   582  C CD1 . LEU A 1 89  ? 12.567  5.863   -1.897  1.00 14.05 ? 88  LEU A CD1 1 
ATOM   583  C CD2 . LEU A 1 89  ? 13.782  4.752   0.006   1.00 15.30 ? 88  LEU A CD2 1 
ATOM   584  N N   . ILE A 1 90  ? 9.498   1.679   -0.340  1.00 6.19  ? 89  ILE A N   1 
ATOM   585  C CA  . ILE A 1 90  ? 8.213   1.148   0.117   1.00 10.46 ? 89  ILE A CA  1 
ATOM   586  C C   . ILE A 1 90  ? 8.417   0.023   1.120   1.00 18.76 ? 89  ILE A C   1 
ATOM   587  O O   . ILE A 1 90  ? 7.770   -0.016  2.179   1.00 14.28 ? 89  ILE A O   1 
ATOM   588  C CB  . ILE A 1 90  ? 7.360   0.685   -1.070  1.00 15.75 ? 89  ILE A CB  1 
ATOM   589  C CG1 . ILE A 1 90  ? 6.782   1.897   -1.788  1.00 16.76 ? 89  ILE A CG1 1 
ATOM   590  C CG2 . ILE A 1 90  ? 6.244   -0.235  -0.594  1.00 16.79 ? 89  ILE A CG2 1 
ATOM   591  C CD1 . ILE A 1 90  ? 5.596   2.462   -1.067  1.00 10.32 ? 89  ILE A CD1 1 
ATOM   592  N N   . ASN A 1 91  ? 9.323   -0.906  0.815   1.00 15.63 ? 90  ASN A N   1 
ATOM   593  C CA  . ASN A 1 91  ? 9.546   -2.012  1.736   1.00 10.88 ? 90  ASN A CA  1 
ATOM   594  C C   . ASN A 1 91  ? 10.077  -1.538  3.076   1.00 11.31 ? 90  ASN A C   1 
ATOM   595  O O   . ASN A 1 91  ? 9.659   -2.041  4.122   1.00 14.10 ? 90  ASN A O   1 
ATOM   596  C CB  . ASN A 1 91  ? 10.484  -3.035  1.115   1.00 12.76 ? 90  ASN A CB  1 
ATOM   597  C CG  . ASN A 1 91  ? 9.783   -3.883  0.112   1.00 12.63 ? 90  ASN A CG  1 
ATOM   598  O OD1 . ASN A 1 91  ? 8.598   -4.166  0.280   1.00 8.24  ? 90  ASN A OD1 1 
ATOM   599  N ND2 . ASN A 1 91  ? 10.498  -4.338  -0.907  1.00 19.58 ? 90  ASN A ND2 1 
ATOM   600  N N   . GLY A 1 92  ? 10.987  -0.562  3.072   1.00 11.13 ? 91  GLY A N   1 
ATOM   601  C CA  . GLY A 1 92  ? 11.460  -0.010  4.333   1.00 21.57 ? 91  GLY A CA  1 
ATOM   602  C C   . GLY A 1 92  ? 10.336  0.607   5.139   1.00 14.88 ? 91  GLY A C   1 
ATOM   603  O O   . GLY A 1 92  ? 10.202  0.356   6.341   1.00 22.16 ? 91  GLY A O   1 
ATOM   604  N N   . TYR A 1 93  ? 9.499   1.416   4.479   1.00 16.07 ? 92  TYR A N   1 
ATOM   605  C CA  . TYR A 1 93  ? 8.364   1.995   5.175   1.00 16.17 ? 92  TYR A CA  1 
ATOM   606  C C   . TYR A 1 93  ? 7.453   0.908   5.702   1.00 13.28 ? 92  TYR A C   1 
ATOM   607  O O   . TYR A 1 93  ? 7.042   0.946   6.865   1.00 19.72 ? 92  TYR A O   1 
ATOM   608  C CB  . TYR A 1 93  ? 7.580   2.932   4.261   1.00 18.72 ? 92  TYR A CB  1 
ATOM   609  C CG  . TYR A 1 93  ? 8.398   4.027   3.625   1.00 12.26 ? 92  TYR A CG  1 
ATOM   610  C CD1 . TYR A 1 93  ? 9.514   4.557   4.259   1.00 12.57 ? 92  TYR A CD1 1 
ATOM   611  C CD2 . TYR A 1 93  ? 8.042   4.540   2.378   1.00 14.80 ? 92  TYR A CD2 1 
ATOM   612  C CE1 . TYR A 1 93  ? 10.256  5.563   3.652   1.00 7.15  ? 92  TYR A CE1 1 
ATOM   613  C CE2 . TYR A 1 93  ? 8.777   5.540   1.774   1.00 7.89  ? 92  TYR A CE2 1 
ATOM   614  C CZ  . TYR A 1 93  ? 9.868   6.043   2.414   1.00 9.52  ? 92  TYR A CZ  1 
ATOM   615  O OH  . TYR A 1 93  ? 10.569  7.030   1.772   1.00 21.39 ? 92  TYR A OH  1 
ATOM   616  N N   . ILE A 1 94  ? 7.127   -0.074  4.859   1.00 17.18 ? 93  ILE A N   1 
ATOM   617  C CA  . ILE A 1 94  ? 6.354   -1.205  5.350   1.00 15.89 ? 93  ILE A CA  1 
ATOM   618  C C   . ILE A 1 94  ? 7.015   -1.794  6.582   1.00 10.65 ? 93  ILE A C   1 
ATOM   619  O O   . ILE A 1 94  ? 6.332   -2.175  7.539   1.00 6.96  ? 93  ILE A O   1 
ATOM   620  C CB  . ILE A 1 94  ? 6.156   -2.261  4.241   1.00 16.88 ? 93  ILE A CB  1 
ATOM   621  C CG1 . ILE A 1 94  ? 5.242   -1.726  3.146   1.00 12.57 ? 93  ILE A CG1 1 
ATOM   622  C CG2 . ILE A 1 94  ? 5.482   -3.514  4.795   1.00 10.11 ? 93  ILE A CG2 1 
ATOM   623  C CD1 . ILE A 1 94  ? 5.102   -2.683  1.983   1.00 22.50 ? 93  ILE A CD1 1 
ATOM   624  N N   . GLN A 1 95  ? 8.348   -1.805  6.631   1.00 12.97 ? 94  GLN A N   1 
ATOM   625  C CA  . GLN A 1 95  ? 9.002   -2.441  7.773   1.00 15.81 ? 94  GLN A CA  1 
ATOM   626  C C   . GLN A 1 95  ? 8.860   -1.592  9.023   1.00 23.04 ? 94  GLN A C   1 
ATOM   627  O O   . GLN A 1 95  ? 8.631   -2.119  10.120  1.00 22.18 ? 94  GLN A O   1 
ATOM   628  C CB  . GLN A 1 95  ? 10.471  -2.693  7.484   1.00 18.41 ? 94  GLN A CB  1 
ATOM   629  C CG  . GLN A 1 95  ? 10.707  -3.693  6.380   1.00 17.73 ? 94  GLN A CG  1 
ATOM   630  C CD  . GLN A 1 95  ? 12.100  -4.248  6.412   1.00 24.77 ? 94  GLN A CD  1 
ATOM   631  O OE1 . GLN A 1 95  ? 12.950  -3.787  7.173   1.00 41.65 ? 94  GLN A OE1 1 
ATOM   632  N NE2 . GLN A 1 95  ? 12.359  -5.226  5.566   1.00 29.88 ? 94  GLN A NE2 1 
ATOM   633  N N   . LYS A 1 96  ? 9.004   -0.274  8.879   1.00 14.37 ? 95  LYS A N   1 
ATOM   634  C CA  . LYS A 1 96  ? 8.917   0.590   10.047  1.00 17.86 ? 95  LYS A CA  1 
ATOM   635  C C   . LYS A 1 96  ? 7.486   0.676   10.558  1.00 17.78 ? 95  LYS A C   1 
ATOM   636  O O   . LYS A 1 96  ? 7.262   0.724   11.770  1.00 18.82 ? 95  LYS A O   1 
ATOM   637  C CB  . LYS A 1 96  ? 9.458   1.978   9.723   1.00 15.99 ? 95  LYS A CB  1 
ATOM   638  C CG  . LYS A 1 96  ? 10.975  2.033   9.699   1.00 23.15 ? 95  LYS A CG  1 
ATOM   639  C CD  . LYS A 1 96  ? 11.457  3.462   9.630   1.00 22.30 ? 95  LYS A CD  1 
ATOM   640  C CE  . LYS A 1 96  ? 12.165  3.715   8.323   1.00 18.25 ? 95  LYS A CE  1 
ATOM   641  N NZ  . LYS A 1 96  ? 11.397  3.055   7.237   1.00 21.67 ? 95  LYS A NZ  1 
ATOM   642  N N   . ILE A 1 97  ? 6.497   0.708   9.657   1.00 18.07 ? 96  ILE A N   1 
ATOM   643  C CA  . ILE A 1 97  ? 5.111   0.677   10.114  1.00 17.78 ? 96  ILE A CA  1 
ATOM   644  C C   . ILE A 1 97  ? 4.859   -0.592  10.910  1.00 15.46 ? 96  ILE A C   1 
ATOM   645  O O   . ILE A 1 97  ? 4.426   -0.543  12.068  1.00 5.34  ? 96  ILE A O   1 
ATOM   646  C CB  . ILE A 1 97  ? 4.138   0.795   8.934   1.00 9.01  ? 96  ILE A CB  1 
ATOM   647  C CG1 . ILE A 1 97  ? 4.235   2.182   8.327   1.00 10.55 ? 96  ILE A CG1 1 
ATOM   648  C CG2 . ILE A 1 97  ? 2.716   0.478   9.392   1.00 7.29  ? 96  ILE A CG2 1 
ATOM   649  C CD1 . ILE A 1 97  ? 3.469   2.352   7.035   1.00 12.13 ? 96  ILE A CD1 1 
ATOM   650  N N   . LYS A 1 98  ? 5.219   -1.737  10.322  1.00 10.02 ? 97  LYS A N   1 
ATOM   651  C CA  . LYS A 1 98  ? 4.958   -3.061  10.877  1.00 15.36 ? 97  LYS A CA  1 
ATOM   652  C C   . LYS A 1 98  ? 5.815   -3.396  12.091  1.00 13.59 ? 97  LYS A C   1 
ATOM   653  O O   . LYS A 1 98  ? 5.466   -4.326  12.828  1.00 27.81 ? 97  LYS A O   1 
ATOM   654  C CB  . LYS A 1 98  ? 5.177   -4.122  9.789   1.00 12.94 ? 97  LYS A CB  1 
ATOM   655  C CG  . LYS A 1 98  ? 4.023   -4.230  8.833   1.00 12.90 ? 97  LYS A CG  1 
ATOM   656  C CD  . LYS A 1 98  ? 4.065   -5.582  8.161   1.00 15.94 ? 97  LYS A CD  1 
ATOM   657  C CE  . LYS A 1 98  ? 2.682   -6.027  7.759   1.00 19.93 ? 97  LYS A CE  1 
ATOM   658  N NZ  . LYS A 1 98  ? 2.687   -7.251  6.940   1.00 18.33 ? 97  LYS A NZ  1 
ATOM   659  N N   . SER A 1 99  ? 6.926   -2.694  12.307  1.00 13.65 ? 98  SER A N   1 
ATOM   660  C CA  . SER A 1 99  ? 7.651   -2.804  13.565  1.00 13.78 ? 98  SER A CA  1 
ATOM   661  C C   . SER A 1 99  ? 7.096   -1.870  14.637  1.00 14.75 ? 98  SER A C   1 
ATOM   662  O O   . SER A 1 99  ? 7.349   -2.087  15.824  1.00 11.94 ? 98  SER A O   1 
ATOM   663  C CB  . SER A 1 99  ? 9.130   -2.528  13.329  1.00 11.32 ? 98  SER A CB  1 
ATOM   664  O OG  . SER A 1 99  ? 9.328   -1.143  13.172  1.00 15.27 ? 98  SER A OG  1 
ATOM   665  N N   . GLY A 1 100 ? 6.309   -0.870  14.249  1.00 17.48 ? 99  GLY A N   1 
ATOM   666  C CA  . GLY A 1 100 ? 5.820   0.125   15.170  1.00 18.79 ? 99  GLY A CA  1 
ATOM   667  C C   . GLY A 1 100 ? 6.784   1.255   15.400  1.00 18.53 ? 99  GLY A C   1 
ATOM   668  O O   . GLY A 1 100 ? 6.436   2.213   16.107  1.00 12.07 ? 99  GLY A O   1 
ATOM   669  N N   . GLU A 1 101 ? 7.982   1.178   14.818  1.00 10.09 ? 100 GLU A N   1 
ATOM   670  C CA  . GLU A 1 101 ? 8.952   2.256   14.936  1.00 20.05 ? 100 GLU A CA  1 
ATOM   671  C C   . GLU A 1 101 ? 8.463   3.559   14.296  1.00 24.12 ? 100 GLU A C   1 
ATOM   672  O O   . GLU A 1 101 ? 8.990   4.638   14.615  1.00 27.84 ? 100 GLU A O   1 
ATOM   673  C CB  . GLU A 1 101 ? 10.279  1.800   14.325  1.00 22.40 ? 100 GLU A CB  1 
ATOM   674  C CG  . GLU A 1 101 ? 11.471  2.657   14.721  1.00 41.23 ? 100 GLU A CG  1 
ATOM   675  C CD  . GLU A 1 101 ? 12.803  2.025   14.384  1.00 35.06 ? 100 GLU A CD  1 
ATOM   676  O OE1 . GLU A 1 101 ? 13.602  1.759   15.314  1.00 39.92 ? 100 GLU A OE1 1 
ATOM   677  O OE2 . GLU A 1 101 ? 13.036  1.784   13.179  1.00 38.53 ? 100 GLU A OE2 1 
ATOM   678  N N   . GLU A 1 102 ? 7.459   3.488   13.423  1.00 21.88 ? 101 GLU A N   1 
ATOM   679  C CA  . GLU A 1 102 ? 6.764   4.651   12.886  1.00 18.02 ? 101 GLU A CA  1 
ATOM   680  C C   . GLU A 1 102 ? 5.325   4.233   12.627  1.00 18.84 ? 101 GLU A C   1 
ATOM   681  O O   . GLU A 1 102 ? 5.029   3.047   12.494  1.00 20.90 ? 101 GLU A O   1 
ATOM   682  C CB  . GLU A 1 102 ? 7.396   5.150   11.578  1.00 20.07 ? 101 GLU A CB  1 
ATOM   683  C CG  . GLU A 1 102 ? 7.247   6.647   11.260  1.00 34.22 ? 101 GLU A CG  1 
ATOM   684  C CD  . GLU A 1 102 ? 7.828   7.582   12.315  1.00 32.57 ? 101 GLU A CD  1 
ATOM   685  O OE1 . GLU A 1 102 ? 8.938   7.294   12.814  1.00 26.86 ? 101 GLU A OE1 1 
ATOM   686  O OE2 . GLU A 1 102 ? 7.198   8.627   12.605  1.00 22.39 ? 101 GLU A OE2 1 
ATOM   687  N N   . ASP A 1 103 ? 4.422   5.198   12.544  1.00 24.78 ? 102 ASP A N   1 
ATOM   688  C CA  . ASP A 1 103 ? 3.074   4.869   12.118  1.00 20.13 ? 102 ASP A CA  1 
ATOM   689  C C   . ASP A 1 103 ? 2.857   5.366   10.697  1.00 18.43 ? 102 ASP A C   1 
ATOM   690  O O   . ASP A 1 103 ? 3.639   6.149   10.150  1.00 15.77 ? 102 ASP A O   1 
ATOM   691  C CB  . ASP A 1 103 ? 2.008   5.438   13.071  1.00 24.12 ? 102 ASP A CB  1 
ATOM   692  C CG  . ASP A 1 103 ? 2.086   6.944   13.234  1.00 31.21 ? 102 ASP A CG  1 
ATOM   693  O OD1 . ASP A 1 103 ? 1.943   7.667   12.227  1.00 30.32 ? 102 ASP A OD1 1 
ATOM   694  O OD2 . ASP A 1 103 ? 2.197   7.407   14.397  1.00 41.01 ? 102 ASP A OD2 1 
ATOM   695  N N   . PHE A 1 104 ? 1.769   4.878   10.112  1.00 19.46 ? 103 PHE A N   1 
ATOM   696  C CA  . PHE A 1 104 ? 1.501   5.106   8.700   1.00 13.14 ? 103 PHE A CA  1 
ATOM   697  C C   . PHE A 1 104 ? 1.292   6.583   8.406   1.00 17.11 ? 103 PHE A C   1 
ATOM   698  O O   . PHE A 1 104 ? 1.750   7.090   7.370   1.00 11.34 ? 103 PHE A O   1 
ATOM   699  C CB  . PHE A 1 104 ? 0.282   4.272   8.306   1.00 29.07 ? 103 PHE A CB  1 
ATOM   700  C CG  . PHE A 1 104 ? -0.088  4.361   6.860   1.00 27.40 ? 103 PHE A CG  1 
ATOM   701  C CD1 . PHE A 1 104 ? -0.841  5.423   6.399   1.00 17.23 ? 103 PHE A CD1 1 
ATOM   702  C CD2 . PHE A 1 104 ? 0.322   3.384   5.960   1.00 18.69 ? 103 PHE A CD2 1 
ATOM   703  C CE1 . PHE A 1 104 ? -1.191  5.506   5.099   1.00 14.57 ? 103 PHE A CE1 1 
ATOM   704  C CE2 . PHE A 1 104 ? -0.024  3.473   4.653   1.00 22.87 ? 103 PHE A CE2 1 
ATOM   705  C CZ  . PHE A 1 104 ? -0.785  4.531   4.219   1.00 14.58 ? 103 PHE A CZ  1 
ATOM   706  N N   . GLU A 1 105 ? 0.606   7.285   9.309   1.00 19.06 ? 104 GLU A N   1 
ATOM   707  C CA  . GLU A 1 105 ? 0.319   8.689   9.081   1.00 14.88 ? 104 GLU A CA  1 
ATOM   708  C C   . GLU A 1 105 ? 1.599   9.505   9.038   1.00 11.22 ? 104 GLU A C   1 
ATOM   709  O O   . GLU A 1 105 ? 1.739   10.378  8.180   1.00 9.34  ? 104 GLU A O   1 
ATOM   710  C CB  . GLU A 1 105 ? -0.632  9.226   10.155  1.00 14.46 ? 104 GLU A CB  1 
ATOM   711  C CG  . GLU A 1 105 ? -2.076  8.691   10.070  1.00 17.35 ? 104 GLU A CG  1 
ATOM   712  C CD  . GLU A 1 105 ? -2.254  7.344   10.743  1.00 28.23 ? 104 GLU A CD  1 
ATOM   713  O OE1 . GLU A 1 105 ? -1.244  6.730   11.153  1.00 36.39 ? 104 GLU A OE1 1 
ATOM   714  O OE2 . GLU A 1 105 ? -3.411  6.890   10.844  1.00 26.68 ? 104 GLU A OE2 1 
ATOM   715  N N   . SER A 1 106 ? 2.557   9.215   9.915   1.00 12.61 ? 105 SER A N   1 
ATOM   716  C CA  . SER A 1 106 ? 3.746   10.057  9.949   1.00 10.91 ? 105 SER A CA  1 
ATOM   717  C C   . SER A 1 106 ? 4.547   9.904   8.666   1.00 15.69 ? 105 SER A C   1 
ATOM   718  O O   . SER A 1 106 ? 4.974   10.895  8.072   1.00 13.41 ? 105 SER A O   1 
ATOM   719  C CB  . SER A 1 106 ? 4.610   9.723   11.158  1.00 20.48 ? 105 SER A CB  1 
ATOM   720  O OG  . SER A 1 106 ? 5.921   10.222  10.971  1.00 41.07 ? 105 SER A OG  1 
ATOM   721  N N   . LEU A 1 107 ? 4.721   8.665   8.209   1.00 15.91 ? 106 LEU A N   1 
ATOM   722  C CA  . LEU A 1 107 ? 5.500   8.396   7.006   1.00 16.22 ? 106 LEU A CA  1 
ATOM   723  C C   . LEU A 1 107 ? 4.841   8.968   5.757   1.00 10.78 ? 106 LEU A C   1 
ATOM   724  O O   . LEU A 1 107 ? 5.518   9.553   4.902   1.00 15.13 ? 106 LEU A O   1 
ATOM   725  C CB  . LEU A 1 107 ? 5.699   6.894   6.880   1.00 13.03 ? 106 LEU A CB  1 
ATOM   726  C CG  . LEU A 1 107 ? 6.602   6.296   7.956   1.00 15.33 ? 106 LEU A CG  1 
ATOM   727  C CD1 . LEU A 1 107 ? 6.534   4.781   7.970   1.00 18.52 ? 106 LEU A CD1 1 
ATOM   728  C CD2 . LEU A 1 107 ? 8.033   6.715   7.675   1.00 9.66  ? 106 LEU A CD2 1 
ATOM   729  N N   . ALA A 1 108 ? 3.528   8.791   5.617   1.00 9.27  ? 107 ALA A N   1 
ATOM   730  C CA  . ALA A 1 108 ? 2.845   9.347   4.454   1.00 8.17  ? 107 ALA A CA  1 
ATOM   731  C C   . ALA A 1 108 ? 2.934   10.877  4.415   1.00 11.65 ? 107 ALA A C   1 
ATOM   732  O O   . ALA A 1 108 ? 3.097   11.454  3.339   1.00 6.90  ? 107 ALA A O   1 
ATOM   733  C CB  . ALA A 1 108 ? 1.388   8.881   4.433   1.00 5.45  ? 107 ALA A CB  1 
ATOM   734  N N   . SER A 1 109 ? 2.829   11.553  5.555   1.00 11.89 ? 108 SER A N   1 
ATOM   735  C CA  . SER A 1 109 ? 3.002   13.002  5.536   1.00 11.49 ? 108 SER A CA  1 
ATOM   736  C C   . SER A 1 109 ? 4.378   13.409  5.029   1.00 17.45 ? 108 SER A C   1 
ATOM   737  O O   . SER A 1 109 ? 4.501   14.403  4.304   1.00 20.57 ? 108 SER A O   1 
ATOM   738  C CB  . SER A 1 109 ? 2.766   13.593  6.920   1.00 11.18 ? 108 SER A CB  1 
ATOM   739  O OG  . SER A 1 109 ? 1.384   13.856  7.129   1.00 33.18 ? 108 SER A OG  1 
ATOM   740  N N   . GLN A 1 110 ? 5.425   12.681  5.421   1.00 15.48 ? 109 GLN A N   1 
ATOM   741  C CA  . GLN A 1 110 ? 6.787   13.105  5.101   1.00 12.82 ? 109 GLN A CA  1 
ATOM   742  C C   . GLN A 1 110 ? 7.220   12.627  3.732   1.00 20.72 ? 109 GLN A C   1 
ATOM   743  O O   . GLN A 1 110 ? 7.991   13.307  3.047   1.00 30.35 ? 109 GLN A O   1 
ATOM   744  C CB  . GLN A 1 110 ? 7.777   12.553  6.125   1.00 19.05 ? 109 GLN A CB  1 
ATOM   745  C CG  . GLN A 1 110 ? 7.309   12.519  7.539   1.00 17.50 ? 109 GLN A CG  1 
ATOM   746  C CD  . GLN A 1 110 ? 8.421   12.162  8.492   1.00 20.14 ? 109 GLN A CD  1 
ATOM   747  O OE1 . GLN A 1 110 ? 8.248   11.316  9.373   1.00 28.75 ? 109 GLN A OE1 1 
ATOM   748  N NE2 . GLN A 1 110 ? 9.566   12.823  8.341   1.00 27.98 ? 109 GLN A NE2 1 
ATOM   749  N N   . PHE A 1 111 ? 6.766   11.445  3.333   1.00 19.79 ? 110 PHE A N   1 
ATOM   750  C CA  . PHE A 1 111 ? 7.447   10.723  2.278   1.00 12.19 ? 110 PHE A CA  1 
ATOM   751  C C   . PHE A 1 111 ? 6.569   10.295  1.117   1.00 8.46  ? 110 PHE A C   1 
ATOM   752  O O   . PHE A 1 111 ? 7.103   9.762   0.139   1.00 24.82 ? 110 PHE A O   1 
ATOM   753  C CB  . PHE A 1 111 ? 8.169   9.513   2.882   1.00 12.62 ? 110 PHE A CB  1 
ATOM   754  C CG  . PHE A 1 111 ? 9.232   9.880   3.898   1.00 13.86 ? 110 PHE A CG  1 
ATOM   755  C CD1 . PHE A 1 111 ? 10.330  10.625  3.526   1.00 18.88 ? 110 PHE A CD1 1 
ATOM   756  C CD2 . PHE A 1 111 ? 9.140   9.462   5.219   1.00 16.97 ? 110 PHE A CD2 1 
ATOM   757  C CE1 . PHE A 1 111 ? 11.319  10.958  4.447   1.00 24.99 ? 110 PHE A CE1 1 
ATOM   758  C CE2 . PHE A 1 111 ? 10.123  9.803   6.141   1.00 21.86 ? 110 PHE A CE2 1 
ATOM   759  C CZ  . PHE A 1 111 ? 11.212  10.546  5.751   1.00 18.55 ? 110 PHE A CZ  1 
ATOM   760  N N   . SER A 1 112 ? 5.262   10.539  1.158   1.00 10.01 ? 111 SER A N   1 
ATOM   761  C CA  . SER A 1 112 ? 4.374   10.126  0.073   1.00 15.42 ? 111 SER A CA  1 
ATOM   762  C C   . SER A 1 112 ? 4.406   11.105  -1.086  1.00 17.99 ? 111 SER A C   1 
ATOM   763  O O   . SER A 1 112 ? 4.199   12.311  -0.902  1.00 15.34 ? 111 SER A O   1 
ATOM   764  C CB  . SER A 1 112 ? 2.943   10.003  0.550   1.00 5.44  ? 111 SER A CB  1 
ATOM   765  O OG  . SER A 1 112 ? 2.123   9.708   -0.543  1.00 5.02  ? 111 SER A OG  1 
ATOM   766  N N   . ASP A 1 113 ? 4.608   10.581  -2.291  1.00 20.97 ? 112 ASP A N   1 
ATOM   767  C CA  . ASP A 1 113 ? 4.724   11.442  -3.455  1.00 18.01 ? 112 ASP A CA  1 
ATOM   768  C C   . ASP A 1 113 ? 3.362   11.942  -3.928  1.00 14.42 ? 112 ASP A C   1 
ATOM   769  O O   . ASP A 1 113 ? 3.250   12.534  -5.008  1.00 22.97 ? 112 ASP A O   1 
ATOM   770  C CB  . ASP A 1 113 ? 5.452   10.704  -4.575  1.00 12.75 ? 112 ASP A CB  1 
ATOM   771  C CG  . ASP A 1 113 ? 6.948   10.656  -4.356  1.00 15.95 ? 112 ASP A CG  1 
ATOM   772  O OD1 . ASP A 1 113 ? 7.556   11.694  -4.038  1.00 11.76 ? 112 ASP A OD1 1 
ATOM   773  O OD2 . ASP A 1 113 ? 7.526   9.566   -4.519  1.00 10.96 ? 112 ASP A OD2 1 
ATOM   774  N N   . CYS A 1 114 ? 2.329   11.697  -3.131  1.00 13.47 ? 113 CYS A N   1 
ATOM   775  C CA  . CYS A 1 114 ? 0.956   12.083  -3.412  1.00 9.95  ? 113 CYS A CA  1 
ATOM   776  C C   . CYS A 1 114 ? 0.597   13.249  -2.512  1.00 15.73 ? 113 CYS A C   1 
ATOM   777  O O   . CYS A 1 114 ? 0.993   13.262  -1.344  1.00 13.86 ? 113 CYS A O   1 
ATOM   778  C CB  . CYS A 1 114 ? 0.031   10.892  -3.158  1.00 8.67  ? 113 CYS A CB  1 
ATOM   779  S SG  . CYS A 1 114 ? -1.743  11.267  -3.164  1.00 24.23 ? 113 CYS A SG  1 
ATOM   780  N N   . SER A 1 115 ? -0.128  14.238  -3.052  1.00 11.25 ? 114 SER A N   1 
ATOM   781  C CA  . SER A 1 115 ? -0.344  15.432  -2.257  1.00 15.90 ? 114 SER A CA  1 
ATOM   782  C C   . SER A 1 115 ? -1.350  15.195  -1.151  1.00 9.89  ? 114 SER A C   1 
ATOM   783  O O   . SER A 1 115 ? -1.530  16.070  -0.295  1.00 12.30 ? 114 SER A O   1 
ATOM   784  C CB  . SER A 1 115 ? -0.797  16.584  -3.143  1.00 9.54  ? 114 SER A CB  1 
ATOM   785  O OG  . SER A 1 115 ? -1.989  16.215  -3.793  1.00 20.85 ? 114 SER A OG  1 
ATOM   786  N N   . SER A 1 116 ? -1.998  14.033  -1.175  1.00 13.09 ? 115 SER A N   1 
ATOM   787  C CA  . SER A 1 116 ? -2.762  13.541  -0.044  1.00 13.22 ? 115 SER A CA  1 
ATOM   788  C C   . SER A 1 116 ? -1.891  13.319  1.183   1.00 9.76  ? 115 SER A C   1 
ATOM   789  O O   . SER A 1 116 ? -2.434  13.136  2.284   1.00 10.75 ? 115 SER A O   1 
ATOM   790  C CB  . SER A 1 116 ? -3.516  12.275  -0.471  1.00 15.03 ? 115 SER A CB  1 
ATOM   791  O OG  . SER A 1 116 ? -2.673  11.141  -0.611  1.00 13.19 ? 115 SER A OG  1 
ATOM   792  N N   . ALA A 1 117 ? -0.558  13.357  1.035   1.00 8.89  ? 116 ALA A N   1 
ATOM   793  C CA  . ALA A 1 117 ? 0.298   13.387  2.215   1.00 8.28  ? 116 ALA A CA  1 
ATOM   794  C C   . ALA A 1 117 ? -0.109  14.534  3.128   1.00 15.04 ? 116 ALA A C   1 
ATOM   795  O O   . ALA A 1 117 ? -0.065  14.409  4.356   1.00 9.60  ? 116 ALA A O   1 
ATOM   796  C CB  . ALA A 1 117 ? 1.761   13.531  1.803   1.00 10.45 ? 116 ALA A CB  1 
ATOM   797  N N   . LYS A 1 118 ? -0.536  15.654  2.549   1.00 12.55 ? 117 LYS A N   1 
ATOM   798  C CA  . LYS A 1 118 ? -0.971  16.757  3.391   1.00 17.10 ? 117 LYS A CA  1 
ATOM   799  C C   . LYS A 1 118 ? -2.184  16.401  4.238   1.00 15.29 ? 117 LYS A C   1 
ATOM   800  O O   . LYS A 1 118 ? -2.489  17.142  5.172   1.00 19.73 ? 117 LYS A O   1 
ATOM   801  C CB  . LYS A 1 118 ? -1.249  18.003  2.549   1.00 12.26 ? 117 LYS A CB  1 
ATOM   802  C CG  . LYS A 1 118 ? -0.050  18.458  1.745   1.00 27.06 ? 117 LYS A CG  1 
ATOM   803  C CD  . LYS A 1 118 ? 0.743   19.520  2.485   1.00 22.51 ? 117 LYS A CD  1 
ATOM   804  C CE  . LYS A 1 118 ? 2.050   19.854  1.765   1.00 20.11 ? 117 LYS A CE  1 
ATOM   805  N NZ  . LYS A 1 118 ? 3.061   18.791  1.985   1.00 15.17 ? 117 LYS A NZ  1 
ATOM   806  N N   . ALA A 1 119 ? -2.874  15.300  3.953   1.00 14.51 ? 118 ALA A N   1 
ATOM   807  C CA  . ALA A 1 119 ? -3.952  14.806  4.802   1.00 16.91 ? 118 ALA A CA  1 
ATOM   808  C C   . ALA A 1 119 ? -3.606  13.440  5.402   1.00 15.15 ? 118 ALA A C   1 
ATOM   809  O O   . ALA A 1 119 ? -4.466  12.569  5.539   1.00 18.42 ? 118 ALA A O   1 
ATOM   810  C CB  . ALA A 1 119 ? -5.268  14.740  4.033   1.00 12.88 ? 118 ALA A CB  1 
ATOM   811  N N   . ARG A 1 120 ? -2.335  13.249  5.767   1.00 15.23 ? 119 ARG A N   1 
ATOM   812  C CA  . ARG A 1 120 ? -1.859  12.006  6.387   1.00 18.43 ? 119 ARG A CA  1 
ATOM   813  C C   . ARG A 1 120 ? -2.214  10.770  5.556   1.00 15.13 ? 119 ARG A C   1 
ATOM   814  O O   . ARG A 1 120 ? -2.459  9.694   6.098   1.00 10.70 ? 119 ARG A O   1 
ATOM   815  C CB  . ARG A 1 120 ? -2.394  11.834  7.814   1.00 24.11 ? 119 ARG A CB  1 
ATOM   816  C CG  . ARG A 1 120 ? -1.779  12.739  8.883   1.00 8.72  ? 119 ARG A CG  1 
ATOM   817  C CD  . ARG A 1 120 ? -2.707  12.851  10.076  1.00 8.71  ? 119 ARG A CD  1 
ATOM   818  N NE  . ARG A 1 120 ? -4.077  12.507  9.723   1.00 28.46 ? 119 ARG A NE  1 
ATOM   819  C CZ  . ARG A 1 120 ? -4.970  13.377  9.273   1.00 26.74 ? 119 ARG A CZ  1 
ATOM   820  N NH1 . ARG A 1 120 ? -4.672  14.657  9.129   1.00 30.31 ? 119 ARG A NH1 1 
ATOM   821  N NH2 . ARG A 1 120 ? -6.186  12.950  8.947   1.00 33.08 ? 119 ARG A NH2 1 
ATOM   822  N N   . GLY A 1 121 ? -2.228  10.902  4.232   1.00 11.16 ? 120 GLY A N   1 
ATOM   823  C CA  . GLY A 1 121 ? -2.509  9.790   3.351   1.00 11.02 ? 120 GLY A CA  1 
ATOM   824  C C   . GLY A 1 121 ? -3.958  9.654   2.979   1.00 10.52 ? 120 GLY A C   1 
ATOM   825  O O   . GLY A 1 121 ? -4.261  9.261   1.850   1.00 12.02 ? 120 GLY A O   1 
ATOM   826  N N   . ASP A 1 122 ? -4.849  9.989   3.904   1.00 14.53 ? 121 ASP A N   1 
ATOM   827  C CA  . ASP A 1 122 ? -6.290  9.888   3.707   1.00 16.55 ? 121 ASP A CA  1 
ATOM   828  C C   . ASP A 1 122 ? -6.702  10.369  2.322   1.00 12.79 ? 121 ASP A C   1 
ATOM   829  O O   . ASP A 1 122 ? -6.239  11.404  1.833   1.00 11.81 ? 121 ASP A O   1 
ATOM   830  C CB  . ASP A 1 122 ? -6.992  10.720  4.789   1.00 11.33 ? 121 ASP A CB  1 
ATOM   831  C CG  . ASP A 1 122 ? -8.491  10.623  4.714   1.00 21.77 ? 121 ASP A CG  1 
ATOM   832  O OD1 . ASP A 1 122 ? -9.001  9.499   4.479   1.00 11.39 ? 121 ASP A OD1 1 
ATOM   833  O OD2 . ASP A 1 122 ? -9.156  11.668  4.898   1.00 26.05 ? 121 ASP A OD2 1 
ATOM   834  N N   . LEU A 1 123 ? -7.534  9.571   1.666   1.00 15.52 ? 122 LEU A N   1 
ATOM   835  C CA  . LEU A 1 123 ? -8.184  9.958   0.429   1.00 9.76  ? 122 LEU A CA  1 
ATOM   836  C C   . LEU A 1 123 ? -9.666  10.145  0.621   1.00 9.54  ? 122 LEU A C   1 
ATOM   837  O O   . LEU A 1 123 ? -10.357 10.504  -0.331  1.00 19.49 ? 122 LEU A O   1 
ATOM   838  C CB  . LEU A 1 123 ? -7.945  8.901   -0.658  1.00 10.48 ? 122 LEU A CB  1 
ATOM   839  C CG  . LEU A 1 123 ? -6.492  8.548   -0.937  1.00 15.04 ? 122 LEU A CG  1 
ATOM   840  C CD1 . LEU A 1 123 ? -6.425  7.268   -1.750  1.00 8.31  ? 122 LEU A CD1 1 
ATOM   841  C CD2 . LEU A 1 123 ? -5.858  9.709   -1.697  1.00 18.48 ? 122 LEU A CD2 1 
ATOM   842  N N   . GLY A 1 124 ? -10.164 9.913   1.824   1.00 11.92 ? 123 GLY A N   1 
ATOM   843  C CA  . GLY A 1 124 ? -11.588 9.817   2.057   1.00 12.27 ? 123 GLY A CA  1 
ATOM   844  C C   . GLY A 1 124 ? -12.146 8.560   1.424   1.00 27.45 ? 123 GLY A C   1 
ATOM   845  O O   . GLY A 1 124 ? -11.436 7.751   0.830   1.00 15.37 ? 123 GLY A O   1 
ATOM   846  N N   . ALA A 1 125 ? -13.466 8.421   1.536   1.00 24.80 ? 124 ALA A N   1 
ATOM   847  C CA  . ALA A 1 125 ? -14.160 7.204   1.149   1.00 27.44 ? 124 ALA A CA  1 
ATOM   848  C C   . ALA A 1 125 ? -14.445 7.203   -0.347  1.00 27.36 ? 124 ALA A C   1 
ATOM   849  O O   . ALA A 1 125 ? -14.729 8.248   -0.934  1.00 36.90 ? 124 ALA A O   1 
ATOM   850  C CB  . ALA A 1 125 ? -15.463 7.071   1.938   1.00 23.93 ? 124 ALA A CB  1 
ATOM   851  N N   . PHE A 1 126 ? -14.369 6.020   -0.970  1.00 29.93 ? 125 PHE A N   1 
ATOM   852  C CA  . PHE A 1 126 ? -14.738 5.902   -2.381  1.00 29.44 ? 125 PHE A CA  1 
ATOM   853  C C   . PHE A 1 126 ? -15.468 4.587   -2.643  1.00 31.25 ? 125 PHE A C   1 
ATOM   854  O O   . PHE A 1 126 ? -15.580 3.720   -1.768  1.00 28.27 ? 125 PHE A O   1 
ATOM   855  C CB  . PHE A 1 126 ? -13.526 6.027   -3.323  1.00 31.97 ? 125 PHE A CB  1 
ATOM   856  C CG  . PHE A 1 126 ? -12.307 5.214   -2.917  1.00 23.59 ? 125 PHE A CG  1 
ATOM   857  C CD1 . PHE A 1 126 ? -12.126 3.923   -3.418  1.00 30.86 ? 125 PHE A CD1 1 
ATOM   858  C CD2 . PHE A 1 126 ? -11.297 5.774   -2.133  1.00 18.46 ? 125 PHE A CD2 1 
ATOM   859  C CE1 . PHE A 1 126 ? -11.004 3.179   -3.095  1.00 15.48 ? 125 PHE A CE1 1 
ATOM   860  C CE2 . PHE A 1 126 ? -10.161 5.045   -1.801  1.00 18.20 ? 125 PHE A CE2 1 
ATOM   861  C CZ  . PHE A 1 126 ? -10.012 3.731   -2.292  1.00 13.81 ? 125 PHE A CZ  1 
ATOM   862  N N   . SER A 1 127 ? -15.981 4.456   -3.870  1.00 27.47 ? 126 SER A N   1 
ATOM   863  C CA  . SER A 1 127 ? -16.611 3.236   -4.354  1.00 26.36 ? 126 SER A CA  1 
ATOM   864  C C   . SER A 1 127 ? -15.910 2.768   -5.620  1.00 27.49 ? 126 SER A C   1 
ATOM   865  O O   . SER A 1 127 ? -15.072 3.472   -6.195  1.00 18.06 ? 126 SER A O   1 
ATOM   866  C CB  . SER A 1 127 ? -18.099 3.447   -4.649  1.00 24.30 ? 126 SER A CB  1 
ATOM   867  O OG  . SER A 1 127 ? -18.263 4.400   -5.675  1.00 34.28 ? 126 SER A OG  1 
ATOM   868  N N   . ARG A 1 128 ? -16.289 1.571   -6.061  1.00 29.72 ? 127 ARG A N   1 
ATOM   869  C CA  . ARG A 1 128 ? -15.689 1.001   -7.260  1.00 21.10 ? 127 ARG A CA  1 
ATOM   870  C C   . ARG A 1 128 ? -16.027 1.848   -8.476  1.00 27.40 ? 127 ARG A C   1 
ATOM   871  O O   . ARG A 1 128 ? -17.118 2.410   -8.576  1.00 32.86 ? 127 ARG A O   1 
ATOM   872  C CB  . ARG A 1 128 ? -16.165 -0.431  -7.468  1.00 18.13 ? 127 ARG A CB  1 
ATOM   873  C CG  . ARG A 1 128 ? -15.621 -1.373  -6.437  1.00 19.58 ? 127 ARG A CG  1 
ATOM   874  C CD  . ARG A 1 128 ? -15.261 -2.701  -7.070  1.00 29.87 ? 127 ARG A CD  1 
ATOM   875  N NE  . ARG A 1 128 ? -14.950 -3.717  -6.074  1.00 29.05 ? 127 ARG A NE  1 
ATOM   876  C CZ  . ARG A 1 128 ? -13.769 -4.315  -5.972  1.00 31.04 ? 127 ARG A CZ  1 
ATOM   877  N NH1 . ARG A 1 128 ? -12.744 -3.964  -6.747  1.00 16.97 ? 127 ARG A NH1 1 
ATOM   878  N NH2 . ARG A 1 128 ? -13.614 -5.301  -5.089  1.00 26.86 ? 127 ARG A NH2 1 
ATOM   879  N N   . GLY A 1 129 ? -15.065 1.957   -9.391  1.00 31.79 ? 128 GLY A N   1 
ATOM   880  C CA  . GLY A 1 129 ? -15.206 2.754   -10.596 1.00 30.44 ? 128 GLY A CA  1 
ATOM   881  C C   . GLY A 1 129 ? -14.643 4.152   -10.496 1.00 14.96 ? 128 GLY A C   1 
ATOM   882  O O   . GLY A 1 129 ? -14.877 4.969   -11.393 1.00 20.31 ? 128 GLY A O   1 
ATOM   883  N N   . GLN A 1 130 ? -13.937 4.477   -9.423  1.00 38.31 ? 129 GLN A N   1 
ATOM   884  C CA  . GLN A 1 130 ? -13.340 5.797   -9.296  1.00 32.41 ? 129 GLN A CA  1 
ATOM   885  C C   . GLN A 1 130 ? -11.830 5.792   -9.410  1.00 34.22 ? 129 GLN A C   1 
ATOM   886  O O   . GLN A 1 130 ? -11.269 6.748   -9.942  1.00 43.25 ? 129 GLN A O   1 
ATOM   887  C CB  . GLN A 1 130 ? -13.714 6.438   -7.954  1.00 25.69 ? 129 GLN A CB  1 
ATOM   888  C CG  . GLN A 1 130 ? -15.123 6.183   -7.494  1.00 33.79 ? 129 GLN A CG  1 
ATOM   889  C CD  . GLN A 1 130 ? -15.474 6.980   -6.254  1.00 28.43 ? 129 GLN A CD  1 
ATOM   890  O OE1 . GLN A 1 130 ? -16.403 6.626   -5.522  1.00 41.30 ? 129 GLN A OE1 1 
ATOM   891  N NE2 . GLN A 1 130 ? -14.721 8.058   -6.000  1.00 27.37 ? 129 GLN A NE2 1 
ATOM   892  N N   . MET A 1 131 ? -11.157 4.753   -8.929  1.00 33.82 ? 130 MET A N   1 
ATOM   893  C CA  . MET A 1 131 ? -9.712  4.796   -8.843  1.00 28.57 ? 130 MET A CA  1 
ATOM   894  C C   . MET A 1 131 ? -9.097  3.892   -9.904  1.00 25.27 ? 130 MET A C   1 
ATOM   895  O O   . MET A 1 131 ? -9.793  3.234   -10.680 1.00 39.14 ? 130 MET A O   1 
ATOM   896  C CB  . MET A 1 131 ? -9.265  4.382   -7.449  1.00 27.23 ? 130 MET A CB  1 
ATOM   897  C CG  . MET A 1 131 ? -9.683  5.375   -6.399  1.00 21.42 ? 130 MET A CG  1 
ATOM   898  S SD  . MET A 1 131 ? -8.294  6.423   -6.048  1.00 31.71 ? 130 MET A SD  1 
ATOM   899  C CE  . MET A 1 131 ? -7.947  5.864   -4.389  1.00 25.55 ? 130 MET A CE  1 
ATOM   900  N N   . GLN A 1 132 ? -7.770  3.868   -9.942  1.00 29.80 ? 131 GLN A N   1 
ATOM   901  C CA  . GLN A 1 132 ? -7.074  2.878   -10.742 1.00 18.20 ? 131 GLN A CA  1 
ATOM   902  C C   . GLN A 1 132 ? -7.484  1.505   -10.242 1.00 25.33 ? 131 GLN A C   1 
ATOM   903  O O   . GLN A 1 132 ? -7.648  1.311   -9.040  1.00 18.73 ? 131 GLN A O   1 
ATOM   904  C CB  . GLN A 1 132 ? -5.570  3.108   -10.627 1.00 24.63 ? 131 GLN A CB  1 
ATOM   905  C CG  . GLN A 1 132 ? -5.114  4.139   -11.576 1.00 22.38 ? 131 GLN A CG  1 
ATOM   906  C CD  . GLN A 1 132 ? -4.427  3.522   -12.813 1.00 31.28 ? 131 GLN A CD  1 
ATOM   907  O OE1 . GLN A 1 132 ? -5.037  3.495   -13.874 1.00 27.02 ? 131 GLN A OE1 1 
ATOM   908  N NE2 . GLN A 1 132 ? -3.218  3.022   -12.682 1.00 26.32 ? 131 GLN A NE2 1 
ATOM   909  N N   . LYS A 1 133 ? -7.679  0.558   -11.169 1.00 21.58 ? 132 LYS A N   1 
ATOM   910  C CA  . LYS A 1 133 ? -8.194  -0.761  -10.786 1.00 13.57 ? 132 LYS A CA  1 
ATOM   911  C C   . LYS A 1 133 ? -7.311  -1.567  -9.838  1.00 13.42 ? 132 LYS A C   1 
ATOM   912  O O   . LYS A 1 133 ? -7.863  -2.297  -9.002  1.00 13.15 ? 132 LYS A O   1 
ATOM   913  C CB  . LYS A 1 133 ? -8.484  -1.609  -12.029 1.00 19.30 ? 132 LYS A CB  1 
ATOM   914  C CG  . LYS A 1 133 ? -9.528  -2.695  -11.767 1.00 20.74 ? 132 LYS A CG  1 
ATOM   915  C CD  . LYS A 1 133 ? -10.734 -2.151  -11.015 1.00 34.10 ? 132 LYS A CD  1 
ATOM   916  C CE  . LYS A 1 133 ? -11.606 -1.280  -11.924 1.00 42.08 ? 132 LYS A CE  1 
ATOM   917  N NZ  . LYS A 1 133 ? -13.082 -1.414  -11.682 1.00 30.82 ? 132 LYS A NZ  1 
ATOM   918  N N   . PRO A 1 134 ? -5.980  -1.530  -9.923  1.00 10.87 ? 133 PRO A N   1 
ATOM   919  C CA  . PRO A 1 134 ? -5.182  -2.234  -8.907  1.00 16.15 ? 133 PRO A CA  1 
ATOM   920  C C   . PRO A 1 134 ? -5.322  -1.622  -7.527  1.00 16.08 ? 133 PRO A C   1 
ATOM   921  O O   . PRO A 1 134 ? -5.385  -2.366  -6.541  1.00 19.43 ? 133 PRO A O   1 
ATOM   922  C CB  . PRO A 1 134 ? -3.747  -2.094  -9.445  1.00 22.82 ? 133 PRO A CB  1 
ATOM   923  C CG  . PRO A 1 134 ? -3.897  -1.701  -10.883 1.00 14.70 ? 133 PRO A CG  1 
ATOM   924  C CD  . PRO A 1 134 ? -5.153  -0.959  -10.990 1.00 9.17  ? 133 PRO A CD  1 
ATOM   925  N N   . PHE A 1 135 ? -5.332  -0.283  -7.420  1.00 14.60 ? 134 PHE A N   1 
ATOM   926  C CA  . PHE A 1 135 ? -5.575  0.359   -6.128  1.00 11.27 ? 134 PHE A CA  1 
ATOM   927  C C   . PHE A 1 135 ? -6.963  0.007   -5.616  1.00 13.06 ? 134 PHE A C   1 
ATOM   928  O O   . PHE A 1 135 ? -7.128  -0.427  -4.473  1.00 7.41  ? 134 PHE A O   1 
ATOM   929  C CB  . PHE A 1 135 ? -5.483  1.879   -6.240  1.00 17.86 ? 134 PHE A CB  1 
ATOM   930  C CG  . PHE A 1 135 ? -5.382  2.578   -4.903  1.00 17.03 ? 134 PHE A CG  1 
ATOM   931  C CD1 . PHE A 1 135 ? -6.491  2.750   -4.086  1.00 15.04 ? 134 PHE A CD1 1 
ATOM   932  C CD2 . PHE A 1 135 ? -4.176  3.129   -4.501  1.00 18.55 ? 134 PHE A CD2 1 
ATOM   933  C CE1 . PHE A 1 135 ? -6.373  3.414   -2.847  1.00 18.05 ? 134 PHE A CE1 1 
ATOM   934  C CE2 . PHE A 1 135 ? -4.059  3.782   -3.276  1.00 19.16 ? 134 PHE A CE2 1 
ATOM   935  C CZ  . PHE A 1 135 ? -5.158  3.915   -2.448  1.00 7.33  ? 134 PHE A CZ  1 
ATOM   936  N N   . GLU A 1 136 ? -7.975  0.201   -6.457  1.00 12.64 ? 135 GLU A N   1 
ATOM   937  C CA  . GLU A 1 136 ? -9.327  -0.191  -6.088  1.00 17.32 ? 135 GLU A CA  1 
ATOM   938  C C   . GLU A 1 136 ? -9.362  -1.617  -5.555  1.00 18.24 ? 135 GLU A C   1 
ATOM   939  O O   . GLU A 1 136 ? -9.822  -1.852  -4.430  1.00 12.71 ? 135 GLU A O   1 
ATOM   940  C CB  . GLU A 1 136 ? -10.253 -0.033  -7.290  1.00 25.55 ? 135 GLU A CB  1 
ATOM   941  C CG  . GLU A 1 136 ? -11.663 -0.541  -7.064  1.00 23.88 ? 135 GLU A CG  1 
ATOM   942  C CD  . GLU A 1 136 ? -12.465 -0.572  -8.338  1.00 22.23 ? 135 GLU A CD  1 
ATOM   943  O OE1 . GLU A 1 136 ? -12.693 0.514   -8.924  1.00 29.73 ? 135 GLU A OE1 1 
ATOM   944  O OE2 . GLU A 1 136 ? -12.851 -1.679  -8.752  1.00 24.17 ? 135 GLU A OE2 1 
ATOM   945  N N   . ASP A 1 137 ? -8.827  -2.574  -6.324  1.00 13.21 ? 136 ASP A N   1 
ATOM   946  C CA  . ASP A 1 137 ? -8.824  -3.970  -5.891  1.00 14.50 ? 136 ASP A CA  1 
ATOM   947  C C   . ASP A 1 137 ? -8.142  -4.139  -4.543  1.00 10.46 ? 136 ASP A C   1 
ATOM   948  O O   . ASP A 1 137 ? -8.661  -4.818  -3.655  1.00 11.25 ? 136 ASP A O   1 
ATOM   949  C CB  . ASP A 1 137 ? -8.125  -4.850  -6.934  1.00 10.16 ? 136 ASP A CB  1 
ATOM   950  C CG  . ASP A 1 137 ? -8.916  -4.973  -8.212  1.00 17.35 ? 136 ASP A CG  1 
ATOM   951  O OD1 . ASP A 1 137 ? -10.140 -4.713  -8.180  1.00 20.10 ? 136 ASP A OD1 1 
ATOM   952  O OD2 . ASP A 1 137 ? -8.322  -5.344  -9.250  1.00 21.16 ? 136 ASP A OD2 1 
ATOM   953  N N   . ALA A 1 138 ? -6.961  -3.563  -4.376  1.00 6.44  ? 137 ALA A N   1 
ATOM   954  C CA  . ALA A 1 138 ? -6.287  -3.780  -3.116  1.00 7.74  ? 137 ALA A CA  1 
ATOM   955  C C   . ALA A 1 138 ? -7.131  -3.240  -1.984  1.00 15.85 ? 137 ALA A C   1 
ATOM   956  O O   . ALA A 1 138 ? -7.200  -3.857  -0.916  1.00 19.30 ? 137 ALA A O   1 
ATOM   957  C CB  . ALA A 1 138 ? -4.896  -3.142  -3.143  1.00 8.98  ? 137 ALA A CB  1 
ATOM   958  N N   . SER A 1 139 ? -7.840  -2.132  -2.235  1.00 18.17 ? 138 SER A N   1 
ATOM   959  C CA  . SER A 1 139 ? -8.532  -1.373  -1.195  1.00 14.40 ? 138 SER A CA  1 
ATOM   960  C C   . SER A 1 139 ? -9.751  -2.110  -0.674  1.00 18.66 ? 138 SER A C   1 
ATOM   961  O O   . SER A 1 139 ? -9.972  -2.174  0.539   1.00 22.77 ? 138 SER A O   1 
ATOM   962  C CB  . SER A 1 139 ? -8.961  -0.007  -1.732  1.00 12.52 ? 138 SER A CB  1 
ATOM   963  O OG  . SER A 1 139 ? -7.874  0.702   -2.286  1.00 8.92  ? 138 SER A OG  1 
ATOM   964  N N   . PHE A 1 140 ? -10.581 -2.624  -1.579  1.00 13.53 ? 139 PHE A N   1 
ATOM   965  C CA  . PHE A 1 140 ? -11.797 -3.321  -1.194  1.00 15.10 ? 139 PHE A CA  1 
ATOM   966  C C   . PHE A 1 140 ? -11.513 -4.749  -0.750  1.00 23.47 ? 139 PHE A C   1 
ATOM   967  O O   . PHE A 1 140 ? -12.417 -5.435  -0.255  1.00 13.57 ? 139 PHE A O   1 
ATOM   968  C CB  . PHE A 1 140 ? -12.771 -3.275  -2.365  1.00 17.04 ? 139 PHE A CB  1 
ATOM   969  C CG  . PHE A 1 140 ? -13.432 -1.937  -2.548  1.00 17.74 ? 139 PHE A CG  1 
ATOM   970  C CD1 . PHE A 1 140 ? -12.767 -0.908  -3.202  1.00 20.71 ? 139 PHE A CD1 1 
ATOM   971  C CD2 . PHE A 1 140 ? -14.742 -1.737  -2.160  1.00 14.64 ? 139 PHE A CD2 1 
ATOM   972  C CE1 . PHE A 1 140 ? -13.374 0.339   -3.390  1.00 16.21 ? 139 PHE A CE1 1 
ATOM   973  C CE2 . PHE A 1 140 ? -15.362 -0.514  -2.358  1.00 17.67 ? 139 PHE A CE2 1 
ATOM   974  C CZ  . PHE A 1 140 ? -14.677 0.533   -2.976  1.00 18.39 ? 139 PHE A CZ  1 
ATOM   975  N N   . ALA A 1 141 ? -10.276 -5.207  -0.925  1.00 23.25 ? 140 ALA A N   1 
ATOM   976  C CA  . ALA A 1 141 ? -9.819  -6.471  -0.389  1.00 18.06 ? 140 ALA A CA  1 
ATOM   977  C C   . ALA A 1 141 ? -9.036  -6.270  0.888   1.00 15.43 ? 140 ALA A C   1 
ATOM   978  O O   . ALA A 1 141 ? -8.419  -7.215  1.391   1.00 34.51 ? 140 ALA A O   1 
ATOM   979  C CB  . ALA A 1 141 ? -8.976  -7.218  -1.421  1.00 13.03 ? 140 ALA A CB  1 
ATOM   980  N N   . LEU A 1 142 ? -9.028  -5.050  1.422   1.00 19.95 ? 141 LEU A N   1 
ATOM   981  C CA  . LEU A 1 142 ? -8.526  -4.830  2.770   1.00 22.99 ? 141 LEU A CA  1 
ATOM   982  C C   . LEU A 1 142 ? -9.685  -4.812  3.755   1.00 15.26 ? 141 LEU A C   1 
ATOM   983  O O   . LEU A 1 142 ? -10.781 -4.339  3.444   1.00 17.88 ? 141 LEU A O   1 
ATOM   984  C CB  . LEU A 1 142 ? -7.744  -3.524  2.914   1.00 11.33 ? 141 LEU A CB  1 
ATOM   985  C CG  . LEU A 1 142 ? -6.390  -3.403  2.247   1.00 10.80 ? 141 LEU A CG  1 
ATOM   986  C CD1 . LEU A 1 142 ? -5.938  -1.962  2.441   1.00 12.25 ? 141 LEU A CD1 1 
ATOM   987  C CD2 . LEU A 1 142 ? -5.381  -4.381  2.829   1.00 10.11 ? 141 LEU A CD2 1 
ATOM   988  N N   . ARG A 1 143 ? -9.435  -5.370  4.930   1.00 23.98 ? 142 ARG A N   1 
ATOM   989  C CA  . ARG A 1 143 ? -10.371 -5.263  6.029   1.00 20.13 ? 142 ARG A CA  1 
ATOM   990  C C   . ARG A 1 143 ? -10.092 -3.930  6.713   1.00 24.73 ? 142 ARG A C   1 
ATOM   991  O O   . ARG A 1 143 ? -9.009  -3.352  6.569   1.00 10.11 ? 142 ARG A O   1 
ATOM   992  C CB  . ARG A 1 143 ? -10.202 -6.419  7.022   1.00 24.24 ? 142 ARG A CB  1 
ATOM   993  C CG  . ARG A 1 143 ? -9.792  -7.825  6.483   1.00 24.77 ? 142 ARG A CG  1 
ATOM   994  C CD  . ARG A 1 143 ? -10.103 -8.128  4.990   1.00 31.46 ? 142 ARG A CD  1 
ATOM   995  N NE  . ARG A 1 143 ? -11.439 -7.670  4.612   1.00 37.14 ? 142 ARG A NE  1 
ATOM   996  C CZ  . ARG A 1 143 ? -11.901 -7.637  3.368   1.00 32.48 ? 142 ARG A CZ  1 
ATOM   997  N NH1 . ARG A 1 143 ? -11.195 -8.113  2.360   1.00 42.59 ? 142 ARG A NH1 1 
ATOM   998  N NH2 . ARG A 1 143 ? -13.121 -7.143  3.139   1.00 35.43 ? 142 ARG A NH2 1 
ATOM   999  N N   . THR A 1 144 ? -11.087 -3.414  7.424   1.00 24.67 ? 143 THR A N   1 
ATOM   1000 C CA  . THR A 1 144 ? -10.846 -2.192  8.173   1.00 16.44 ? 143 THR A CA  1 
ATOM   1001 C C   . THR A 1 144 ? -9.656  -2.416  9.097   1.00 14.47 ? 143 THR A C   1 
ATOM   1002 O O   . THR A 1 144 ? -9.541  -3.466  9.743   1.00 13.20 ? 143 THR A O   1 
ATOM   1003 C CB  . THR A 1 144 ? -12.091 -1.774  8.967   1.00 14.42 ? 143 THR A CB  1 
ATOM   1004 O OG1 . THR A 1 144 ? -13.176 -1.532  8.061   1.00 21.23 ? 143 THR A OG1 1 
ATOM   1005 C CG2 . THR A 1 144 ? -11.830 -0.480  9.718   1.00 17.46 ? 143 THR A CG2 1 
ATOM   1006 N N   . GLY A 1 145 ? -8.728  -1.463  9.099   1.00 9.16  ? 144 GLY A N   1 
ATOM   1007 C CA  . GLY A 1 145 ? -7.556  -1.553  9.941   1.00 9.92  ? 144 GLY A CA  1 
ATOM   1008 C C   . GLY A 1 145 ? -6.424  -2.343  9.341   1.00 18.77 ? 144 GLY A C   1 
ATOM   1009 O O   . GLY A 1 145 ? -5.406  -2.547  10.010  1.00 21.44 ? 144 GLY A O   1 
ATOM   1010 N N   . GLU A 1 146 ? -6.559  -2.794  8.104   1.00 14.11 ? 145 GLU A N   1 
ATOM   1011 C CA  . GLU A 1 146 ? -5.520  -3.595  7.489   1.00 9.22  ? 145 GLU A CA  1 
ATOM   1012 C C   . GLU A 1 146 ? -4.689  -2.752  6.527   1.00 7.49  ? 145 GLU A C   1 
ATOM   1013 O O   . GLU A 1 146 ? -5.126  -1.712  6.032   1.00 11.64 ? 145 GLU A O   1 
ATOM   1014 C CB  . GLU A 1 146 ? -6.143  -4.800  6.790   1.00 14.84 ? 145 GLU A CB  1 
ATOM   1015 C CG  . GLU A 1 146 ? -5.361  -6.079  6.958   1.00 33.25 ? 145 GLU A CG  1 
ATOM   1016 C CD  . GLU A 1 146 ? -5.825  -7.156  5.992   1.00 32.83 ? 145 GLU A CD  1 
ATOM   1017 O OE1 . GLU A 1 146 ? -4.961  -7.625  5.207   1.00 27.87 ? 145 GLU A OE1 1 
ATOM   1018 O OE2 . GLU A 1 146 ? -7.042  -7.483  5.982   1.00 19.36 ? 145 GLU A OE2 1 
ATOM   1019 N N   . MET A 1 147 ? -3.459  -3.188  6.310   1.00 15.47 ? 146 MET A N   1 
ATOM   1020 C CA  . MET A 1 147 ? -2.523  -2.484  5.452   1.00 13.32 ? 146 MET A CA  1 
ATOM   1021 C C   . MET A 1 147 ? -2.106  -3.413  4.321   1.00 20.10 ? 146 MET A C   1 
ATOM   1022 O O   . MET A 1 147 ? -2.059  -4.636  4.499   1.00 15.92 ? 146 MET A O   1 
ATOM   1023 C CB  . MET A 1 147 ? -1.321  -2.006  6.266   1.00 8.55  ? 146 MET A CB  1 
ATOM   1024 C CG  . MET A 1 147 ? -0.610  -0.785  5.665   1.00 16.90 ? 146 MET A CG  1 
ATOM   1025 S SD  . MET A 1 147 ? 1.035   -0.565  6.341   1.00 18.52 ? 146 MET A SD  1 
ATOM   1026 C CE  . MET A 1 147 ? 1.637   -2.241  6.083   1.00 8.22  ? 146 MET A CE  1 
ATOM   1027 N N   . SER A 1 148 ? -1.836  -2.856  3.141   1.00 16.77 ? 147 SER A N   1 
ATOM   1028 C CA  . SER A 1 148 ? -1.520  -3.757  2.044   1.00 18.84 ? 147 SER A CA  1 
ATOM   1029 C C   . SER A 1 148 ? -0.021  -3.986  1.992   1.00 12.44 ? 147 SER A C   1 
ATOM   1030 O O   . SER A 1 148 ? 0.731   -3.497  2.831   1.00 9.11  ? 147 SER A O   1 
ATOM   1031 C CB  . SER A 1 148 ? -1.962  -3.206  0.691   1.00 11.94 ? 147 SER A CB  1 
ATOM   1032 O OG  . SER A 1 148 ? -1.035  -2.246  0.208   1.00 8.06  ? 147 SER A OG  1 
ATOM   1033 N N   . GLY A 1 149 ? 0.415   -4.715  0.959   1.00 10.67 ? 148 GLY A N   1 
ATOM   1034 C CA  . GLY A 1 149 ? 1.799   -4.720  0.574   1.00 12.20 ? 148 GLY A CA  1 
ATOM   1035 C C   . GLY A 1 149 ? 1.993   -3.660  -0.478  1.00 10.00 ? 148 GLY A C   1 
ATOM   1036 O O   . GLY A 1 149 ? 1.105   -2.835  -0.711  1.00 9.02  ? 148 GLY A O   1 
ATOM   1037 N N   . PRO A 1 150 ? 3.144   -3.666  -1.148  1.00 11.07 ? 149 PRO A N   1 
ATOM   1038 C CA  . PRO A 1 150 ? 3.332   -2.751  -2.279  1.00 12.97 ? 149 PRO A CA  1 
ATOM   1039 C C   . PRO A 1 150 ? 2.299   -3.017  -3.358  1.00 11.44 ? 149 PRO A C   1 
ATOM   1040 O O   . PRO A 1 150 ? 2.005   -4.164  -3.699  1.00 16.48 ? 149 PRO A O   1 
ATOM   1041 C CB  . PRO A 1 150 ? 4.749   -3.051  -2.761  1.00 19.02 ? 149 PRO A CB  1 
ATOM   1042 C CG  . PRO A 1 150 ? 5.395   -3.829  -1.660  1.00 16.72 ? 149 PRO A CG  1 
ATOM   1043 C CD  . PRO A 1 150 ? 4.313   -4.530  -0.919  1.00 9.72  ? 149 PRO A CD  1 
ATOM   1044 N N   . VAL A 1 151 ? 1.715   -1.936  -3.860  1.00 13.36 ? 150 VAL A N   1 
ATOM   1045 C CA  . VAL A 1 151 ? 0.622   -1.987  -4.816  1.00 11.22 ? 150 VAL A CA  1 
ATOM   1046 C C   . VAL A 1 151 ? 1.029   -1.113  -5.991  1.00 18.71 ? 150 VAL A C   1 
ATOM   1047 O O   . VAL A 1 151 ? 1.153   0.110   -5.853  1.00 19.48 ? 150 VAL A O   1 
ATOM   1048 C CB  . VAL A 1 151 ? -0.695  -1.519  -4.185  1.00 13.47 ? 150 VAL A CB  1 
ATOM   1049 C CG1 . VAL A 1 151 ? -1.805  -1.398  -5.220  1.00 12.33 ? 150 VAL A CG1 1 
ATOM   1050 C CG2 . VAL A 1 151 ? -1.098  -2.467  -3.068  1.00 10.69 ? 150 VAL A CG2 1 
ATOM   1051 N N   . PHE A 1 152 ? 1.274   -1.744  -7.125  1.00 15.20 ? 151 PHE A N   1 
ATOM   1052 C CA  . PHE A 1 152 ? 1.895   -1.094  -8.260  1.00 14.29 ? 151 PHE A CA  1 
ATOM   1053 C C   . PHE A 1 152 ? 0.817   -0.467  -9.127  1.00 9.59  ? 151 PHE A C   1 
ATOM   1054 O O   . PHE A 1 152 ? -0.085  -1.163  -9.620  1.00 9.69  ? 151 PHE A O   1 
ATOM   1055 C CB  . PHE A 1 152 ? 2.720   -2.112  -9.052  1.00 9.59  ? 151 PHE A CB  1 
ATOM   1056 C CG  . PHE A 1 152 ? 3.879   -2.684  -8.283  1.00 16.03 ? 151 PHE A CG  1 
ATOM   1057 C CD1 . PHE A 1 152 ? 3.692   -3.688  -7.331  1.00 14.65 ? 151 PHE A CD1 1 
ATOM   1058 C CD2 . PHE A 1 152 ? 5.157   -2.223  -8.504  1.00 19.16 ? 151 PHE A CD2 1 
ATOM   1059 C CE1 . PHE A 1 152 ? 4.771   -4.208  -6.630  1.00 13.19 ? 151 PHE A CE1 1 
ATOM   1060 C CE2 . PHE A 1 152 ? 6.233   -2.742  -7.801  1.00 22.79 ? 151 PHE A CE2 1 
ATOM   1061 C CZ  . PHE A 1 152 ? 6.041   -3.730  -6.868  1.00 10.46 ? 151 PHE A CZ  1 
ATOM   1062 N N   . THR A 1 153 ? 0.873   0.841   -9.290  1.00 9.65  ? 152 THR A N   1 
ATOM   1063 C CA  . THR A 1 153 ? 0.026   1.465   -10.277 1.00 16.86 ? 152 THR A CA  1 
ATOM   1064 C C   . THR A 1 153 ? 0.922   2.296   -11.164 1.00 15.93 ? 152 THR A C   1 
ATOM   1065 O O   . THR A 1 153 ? 2.148   2.301   -11.009 1.00 17.65 ? 152 THR A O   1 
ATOM   1066 C CB  . THR A 1 153 ? -1.077  2.331   -9.660  1.00 21.73 ? 152 THR A CB  1 
ATOM   1067 O OG1 . THR A 1 153 ? -0.514  3.545   -9.164  1.00 18.03 ? 152 THR A OG1 1 
ATOM   1068 C CG2 . THR A 1 153 ? -1.780  1.598   -8.534  1.00 18.46 ? 152 THR A CG2 1 
ATOM   1069 N N   . ASP A 1 154 ? 0.295   2.998   -12.104 1.00 23.54 ? 153 ASP A N   1 
ATOM   1070 C CA  . ASP A 1 154 ? 1.043   3.808   -13.052 1.00 26.26 ? 153 ASP A CA  1 
ATOM   1071 C C   . ASP A 1 154 ? 1.565   5.081   -12.399 1.00 25.05 ? 153 ASP A C   1 
ATOM   1072 O O   . ASP A 1 154 ? 2.577   5.641   -12.843 1.00 24.88 ? 153 ASP A O   1 
ATOM   1073 C CB  . ASP A 1 154 ? 0.143   4.113   -14.229 1.00 27.59 ? 153 ASP A CB  1 
ATOM   1074 C CG  . ASP A 1 154 ? -0.130  2.887   -15.034 1.00 21.04 ? 153 ASP A CG  1 
ATOM   1075 O OD1 . ASP A 1 154 ? 0.817   2.096   -15.209 1.00 26.52 ? 153 ASP A OD1 1 
ATOM   1076 O OD2 . ASP A 1 154 ? -1.282  2.700   -15.470 1.00 36.41 ? 153 ASP A OD2 1 
ATOM   1077 N N   . SER A 1 155 ? 0.900   5.528   -11.332 1.00 30.71 ? 154 SER A N   1 
ATOM   1078 C CA  . SER A 1 155 ? 1.435   6.607   -10.517 1.00 22.40 ? 154 SER A CA  1 
ATOM   1079 C C   . SER A 1 155 ? 2.674   6.172   -9.740  1.00 11.95 ? 154 SER A C   1 
ATOM   1080 O O   . SER A 1 155 ? 3.561   6.993   -9.489  1.00 32.05 ? 154 SER A O   1 
ATOM   1081 C CB  . SER A 1 155 ? 0.344   7.112   -9.578  1.00 28.20 ? 154 SER A CB  1 
ATOM   1082 O OG  . SER A 1 155 ? -0.850  7.341   -10.308 1.00 42.73 ? 154 SER A OG  1 
ATOM   1083 N N   . GLY A 1 156 ? 2.771   4.902   -9.360  1.00 17.00 ? 155 GLY A N   1 
ATOM   1084 C CA  . GLY A 1 156 ? 3.907   4.445   -8.577  1.00 12.68 ? 155 GLY A CA  1 
ATOM   1085 C C   . GLY A 1 156 ? 3.538   3.263   -7.714  1.00 8.90  ? 155 GLY A C   1 
ATOM   1086 O O   . GLY A 1 156 ? 2.621   2.518   -8.062  1.00 18.58 ? 155 GLY A O   1 
ATOM   1087 N N   . ILE A 1 157 ? 4.226   3.073   -6.589  1.00 9.76  ? 156 ILE A N   1 
ATOM   1088 C CA  . ILE A 1 157 ? 3.957   1.958   -5.686  1.00 11.51 ? 156 ILE A CA  1 
ATOM   1089 C C   . ILE A 1 157 ? 3.261   2.496   -4.447  1.00 8.17  ? 156 ILE A C   1 
ATOM   1090 O O   . ILE A 1 157 ? 3.673   3.524   -3.891  1.00 6.76  ? 156 ILE A O   1 
ATOM   1091 C CB  . ILE A 1 157 ? 5.232   1.198   -5.283  1.00 11.61 ? 156 ILE A CB  1 
ATOM   1092 C CG1 . ILE A 1 157 ? 6.049   0.745   -6.472  1.00 16.91 ? 156 ILE A CG1 1 
ATOM   1093 C CG2 . ILE A 1 157 ? 4.867   -0.058  -4.522  1.00 17.68 ? 156 ILE A CG2 1 
ATOM   1094 C CD1 . ILE A 1 157 ? 7.378   0.121   -6.042  1.00 14.90 ? 156 ILE A CD1 1 
ATOM   1095 N N   . HIS A 1 158 ? 2.197   1.815   -4.034  1.00 12.45 ? 157 HIS A N   1 
ATOM   1096 C CA  . HIS A 1 158 ? 1.346   2.236   -2.934  1.00 11.16 ? 157 HIS A CA  1 
ATOM   1097 C C   . HIS A 1 158 ? 1.489   1.341   -1.715  1.00 15.03 ? 157 HIS A C   1 
ATOM   1098 O O   . HIS A 1 158 ? 1.656   0.127   -1.831  1.00 11.35 ? 157 HIS A O   1 
ATOM   1099 C CB  . HIS A 1 158 ? -0.114  2.187   -3.333  1.00 13.62 ? 157 HIS A CB  1 
ATOM   1100 C CG  . HIS A 1 158 ? -0.458  3.043   -4.506  1.00 21.21 ? 157 HIS A CG  1 
ATOM   1101 N ND1 . HIS A 1 158 ? -1.124  4.238   -4.370  1.00 16.86 ? 157 HIS A ND1 1 
ATOM   1102 C CD2 . HIS A 1 158 ? -0.255  2.870   -5.831  1.00 20.92 ? 157 HIS A CD2 1 
ATOM   1103 C CE1 . HIS A 1 158 ? -1.320  4.770   -5.561  1.00 20.00 ? 157 HIS A CE1 1 
ATOM   1104 N NE2 . HIS A 1 158 ? -0.798  3.964   -6.467  1.00 27.06 ? 157 HIS A NE2 1 
ATOM   1105 N N   . ILE A 1 159 ? 1.371   1.952   -0.540  1.00 6.30  ? 158 ILE A N   1 
ATOM   1106 C CA  . ILE A 1 159 ? 0.961   1.266   0.675   1.00 8.73  ? 158 ILE A CA  1 
ATOM   1107 C C   . ILE A 1 159 ? -0.433  1.775   0.967   1.00 11.07 ? 158 ILE A C   1 
ATOM   1108 O O   . ILE A 1 159 ? -0.593  2.964   1.241   1.00 13.96 ? 158 ILE A O   1 
ATOM   1109 C CB  . ILE A 1 159 ? 1.902   1.581   1.846   1.00 22.49 ? 158 ILE A CB  1 
ATOM   1110 C CG1 . ILE A 1 159 ? 3.308   1.110   1.548   1.00 18.66 ? 158 ILE A CG1 1 
ATOM   1111 C CG2 . ILE A 1 159 ? 1.452   0.916   3.125   1.00 13.68 ? 158 ILE A CG2 1 
ATOM   1112 C CD1 . ILE A 1 159 ? 4.302   1.641   2.537   1.00 17.65 ? 158 ILE A CD1 1 
ATOM   1113 N N   . ILE A 1 160 ? -1.443  0.902   0.921   1.00 13.26 ? 159 ILE A N   1 
ATOM   1114 C CA  . ILE A 1 160 ? -2.826  1.308   1.182   1.00 8.36  ? 159 ILE A CA  1 
ATOM   1115 C C   . ILE A 1 160 ? -3.190  0.914   2.610   1.00 14.81 ? 159 ILE A C   1 
ATOM   1116 O O   . ILE A 1 160 ? -3.019  -0.240  3.006   1.00 11.27 ? 159 ILE A O   1 
ATOM   1117 C CB  . ILE A 1 160 ? -3.808  0.675   0.188   1.00 11.91 ? 159 ILE A CB  1 
ATOM   1118 C CG1 . ILE A 1 160 ? -3.281  0.826   -1.234  1.00 11.50 ? 159 ILE A CG1 1 
ATOM   1119 C CG2 . ILE A 1 160 ? -5.161  1.377   0.264   1.00 7.53  ? 159 ILE A CG2 1 
ATOM   1120 C CD1 . ILE A 1 160 ? -4.336  0.740   -2.297  1.00 11.73 ? 159 ILE A CD1 1 
ATOM   1121 N N   . LEU A 1 161 ? -3.715  1.860   3.377   1.00 9.43  ? 160 LEU A N   1 
ATOM   1122 C CA  . LEU A 1 161 ? -4.315  1.531   4.659   1.00 8.56  ? 160 LEU A CA  1 
ATOM   1123 C C   . LEU A 1 161 ? -5.815  1.744   4.534   1.00 9.17  ? 160 LEU A C   1 
ATOM   1124 O O   . LEU A 1 161 ? -6.244  2.792   4.067   1.00 9.86  ? 160 LEU A O   1 
ATOM   1125 C CB  . LEU A 1 161 ? -3.705  2.385   5.774   1.00 7.97  ? 160 LEU A CB  1 
ATOM   1126 C CG  . LEU A 1 161 ? -4.265  2.142   7.170   1.00 22.97 ? 160 LEU A CG  1 
ATOM   1127 C CD1 . LEU A 1 161 ? -3.677  0.839   7.758   1.00 15.60 ? 160 LEU A CD1 1 
ATOM   1128 C CD2 . LEU A 1 161 ? -3.916  3.326   8.041   1.00 21.72 ? 160 LEU A CD2 1 
ATOM   1129 N N   . ARG A 1 162 ? -6.617  0.740   4.885   1.00 14.29 ? 161 ARG A N   1 
ATOM   1130 C CA  . ARG A 1 162 ? -8.066  0.912   4.880   1.00 10.00 ? 161 ARG A CA  1 
ATOM   1131 C C   . ARG A 1 162 ? -8.447  1.270   6.298   1.00 11.15 ? 161 ARG A C   1 
ATOM   1132 O O   . ARG A 1 162 ? -8.208  0.481   7.213   1.00 7.90  ? 161 ARG A O   1 
ATOM   1133 C CB  . ARG A 1 162 ? -8.822  -0.338  4.438   1.00 14.12 ? 161 ARG A CB  1 
ATOM   1134 C CG  . ARG A 1 162 ? -10.357 -0.134  4.535   1.00 12.33 ? 161 ARG A CG  1 
ATOM   1135 C CD  . ARG A 1 162 ? -11.156 -1.367  4.044   1.00 18.80 ? 161 ARG A CD  1 
ATOM   1136 N NE  . ARG A 1 162 ? -12.597 -1.255  4.259   1.00 16.21 ? 161 ARG A NE  1 
ATOM   1137 C CZ  . ARG A 1 162 ? -13.440 -2.273  4.372   1.00 21.21 ? 161 ARG A CZ  1 
ATOM   1138 N NH1 . ARG A 1 162 ? -13.015 -3.519  4.515   1.00 22.87 ? 161 ARG A NH1 1 
ATOM   1139 N NH2 . ARG A 1 162 ? -14.748 -2.035  4.358   1.00 17.84 ? 161 ARG A NH2 1 
ATOM   1140 N N   . THR A 1 163 ? -9.006  2.472   6.477   1.00 14.86 ? 162 THR A N   1 
ATOM   1141 C CA  . THR A 1 163 ? -9.401  3.012   7.773   1.00 23.42 ? 162 THR A CA  1 
ATOM   1142 C C   . THR A 1 163 ? -10.887 2.836   8.080   1.00 20.81 ? 162 THR A C   1 
ATOM   1143 O O   . THR A 1 163 ? -11.255 2.819   9.257   1.00 23.51 ? 162 THR A O   1 
ATOM   1144 C CB  . THR A 1 163 ? -8.994  4.496   7.874   1.00 13.22 ? 162 THR A CB  1 
ATOM   1145 O OG1 . THR A 1 163 ? -9.523  5.226   6.761   1.00 13.93 ? 162 THR A OG1 1 
ATOM   1146 C CG2 . THR A 1 163 ? -7.479  4.668   7.912   1.00 11.77 ? 162 THR A CG2 1 
ATOM   1147 N N   . GLU A 1 164 ? -11.742 2.644   7.075   1.00 13.88 ? 163 GLU A N   1 
ATOM   1148 C CA  . GLU A 1 164 ? -13.192 2.469   7.306   1.00 18.41 ? 163 GLU A CA  1 
ATOM   1149 C C   . GLU A 1 164 ? -13.786 1.452   6.348   1.00 13.05 ? 163 GLU A C   1 
ATOM   1150 O O   . GLU A 1 164 ? -13.863 1.727   5.158   1.00 15.19 ? 163 GLU A O   1 
ATOM   1151 C CB  . GLU A 1 164 ? -13.960 3.814   7.163   1.00 30.44 ? 163 GLU A CB  1 
ATOM   1152 C CG  . GLU A 1 164 ? -13.859 4.752   8.397   1.00 26.23 ? 163 GLU A CG  1 
ATOM   1153 C CD  . GLU A 1 164 ? -14.414 6.165   8.175   1.00 30.23 ? 163 GLU A CD  1 
ATOM   1154 O OE1 . GLU A 1 164 ? -15.201 6.398   7.226   1.00 25.84 ? 163 GLU A OE1 1 
ATOM   1155 O OE2 . GLU A 1 164 ? -14.050 7.047   8.980   1.00 22.98 ? 163 GLU A OE2 1 
ATOM   1156 O OXT . GLU A 1 164 ? -14.200 0.364   6.730   1.00 9.32  ? 163 GLU A OXT 1 
HETATM 1157 C C5  . P3G B 2 .   ? 7.856   -11.650 2.088   1.00 11.87 ? 201 P3G A C5  1 
HETATM 1158 C C6  . P3G B 2 .   ? 7.235   -13.045 2.148   1.00 29.23 ? 201 P3G A C6  1 
HETATM 1159 O O3  . P3G B 2 .   ? 7.502   -13.605 3.405   1.00 45.22 ? 201 P3G A O3  1 
HETATM 1160 C C7  . P3G B 2 .   ? 6.361   -13.795 4.195   1.00 34.74 ? 201 P3G A C7  1 
HETATM 1161 C C8  . P3G B 2 .   ? 6.694   -14.701 5.382   1.00 23.54 ? 201 P3G A C8  1 
HETATM 1162 O O4  . P3G B 2 .   ? 5.759   -14.450 6.394   1.00 34.96 ? 201 P3G A O4  1 
HETATM 1163 C C9  . P3G B 2 .   ? 6.066   -13.323 7.163   1.00 23.40 ? 201 P3G A C9  1 
HETATM 1164 C C10 . P3G B 2 .   ? 4.794   -12.777 7.817   1.00 31.74 ? 201 P3G A C10 1 
HETATM 1165 O O5  . P3G B 2 .   ? 5.046   -11.524 8.400   1.00 30.80 ? 201 P3G A O5  1 
HETATM 1166 C C11 . P3G B 2 .   ? 6.100   -10.803 7.823   1.00 10.05 ? 201 P3G A C11 1 
HETATM 1167 C C12 . P3G B 2 .   ? 6.166   -9.412  8.446   1.00 14.66 ? 201 P3G A C12 1 
HETATM 1168 O O6  . P3G B 2 .   ? 6.640   -8.533  7.466   1.00 17.80 ? 201 P3G A O6  1 
HETATM 1169 C C13 . P3G B 2 .   ? 5.818   -8.443  6.337   1.00 14.90 ? 201 P3G A C13 1 
HETATM 1170 C C14 . P3G B 2 .   ? 6.430   -7.437  5.363   1.00 6.61  ? 201 P3G A C14 1 
HETATM 1171 O O7  . P3G B 2 .   ? 5.607   -7.354  4.232   1.00 18.61 ? 201 P3G A O7  1 
HETATM 1172 C C15 . P3G B 2 .   ? 4.309   -6.930  4.519   1.00 21.43 ? 201 P3G A C15 1 
HETATM 1173 C C16 . P3G B 2 .   ? 3.610   -6.369  3.284   1.00 19.95 ? 201 P3G A C16 1 
HETATM 1174 O O   . HOH C 3 .   ? 10.219  8.105   -0.110  1.00 10.35 ? 301 HOH A O   1 
HETATM 1175 O O   . HOH C 3 .   ? 7.700   8.654   -15.778 1.00 9.20  ? 302 HOH A O   1 
HETATM 1176 O O   . HOH C 3 .   ? -11.708 -19.309 0.883   1.00 14.71 ? 303 HOH A O   1 
HETATM 1177 O O   . HOH C 3 .   ? -17.634 0.259   -4.765  1.00 22.10 ? 304 HOH A O   1 
HETATM 1178 O O   . HOH C 3 .   ? -7.568  -20.743 -0.797  1.00 10.22 ? 305 HOH A O   1 
HETATM 1179 O O   . HOH C 3 .   ? -13.664 9.606   -2.539  1.00 10.30 ? 306 HOH A O   1 
HETATM 1180 O O   . HOH C 3 .   ? 16.835  12.994  -7.818  1.00 23.96 ? 307 HOH A O   1 
HETATM 1181 O O   . HOH C 3 .   ? -8.395  6.853   5.396   1.00 7.09  ? 308 HOH A O   1 
HETATM 1182 O O   . HOH C 3 .   ? -1.072  9.913   1.035   1.00 18.35 ? 309 HOH A O   1 
HETATM 1183 O O   . HOH C 3 .   ? 2.704   16.975  -7.156  1.00 24.68 ? 310 HOH A O   1 
HETATM 1184 O O   . HOH C 3 .   ? 2.372   10.234  -11.529 1.00 26.86 ? 311 HOH A O   1 
HETATM 1185 O O   . HOH C 3 .   ? -7.741  -8.875  3.204   1.00 11.64 ? 312 HOH A O   1 
HETATM 1186 O O   . HOH C 3 .   ? 8.870   24.737  -12.222 1.00 5.47  ? 313 HOH A O   1 
HETATM 1187 O O   . HOH C 3 .   ? 10.331  -23.891 3.835   1.00 23.37 ? 314 HOH A O   1 
HETATM 1188 O O   . HOH C 3 .   ? -2.278  -21.993 -0.588  1.00 14.26 ? 315 HOH A O   1 
HETATM 1189 O O   . HOH C 3 .   ? 2.977   -5.303  12.434  1.00 32.39 ? 316 HOH A O   1 
HETATM 1190 O O   . HOH C 3 .   ? -4.476  -9.140  -7.564  1.00 13.06 ? 317 HOH A O   1 
HETATM 1191 O O   . HOH C 3 .   ? 10.826  5.739   -16.959 1.00 38.34 ? 318 HOH A O   1 
HETATM 1192 O O   . HOH C 3 .   ? -5.431  -7.641  2.457   1.00 16.38 ? 319 HOH A O   1 
HETATM 1193 O O   . HOH C 3 .   ? -11.550 6.853   10.409  1.00 21.17 ? 320 HOH A O   1 
HETATM 1194 O O   . HOH C 3 .   ? 4.024   9.072   15.922  1.00 23.44 ? 321 HOH A O   1 
HETATM 1195 O O   . HOH C 3 .   ? -4.497  14.855  -4.761  1.00 11.99 ? 322 HOH A O   1 
HETATM 1196 O O   . HOH C 3 .   ? 19.523  13.361  -8.499  1.00 15.46 ? 323 HOH A O   1 
HETATM 1197 O O   . HOH C 3 .   ? -4.712  16.838  -6.774  1.00 14.68 ? 324 HOH A O   1 
# 
